data_2ADB
#
_entry.id   2ADB
#
_cell.length_a   1.000
_cell.length_b   1.000
_cell.length_c   1.000
_cell.angle_alpha   90.00
_cell.angle_beta   90.00
_cell.angle_gamma   90.00
#
_symmetry.space_group_name_H-M   'P 1'
#
loop_
_entity.id
_entity.type
_entity.pdbx_description
1 polymer "5'-R(*CP*UP*CP*UP*CP*U)-3'"
2 polymer 'Polypyrimidine tract-binding protein 1'
#
loop_
_entity_poly.entity_id
_entity_poly.type
_entity_poly.pdbx_seq_one_letter_code
_entity_poly.pdbx_strand_id
1 'polyribonucleotide' CUCUCU B
2 'polypeptide(L)'
;MGSSHHHHHHSSGLVPRGSHMDAGMAMAGQSPVLRIIVENLFYPVTLDVLHQIFSKFGTVLKIITFTKNNQFQALLQYAD
PVSAQHAKLSLDGQNIYNACCTLRIDFSKLTSLNVKYNNDKSRDYTRPDLPSGDSQPSLDQTMAAAFG
;
A
#
loop_
_chem_comp.id
_chem_comp.type
_chem_comp.name
_chem_comp.formula
C RNA linking CYTIDINE-5'-MONOPHOSPHATE 'C9 H14 N3 O8 P'
U RNA linking URIDINE-5'-MONOPHOSPHATE 'C9 H13 N2 O9 P'
#
# COMPACT_ATOMS: atom_id res chain seq x y z
N ASP B 22 3.12 -14.11 8.50
CA ASP B 22 2.19 -15.14 9.04
C ASP B 22 2.28 -16.46 8.27
N ALA B 23 1.85 -16.49 7.00
CA ALA B 23 1.79 -17.65 6.09
C ALA B 23 1.12 -18.92 6.66
N GLY B 24 0.15 -18.77 7.57
CA GLY B 24 -0.51 -19.84 8.32
C GLY B 24 -1.53 -20.71 7.55
N MET B 25 -1.33 -20.91 6.25
CA MET B 25 -2.18 -21.73 5.36
C MET B 25 -1.31 -22.69 4.53
N ALA B 26 -1.75 -23.95 4.38
CA ALA B 26 -1.01 -25.00 3.68
C ALA B 26 -0.99 -24.87 2.14
N MET B 27 -1.88 -24.07 1.56
CA MET B 27 -2.00 -23.86 0.11
C MET B 27 -0.89 -22.98 -0.48
N ALA B 28 -0.82 -22.97 -1.81
CA ALA B 28 0.15 -22.21 -2.61
C ALA B 28 -0.06 -20.68 -2.54
N GLY B 29 0.95 -19.95 -3.02
CA GLY B 29 0.99 -18.49 -3.11
C GLY B 29 2.36 -17.97 -3.50
N GLN B 30 2.41 -17.04 -4.46
CA GLN B 30 3.68 -16.61 -5.08
C GLN B 30 3.78 -15.16 -5.60
N SER B 31 2.76 -14.32 -5.39
CA SER B 31 2.68 -12.92 -5.80
C SER B 31 2.52 -11.98 -4.58
N PRO B 32 3.61 -11.53 -3.95
CA PRO B 32 3.57 -10.81 -2.66
C PRO B 32 3.11 -9.34 -2.72
N VAL B 33 2.64 -8.80 -3.85
CA VAL B 33 2.25 -7.38 -3.93
C VAL B 33 0.99 -7.13 -4.78
N LEU B 34 0.30 -6.06 -4.43
CA LEU B 34 -1.05 -5.70 -4.84
C LEU B 34 -1.13 -4.35 -5.55
N ARG B 35 -1.85 -4.30 -6.68
CA ARG B 35 -2.85 -3.25 -6.97
C ARG B 35 -4.01 -3.30 -5.94
N ILE B 36 -4.43 -2.16 -5.41
CA ILE B 36 -5.67 -1.96 -4.62
C ILE B 36 -6.39 -0.72 -5.13
N ILE B 37 -7.32 -0.92 -6.06
CA ILE B 37 -7.97 0.12 -6.84
C ILE B 37 -9.40 0.34 -6.32
N VAL B 38 -10.02 1.46 -6.72
CA VAL B 38 -11.43 1.82 -6.48
C VAL B 38 -11.97 1.54 -5.08
N GLU B 39 -11.13 1.80 -4.09
CA GLU B 39 -11.50 1.84 -2.68
C GLU B 39 -12.50 2.96 -2.37
N ASN B 40 -13.13 2.80 -1.21
CA ASN B 40 -14.06 3.62 -0.43
C ASN B 40 -13.42 4.94 0.11
N LEU B 41 -12.26 5.32 -0.41
CA LEU B 41 -11.23 6.12 0.27
C LEU B 41 -10.74 7.33 -0.55
N PHE B 42 -9.89 8.18 0.07
CA PHE B 42 -9.64 9.55 -0.39
C PHE B 42 -8.18 10.05 -0.29
N TYR B 43 -7.41 9.64 0.72
CA TYR B 43 -6.07 10.22 1.05
C TYR B 43 -5.21 9.23 1.88
N PRO B 44 -3.91 9.49 2.17
CA PRO B 44 -3.08 8.67 3.06
C PRO B 44 -3.56 8.62 4.54
N VAL B 45 -4.56 7.78 4.69
CA VAL B 45 -5.17 7.12 5.85
C VAL B 45 -5.56 5.72 5.40
N THR B 46 -6.08 5.62 4.18
CA THR B 46 -5.99 4.54 3.22
C THR B 46 -4.87 3.57 3.53
N LEU B 47 -3.62 4.00 3.52
CA LEU B 47 -2.52 3.03 3.65
C LEU B 47 -2.45 2.34 5.01
N ASP B 48 -2.71 3.10 6.06
CA ASP B 48 -2.79 2.62 7.43
C ASP B 48 -4.11 1.85 7.69
N VAL B 49 -5.06 1.99 6.78
CA VAL B 49 -6.38 1.32 6.81
C VAL B 49 -6.34 0.02 6.02
N LEU B 50 -5.65 0.04 4.88
CA LEU B 50 -5.22 -1.17 4.23
C LEU B 50 -4.38 -2.01 5.20
N HIS B 51 -3.44 -1.41 5.93
CA HIS B 51 -2.69 -2.10 6.97
C HIS B 51 -3.64 -2.70 8.02
N GLN B 52 -4.68 -1.97 8.43
CA GLN B 52 -5.55 -2.40 9.54
C GLN B 52 -6.57 -3.49 9.18
N ILE B 53 -6.84 -3.70 7.88
CA ILE B 53 -7.84 -4.65 7.35
C ILE B 53 -7.16 -5.84 6.65
N PHE B 54 -6.00 -5.62 6.05
CA PHE B 54 -5.15 -6.65 5.47
C PHE B 54 -4.26 -7.33 6.53
N SER B 55 -4.09 -6.73 7.72
CA SER B 55 -3.46 -7.41 8.87
C SER B 55 -4.27 -8.62 9.38
N LYS B 56 -5.56 -8.64 9.04
CA LYS B 56 -6.52 -9.71 9.34
C LYS B 56 -6.24 -10.98 8.54
N PHE B 57 -5.45 -10.87 7.47
CA PHE B 57 -5.04 -11.99 6.62
C PHE B 57 -3.57 -12.40 6.80
N GLY B 58 -2.66 -11.44 6.97
CA GLY B 58 -1.21 -11.65 6.94
C GLY B 58 -0.38 -10.45 7.33
N THR B 59 0.84 -10.41 6.80
CA THR B 59 1.87 -9.45 7.24
C THR B 59 2.15 -8.46 6.10
N VAL B 60 1.21 -7.54 5.92
CA VAL B 60 1.31 -6.33 5.08
C VAL B 60 2.61 -5.58 5.38
N LEU B 61 3.22 -4.97 4.35
CA LEU B 61 4.59 -4.47 4.40
C LEU B 61 4.71 -2.98 4.10
N LYS B 62 4.36 -2.55 2.88
CA LYS B 62 4.69 -1.18 2.43
C LYS B 62 3.77 -0.69 1.33
N ILE B 63 3.37 0.58 1.40
CA ILE B 63 2.16 1.07 0.73
C ILE B 63 2.41 2.38 -0.03
N ILE B 64 1.77 2.49 -1.17
CA ILE B 64 1.62 3.71 -1.99
C ILE B 64 0.15 4.13 -2.01
N THR B 65 -0.14 5.42 -2.16
CA THR B 65 -1.49 6.01 -2.33
C THR B 65 -1.50 7.13 -3.40
N PHE B 66 -2.01 6.84 -4.60
CA PHE B 66 -2.27 7.87 -5.63
C PHE B 66 -3.70 7.88 -6.21
N THR B 67 -4.18 9.10 -6.49
CA THR B 67 -5.26 9.31 -7.46
C THR B 67 -4.75 8.94 -8.86
N LYS B 68 -5.16 7.78 -9.35
CA LYS B 68 -4.84 7.23 -10.68
C LYS B 68 -5.61 8.01 -11.76
N ASN B 69 -5.08 9.19 -12.13
CA ASN B 69 -5.69 10.25 -12.96
C ASN B 69 -7.06 10.75 -12.45
N ASN B 70 -8.13 9.95 -12.61
CA ASN B 70 -9.49 10.25 -12.16
C ASN B 70 -10.09 9.20 -11.20
N GLN B 71 -9.46 8.01 -11.09
CA GLN B 71 -9.71 7.01 -10.06
C GLN B 71 -8.90 7.29 -8.79
N PHE B 72 -9.19 6.54 -7.74
CA PHE B 72 -8.29 6.35 -6.61
C PHE B 72 -7.68 4.94 -6.63
N GLN B 73 -6.41 4.84 -6.25
CA GLN B 73 -5.68 3.60 -6.06
C GLN B 73 -4.65 3.68 -4.91
N ALA B 74 -4.41 2.53 -4.28
CA ALA B 74 -3.25 2.21 -3.47
C ALA B 74 -2.53 0.96 -4.03
N LEU B 75 -1.30 0.75 -3.58
CA LEU B 75 -0.32 -0.18 -4.16
C LEU B 75 0.51 -0.69 -2.99
N LEU B 76 0.36 -1.96 -2.63
CA LEU B 76 0.90 -2.51 -1.37
C LEU B 76 1.62 -3.83 -1.51
N GLN B 77 2.78 -3.92 -0.86
CA GLN B 77 3.53 -5.15 -0.73
C GLN B 77 3.25 -5.81 0.62
N TYR B 78 3.34 -7.14 0.66
CA TYR B 78 3.27 -8.00 1.82
C TYR B 78 4.61 -8.70 2.06
N ALA B 79 4.71 -9.34 3.22
CA ALA B 79 5.67 -10.39 3.54
C ALA B 79 5.38 -11.67 2.75
N ASP B 80 4.12 -12.12 2.82
CA ASP B 80 3.66 -13.47 2.51
C ASP B 80 2.63 -13.46 1.38
N PRO B 81 2.98 -14.05 0.23
CA PRO B 81 2.10 -14.11 -0.91
C PRO B 81 0.89 -15.03 -0.68
N VAL B 82 0.97 -15.99 0.23
CA VAL B 82 -0.10 -16.92 0.64
C VAL B 82 -1.19 -16.20 1.42
N SER B 83 -0.82 -15.29 2.34
CA SER B 83 -1.79 -14.41 2.97
C SER B 83 -2.37 -13.40 1.97
N ALA B 84 -1.57 -12.99 0.98
CA ALA B 84 -1.97 -11.99 -0.01
C ALA B 84 -2.93 -12.60 -1.07
N GLN B 85 -2.72 -13.87 -1.44
CA GLN B 85 -3.67 -14.77 -2.08
C GLN B 85 -4.98 -14.77 -1.29
N HIS B 86 -4.96 -15.15 -0.01
CA HIS B 86 -6.13 -15.18 0.86
C HIS B 86 -6.89 -13.84 0.96
N ALA B 87 -6.19 -12.71 0.95
CA ALA B 87 -6.81 -11.39 0.94
C ALA B 87 -7.36 -10.98 -0.44
N LYS B 88 -6.87 -11.53 -1.56
CA LYS B 88 -7.37 -11.24 -2.92
C LYS B 88 -8.62 -12.04 -3.18
N LEU B 89 -8.59 -13.32 -2.91
CA LEU B 89 -9.74 -14.12 -2.57
C LEU B 89 -10.84 -13.33 -1.81
N SER B 90 -10.57 -12.99 -0.55
CA SER B 90 -11.57 -12.49 0.40
C SER B 90 -11.98 -11.04 0.18
N LEU B 91 -11.10 -10.20 -0.35
CA LEU B 91 -11.33 -8.77 -0.56
C LEU B 91 -11.43 -8.36 -2.02
N ASP B 92 -10.92 -9.14 -2.98
CA ASP B 92 -11.31 -8.88 -4.39
C ASP B 92 -12.72 -9.43 -4.66
N GLY B 93 -13.08 -10.55 -4.02
CA GLY B 93 -14.38 -11.19 -4.23
C GLY B 93 -15.56 -10.34 -3.73
N GLN B 94 -15.40 -9.65 -2.59
CA GLN B 94 -16.39 -8.79 -1.96
C GLN B 94 -15.79 -7.88 -0.86
N ASN B 95 -16.59 -6.96 -0.32
CA ASN B 95 -16.40 -6.34 0.99
C ASN B 95 -16.74 -7.30 2.15
N ILE B 96 -16.75 -6.75 3.36
CA ILE B 96 -16.55 -7.45 4.63
C ILE B 96 -17.72 -7.15 5.58
N TYR B 97 -18.14 -5.89 5.60
CA TYR B 97 -19.26 -5.35 6.40
C TYR B 97 -19.78 -4.02 5.82
N ASN B 98 -21.00 -3.62 6.22
CA ASN B 98 -21.67 -2.33 6.03
C ASN B 98 -21.57 -1.69 4.62
N ALA B 99 -21.39 -2.49 3.56
CA ALA B 99 -21.10 -2.05 2.17
C ALA B 99 -19.92 -1.05 2.04
N CYS B 100 -19.00 -1.01 3.03
CA CYS B 100 -18.07 0.10 3.26
C CYS B 100 -16.58 -0.20 2.93
N CYS B 101 -16.28 -1.42 2.46
CA CYS B 101 -14.92 -1.97 2.24
C CYS B 101 -14.78 -2.63 0.85
N THR B 102 -15.46 -2.08 -0.15
CA THR B 102 -15.64 -2.58 -1.53
C THR B 102 -14.41 -2.36 -2.46
N LEU B 103 -13.26 -2.89 -2.04
CA LEU B 103 -11.97 -2.84 -2.76
C LEU B 103 -12.03 -3.57 -4.13
N ARG B 104 -11.41 -3.03 -5.19
CA ARG B 104 -10.79 -3.89 -6.24
C ARG B 104 -9.36 -4.21 -5.81
N ILE B 105 -8.92 -5.47 -5.84
CA ILE B 105 -7.57 -5.84 -5.36
C ILE B 105 -6.96 -7.02 -6.13
N ASP B 106 -5.76 -6.83 -6.69
CA ASP B 106 -5.15 -7.74 -7.68
C ASP B 106 -3.61 -7.71 -7.62
N PHE B 107 -2.92 -8.71 -8.16
CA PHE B 107 -1.45 -8.72 -8.17
C PHE B 107 -0.83 -7.73 -9.16
N SER B 108 0.35 -7.20 -8.81
CA SER B 108 1.09 -6.24 -9.66
C SER B 108 1.81 -6.87 -10.87
N LYS B 109 2.28 -6.04 -11.83
CA LYS B 109 3.39 -6.39 -12.75
C LYS B 109 4.79 -6.18 -12.16
N LEU B 110 4.95 -5.23 -11.23
CA LEU B 110 6.24 -4.94 -10.58
C LEU B 110 6.66 -6.12 -9.70
N THR B 111 5.82 -6.37 -8.68
CA THR B 111 5.92 -7.48 -7.72
C THR B 111 7.06 -7.30 -6.69
N SER B 112 7.62 -6.08 -6.60
CA SER B 112 8.43 -5.57 -5.50
C SER B 112 8.29 -4.04 -5.41
N LEU B 113 7.26 -3.55 -4.71
CA LEU B 113 6.95 -2.11 -4.62
C LEU B 113 8.05 -1.35 -3.85
N ASN B 114 8.32 -0.12 -4.31
CA ASN B 114 9.35 0.78 -3.80
C ASN B 114 8.73 2.08 -3.26
N VAL B 115 8.68 2.21 -1.92
CA VAL B 115 8.34 3.44 -1.19
C VAL B 115 9.28 4.60 -1.56
N LYS B 116 8.77 5.82 -1.38
CA LYS B 116 9.44 7.08 -1.68
C LYS B 116 9.47 7.96 -0.43
N TYR B 117 8.29 8.42 0.00
CA TYR B 117 7.96 9.45 1.01
C TYR B 117 6.44 9.66 1.18
N ASN B 118 5.94 9.65 2.41
CA ASN B 118 4.62 10.22 2.75
C ASN B 118 4.43 11.74 2.51
N ASN B 119 5.40 12.40 1.87
CA ASN B 119 5.32 13.75 1.32
C ASN B 119 4.06 13.96 0.47
N ASP B 120 3.88 13.09 -0.53
CA ASP B 120 2.71 13.09 -1.42
C ASP B 120 2.30 11.67 -1.89
N LYS B 121 3.06 10.61 -1.57
CA LYS B 121 2.96 9.32 -2.28
C LYS B 121 2.86 8.04 -1.45
N SER B 122 3.66 7.81 -0.40
CA SER B 122 3.89 6.44 0.09
C SER B 122 4.64 6.36 1.40
N ARG B 123 4.21 5.51 2.35
CA ARG B 123 5.10 5.06 3.43
C ARG B 123 5.23 3.56 3.66
N ASP B 124 6.23 3.31 4.48
CA ASP B 124 6.79 2.00 4.82
C ASP B 124 6.89 1.87 6.35
N TYR B 125 6.56 0.68 6.88
CA TYR B 125 6.40 0.40 8.30
C TYR B 125 7.58 -0.36 8.94
N THR B 126 8.60 -0.74 8.16
CA THR B 126 9.92 -1.18 8.66
C THR B 126 10.99 -0.07 8.56
N ARG B 127 10.78 0.92 7.69
CA ARG B 127 11.18 2.32 7.87
C ARG B 127 10.51 2.93 9.11
N PRO B 128 11.03 4.07 9.59
CA PRO B 128 10.53 4.73 10.81
C PRO B 128 9.02 4.97 10.78
N ASP B 129 8.60 5.56 9.66
CA ASP B 129 7.28 6.15 9.40
C ASP B 129 7.08 6.42 7.90
N LEU B 130 8.15 6.19 7.13
CA LEU B 130 9.05 7.22 6.61
C LEU B 130 8.99 8.67 7.17
N PRO B 131 10.04 9.48 6.92
CA PRO B 131 9.90 10.92 6.87
C PRO B 131 9.19 11.43 5.62
N SER B 132 9.16 12.74 5.49
CA SER B 132 8.59 13.45 4.35
C SER B 132 9.65 14.17 3.49
N GLY B 133 10.95 13.92 3.76
CA GLY B 133 12.10 14.64 3.17
C GLY B 133 12.63 15.79 4.04
N ASP B 134 12.10 15.95 5.26
CA ASP B 134 12.39 17.03 6.22
C ASP B 134 13.83 17.07 6.73
N SER B 135 14.48 15.91 6.83
CA SER B 135 15.72 15.64 7.58
C SER B 135 16.84 16.68 7.41
N GLN B 136 17.28 17.22 8.55
CA GLN B 136 18.18 18.34 8.73
C GLN B 136 19.65 18.05 8.33
N PRO B 137 20.45 19.11 8.08
CA PRO B 137 21.91 19.10 8.09
C PRO B 137 22.56 18.57 9.38
N SER B 138 23.89 18.45 9.35
CA SER B 138 24.78 18.15 10.46
C SER B 138 26.09 18.90 10.33
N LEU B 139 26.35 19.77 11.28
CA LEU B 139 27.29 20.89 11.23
C LEU B 139 28.73 20.50 11.61
N ASP B 140 28.96 19.21 11.78
CA ASP B 140 30.27 18.53 11.78
C ASP B 140 30.83 18.38 10.36
N GLN B 141 29.94 18.27 9.36
CA GLN B 141 30.24 17.71 8.05
C GLN B 141 29.46 18.29 6.85
N THR B 142 28.30 18.88 7.11
CA THR B 142 27.35 19.36 6.10
C THR B 142 27.52 20.86 5.91
N MET B 143 27.11 21.65 6.91
CA MET B 143 27.29 23.09 6.93
C MET B 143 28.63 23.48 7.55
N ALA B 144 29.40 22.55 8.14
CA ALA B 144 30.64 22.78 8.88
C ALA B 144 31.67 23.80 8.32
N ALA B 145 31.72 24.03 7.00
CA ALA B 145 32.53 25.10 6.39
C ALA B 145 32.07 26.54 6.76
N ALA B 146 30.84 26.69 7.26
CA ALA B 146 30.20 27.95 7.66
C ALA B 146 29.36 27.83 8.95
N PHE B 147 28.43 26.86 9.02
CA PHE B 147 27.52 26.46 10.12
C PHE B 147 26.71 27.53 10.89
N GLY B 148 26.94 28.82 10.69
CA GLY B 148 26.22 29.96 11.29
C GLY B 148 26.90 31.29 11.03
N ASP B 22 0.64 -27.11 -14.13
CA ASP B 22 0.68 -26.32 -12.87
C ASP B 22 0.43 -27.22 -11.65
N ALA B 23 0.35 -26.64 -10.44
CA ALA B 23 0.13 -27.36 -9.17
C ALA B 23 -1.25 -28.03 -9.01
N GLY B 24 -2.23 -27.71 -9.87
CA GLY B 24 -3.62 -28.22 -9.82
C GLY B 24 -4.67 -27.14 -9.55
N MET B 25 -4.33 -25.86 -9.75
CA MET B 25 -5.13 -24.67 -9.41
C MET B 25 -5.41 -23.74 -10.62
N ALA B 26 -4.75 -23.99 -11.77
CA ALA B 26 -4.80 -23.26 -13.04
C ALA B 26 -4.34 -21.79 -12.98
N MET B 27 -5.02 -20.94 -12.21
CA MET B 27 -4.73 -19.50 -12.05
C MET B 27 -3.43 -19.23 -11.29
N ALA B 28 -2.87 -18.02 -11.44
CA ALA B 28 -1.60 -17.58 -10.85
C ALA B 28 -1.76 -16.94 -9.45
N GLY B 29 -0.61 -16.68 -8.82
CA GLY B 29 -0.43 -15.97 -7.56
C GLY B 29 1.02 -15.52 -7.45
N GLN B 30 1.50 -15.48 -6.21
CA GLN B 30 2.85 -15.84 -5.81
C GLN B 30 3.88 -14.74 -6.05
N SER B 31 3.40 -13.62 -6.58
CA SER B 31 4.02 -12.31 -6.53
C SER B 31 3.73 -11.64 -5.18
N PRO B 32 4.74 -11.13 -4.46
CA PRO B 32 4.59 -10.56 -3.13
C PRO B 32 3.92 -9.17 -3.08
N VAL B 33 3.50 -8.58 -4.20
CA VAL B 33 3.00 -7.19 -4.27
C VAL B 33 1.66 -7.05 -5.01
N LEU B 34 0.89 -6.04 -4.60
CA LEU B 34 -0.55 -5.92 -4.70
C LEU B 34 -1.03 -4.58 -5.27
N ARG B 35 -1.63 -4.67 -6.45
CA ARG B 35 -2.45 -3.68 -7.19
C ARG B 35 -3.87 -3.56 -6.60
N ILE B 36 -4.08 -2.70 -5.60
CA ILE B 36 -5.41 -2.38 -5.03
C ILE B 36 -5.96 -1.12 -5.68
N ILE B 37 -7.25 -1.13 -5.96
CA ILE B 37 -7.91 -0.17 -6.85
C ILE B 37 -9.38 0.06 -6.44
N VAL B 38 -9.96 1.16 -6.93
CA VAL B 38 -11.38 1.54 -6.79
C VAL B 38 -12.01 1.28 -5.41
N GLU B 39 -11.24 1.63 -4.38
CA GLU B 39 -11.64 1.69 -2.98
C GLU B 39 -12.66 2.81 -2.68
N ASN B 40 -12.91 3.01 -1.38
CA ASN B 40 -13.94 3.84 -0.77
C ASN B 40 -13.37 4.98 0.09
N LEU B 41 -12.07 5.27 -0.09
CA LEU B 41 -11.19 6.02 0.81
C LEU B 41 -10.25 6.99 0.05
N PHE B 42 -9.52 7.85 0.78
CA PHE B 42 -9.25 9.23 0.29
C PHE B 42 -7.80 9.76 0.34
N TYR B 43 -7.04 9.51 1.41
CA TYR B 43 -5.67 10.06 1.61
C TYR B 43 -4.83 9.15 2.54
N PRO B 44 -3.52 9.41 2.77
CA PRO B 44 -2.64 8.67 3.71
C PRO B 44 -3.09 8.54 5.17
N VAL B 45 -4.12 7.71 5.32
CA VAL B 45 -4.74 7.00 6.46
C VAL B 45 -5.32 5.69 5.93
N THR B 46 -5.82 5.70 4.70
CA THR B 46 -5.92 4.60 3.74
C THR B 46 -4.82 3.58 3.92
N LEU B 47 -3.54 3.96 3.83
CA LEU B 47 -2.48 2.96 3.91
C LEU B 47 -2.29 2.34 5.29
N ASP B 48 -2.48 3.12 6.35
CA ASP B 48 -2.50 2.61 7.71
C ASP B 48 -3.76 1.75 7.99
N VAL B 49 -4.79 1.89 7.16
CA VAL B 49 -6.08 1.21 7.25
C VAL B 49 -6.06 -0.06 6.41
N LEU B 50 -5.47 0.01 5.22
CA LEU B 50 -5.09 -1.18 4.48
C LEU B 50 -4.17 -2.06 5.32
N HIS B 51 -3.19 -1.49 6.02
CA HIS B 51 -2.40 -2.22 7.01
C HIS B 51 -3.30 -2.88 8.07
N GLN B 52 -4.27 -2.14 8.62
CA GLN B 52 -5.11 -2.64 9.72
C GLN B 52 -6.14 -3.71 9.33
N ILE B 53 -6.52 -3.78 8.05
CA ILE B 53 -7.56 -4.67 7.49
C ILE B 53 -6.95 -5.86 6.76
N PHE B 54 -5.85 -5.66 6.04
CA PHE B 54 -5.08 -6.73 5.41
C PHE B 54 -4.18 -7.48 6.41
N SER B 55 -3.86 -6.88 7.58
CA SER B 55 -3.22 -7.63 8.68
C SER B 55 -4.11 -8.73 9.28
N LYS B 56 -5.41 -8.70 8.96
CA LYS B 56 -6.41 -9.71 9.33
C LYS B 56 -6.26 -10.99 8.50
N PHE B 57 -5.56 -10.91 7.37
CA PHE B 57 -5.26 -12.02 6.47
C PHE B 57 -3.79 -12.47 6.59
N GLY B 58 -2.86 -11.54 6.80
CA GLY B 58 -1.43 -11.82 7.02
C GLY B 58 -0.67 -10.60 7.54
N THR B 59 0.31 -10.16 6.75
CA THR B 59 1.26 -9.10 7.13
C THR B 59 1.62 -8.28 5.89
N VAL B 60 1.00 -7.12 5.68
CA VAL B 60 1.50 -6.19 4.64
C VAL B 60 2.88 -5.65 5.05
N LEU B 61 3.58 -5.02 4.10
CA LEU B 61 4.99 -4.67 4.24
C LEU B 61 5.21 -3.17 4.01
N LYS B 62 4.78 -2.67 2.84
CA LYS B 62 4.96 -1.23 2.51
C LYS B 62 3.98 -0.75 1.46
N ILE B 63 3.62 0.53 1.48
CA ILE B 63 2.41 1.00 0.79
C ILE B 63 2.59 2.34 0.09
N ILE B 64 2.07 2.39 -1.13
CA ILE B 64 1.93 3.53 -2.04
C ILE B 64 0.42 3.84 -2.18
N THR B 65 0.03 5.11 -2.31
CA THR B 65 -1.36 5.57 -2.45
C THR B 65 -1.47 6.78 -3.40
N PHE B 66 -1.70 6.54 -4.70
CA PHE B 66 -2.04 7.60 -5.68
C PHE B 66 -3.51 7.59 -6.14
N THR B 67 -3.89 8.69 -6.78
CA THR B 67 -5.14 8.89 -7.53
C THR B 67 -4.79 9.16 -8.99
N LYS B 68 -5.25 8.28 -9.89
CA LYS B 68 -5.10 8.34 -11.35
C LYS B 68 -6.09 9.35 -11.98
N ASN B 69 -6.48 9.17 -13.23
CA ASN B 69 -7.38 10.10 -13.96
C ASN B 69 -8.68 10.43 -13.19
N ASN B 70 -9.30 9.41 -12.59
CA ASN B 70 -10.43 9.52 -11.65
C ASN B 70 -10.45 8.44 -10.53
N GLN B 71 -9.69 7.35 -10.70
CA GLN B 71 -9.56 6.21 -9.77
C GLN B 71 -8.66 6.53 -8.57
N PHE B 72 -8.80 5.72 -7.53
CA PHE B 72 -7.80 5.55 -6.49
C PHE B 72 -7.04 4.23 -6.70
N GLN B 73 -5.74 4.25 -6.37
CA GLN B 73 -4.78 3.16 -6.47
C GLN B 73 -3.92 3.08 -5.20
N ALA B 74 -4.16 2.07 -4.36
CA ALA B 74 -3.16 1.64 -3.38
C ALA B 74 -2.28 0.52 -3.98
N LEU B 75 -0.97 0.64 -3.84
CA LEU B 75 0.04 -0.22 -4.44
C LEU B 75 0.96 -0.63 -3.31
N LEU B 76 0.83 -1.87 -2.86
CA LEU B 76 1.43 -2.34 -1.62
C LEU B 76 2.25 -3.59 -1.82
N GLN B 77 3.19 -3.84 -0.92
CA GLN B 77 3.89 -5.11 -0.86
C GLN B 77 3.57 -5.81 0.44
N TYR B 78 3.54 -7.13 0.42
CA TYR B 78 3.25 -8.02 1.53
C TYR B 78 4.51 -8.78 1.96
N ALA B 79 4.42 -9.42 3.12
CA ALA B 79 5.32 -10.49 3.52
C ALA B 79 5.23 -11.69 2.57
N ASP B 80 4.03 -12.27 2.49
CA ASP B 80 3.76 -13.55 1.89
C ASP B 80 2.50 -13.52 0.98
N PRO B 81 2.63 -14.11 -0.20
CA PRO B 81 1.63 -14.11 -1.24
C PRO B 81 0.44 -15.02 -0.94
N VAL B 82 0.56 -16.00 -0.05
CA VAL B 82 -0.52 -16.92 0.35
C VAL B 82 -1.53 -16.22 1.26
N SER B 83 -1.05 -15.40 2.19
CA SER B 83 -1.90 -14.47 2.94
C SER B 83 -2.49 -13.38 2.05
N ALA B 84 -1.75 -12.95 1.02
CA ALA B 84 -2.27 -12.00 0.03
C ALA B 84 -3.30 -12.63 -0.93
N GLN B 85 -3.18 -13.93 -1.24
CA GLN B 85 -4.15 -14.76 -1.96
C GLN B 85 -5.46 -14.77 -1.18
N HIS B 86 -5.45 -15.11 0.11
CA HIS B 86 -6.60 -15.03 1.00
C HIS B 86 -7.25 -13.62 1.03
N ALA B 87 -6.46 -12.56 0.99
CA ALA B 87 -6.99 -11.19 0.88
C ALA B 87 -7.56 -10.86 -0.52
N LYS B 88 -7.12 -11.53 -1.59
CA LYS B 88 -7.59 -11.35 -2.98
C LYS B 88 -8.92 -12.03 -3.16
N LEU B 89 -8.96 -13.33 -2.91
CA LEU B 89 -10.14 -14.09 -2.49
C LEU B 89 -11.25 -13.22 -1.86
N SER B 90 -11.06 -12.80 -0.61
CA SER B 90 -12.10 -12.13 0.18
C SER B 90 -12.33 -10.68 -0.25
N LEU B 91 -11.28 -9.86 -0.28
CA LEU B 91 -11.39 -8.42 -0.51
C LEU B 91 -11.42 -8.03 -1.99
N ASP B 92 -10.99 -8.90 -2.93
CA ASP B 92 -11.40 -8.65 -4.34
C ASP B 92 -12.83 -9.15 -4.59
N GLY B 93 -13.21 -10.26 -3.97
CA GLY B 93 -14.55 -10.84 -4.09
C GLY B 93 -15.65 -9.89 -3.65
N GLN B 94 -15.51 -9.26 -2.48
CA GLN B 94 -16.52 -8.45 -1.81
C GLN B 94 -15.94 -7.52 -0.72
N ASN B 95 -16.84 -6.80 -0.04
CA ASN B 95 -16.59 -5.89 1.08
C ASN B 95 -16.40 -6.63 2.42
N ILE B 96 -16.56 -5.87 3.51
CA ILE B 96 -16.01 -6.18 4.84
C ILE B 96 -17.10 -6.09 5.92
N TYR B 97 -18.01 -5.10 5.83
CA TYR B 97 -19.16 -4.95 6.74
C TYR B 97 -20.42 -4.36 6.04
N ASN B 98 -20.53 -3.03 5.89
CA ASN B 98 -21.78 -2.33 5.54
C ASN B 98 -22.02 -2.11 4.01
N ALA B 99 -21.30 -2.83 3.14
CA ALA B 99 -21.31 -2.65 1.67
C ALA B 99 -20.90 -1.24 1.18
N CYS B 100 -20.29 -0.44 2.05
CA CYS B 100 -19.79 0.92 1.81
C CYS B 100 -18.24 0.99 1.90
N CYS B 101 -17.59 -0.18 1.93
CA CYS B 101 -16.22 -0.43 2.38
C CYS B 101 -15.47 -1.39 1.42
N THR B 102 -15.76 -1.31 0.12
CA THR B 102 -15.35 -2.29 -0.90
C THR B 102 -14.14 -1.85 -1.73
N LEU B 103 -13.51 -2.79 -2.45
CA LEU B 103 -12.30 -2.65 -3.25
C LEU B 103 -12.36 -3.47 -4.55
N ARG B 104 -11.50 -3.13 -5.53
CA ARG B 104 -10.80 -4.11 -6.39
C ARG B 104 -9.40 -4.37 -5.82
N ILE B 105 -8.87 -5.58 -5.89
CA ILE B 105 -7.50 -5.92 -5.49
C ILE B 105 -6.95 -7.09 -6.31
N ASP B 106 -5.75 -6.95 -6.84
CA ASP B 106 -5.09 -7.94 -7.71
C ASP B 106 -3.57 -8.08 -7.41
N PHE B 107 -3.01 -9.19 -7.87
CA PHE B 107 -1.57 -9.44 -7.91
C PHE B 107 -0.92 -8.61 -9.04
N SER B 108 0.02 -7.75 -8.69
CA SER B 108 0.67 -6.82 -9.62
C SER B 108 1.50 -7.49 -10.73
N LYS B 109 1.79 -6.74 -11.80
CA LYS B 109 2.93 -6.99 -12.70
C LYS B 109 4.29 -6.97 -11.99
N LEU B 110 4.43 -6.07 -11.03
CA LEU B 110 5.62 -5.88 -10.19
C LEU B 110 5.81 -7.05 -9.20
N THR B 111 7.07 -7.42 -8.96
CA THR B 111 7.50 -8.37 -7.91
C THR B 111 8.28 -7.68 -6.77
N SER B 112 8.46 -6.36 -6.86
CA SER B 112 8.83 -5.44 -5.77
C SER B 112 8.24 -4.05 -6.06
N LEU B 113 7.65 -3.41 -5.05
CA LEU B 113 7.33 -1.98 -5.07
C LEU B 113 7.87 -1.30 -3.80
N ASN B 114 8.31 -0.03 -3.90
CA ASN B 114 9.13 0.64 -2.89
C ASN B 114 8.74 2.11 -2.65
N VAL B 115 8.76 2.51 -1.37
CA VAL B 115 8.43 3.84 -0.84
C VAL B 115 9.26 4.98 -1.44
N LYS B 116 8.61 6.15 -1.57
CA LYS B 116 9.22 7.46 -1.83
C LYS B 116 9.13 8.36 -0.59
N TYR B 117 7.92 8.78 -0.23
CA TYR B 117 7.63 9.95 0.63
C TYR B 117 6.18 10.02 1.14
N ASN B 118 6.04 9.97 2.47
CA ASN B 118 5.00 10.54 3.35
C ASN B 118 4.46 11.97 3.05
N ASN B 119 4.96 12.59 1.99
CA ASN B 119 4.61 13.92 1.49
C ASN B 119 3.15 13.99 1.02
N ASP B 120 2.75 13.00 0.23
CA ASP B 120 1.37 12.82 -0.26
C ASP B 120 1.07 11.37 -0.68
N LYS B 121 2.09 10.53 -0.92
CA LYS B 121 1.96 9.38 -1.82
C LYS B 121 2.46 8.02 -1.30
N SER B 122 3.33 7.92 -0.31
CA SER B 122 3.85 6.60 0.15
C SER B 122 4.61 6.62 1.48
N ARG B 123 4.22 5.76 2.43
CA ARG B 123 5.06 5.43 3.59
C ARG B 123 5.29 3.95 3.83
N ASP B 124 6.31 3.71 4.65
CA ASP B 124 6.84 2.40 5.03
C ASP B 124 6.90 2.26 6.55
N TYR B 125 6.76 1.02 7.04
CA TYR B 125 6.60 0.71 8.47
C TYR B 125 7.85 0.11 9.14
N THR B 126 8.93 -0.15 8.39
CA THR B 126 10.31 -0.33 8.91
C THR B 126 10.95 1.02 9.24
N ARG B 127 10.66 2.05 8.42
CA ARG B 127 10.99 3.46 8.60
C ARG B 127 10.21 4.05 9.80
N PRO B 128 10.58 5.27 10.28
CA PRO B 128 10.05 5.85 11.52
C PRO B 128 8.52 6.05 11.53
N ASP B 129 8.01 6.33 10.33
CA ASP B 129 6.80 7.04 9.91
C ASP B 129 6.95 7.38 8.42
N LEU B 130 8.20 7.72 8.01
CA LEU B 130 8.77 8.06 6.73
C LEU B 130 9.07 9.57 6.63
N PRO B 131 10.33 9.97 6.37
CA PRO B 131 10.83 11.33 6.56
C PRO B 131 9.99 12.48 6.03
N SER B 132 9.51 12.32 4.80
CA SER B 132 8.95 13.34 3.89
C SER B 132 10.02 14.30 3.31
N GLY B 133 11.27 14.19 3.77
CA GLY B 133 12.39 15.06 3.43
C GLY B 133 13.62 14.74 4.29
N ASP B 134 14.39 13.73 3.90
CA ASP B 134 15.36 13.07 4.79
C ASP B 134 16.60 13.90 5.18
N SER B 135 17.04 14.80 4.30
CA SER B 135 18.21 15.68 4.49
C SER B 135 18.02 17.04 3.81
N GLN B 136 18.94 17.97 4.08
CA GLN B 136 19.02 19.31 3.52
C GLN B 136 19.20 19.25 1.98
N PRO B 137 18.27 19.85 1.21
CA PRO B 137 18.28 19.89 -0.24
C PRO B 137 19.29 20.92 -0.79
N SER B 138 19.46 20.89 -2.11
CA SER B 138 20.34 21.70 -2.93
C SER B 138 19.69 22.03 -4.28
N LEU B 139 19.00 23.14 -4.25
CA LEU B 139 17.98 23.71 -5.15
C LEU B 139 18.47 24.07 -6.58
N ASP B 140 19.72 23.75 -6.86
CA ASP B 140 20.34 23.61 -8.20
C ASP B 140 19.83 22.36 -8.94
N GLN B 141 19.43 21.37 -8.14
CA GLN B 141 19.28 19.97 -8.48
C GLN B 141 18.15 19.28 -7.71
N THR B 142 18.05 19.48 -6.39
CA THR B 142 17.20 18.66 -5.49
C THR B 142 15.74 19.08 -5.61
N MET B 143 15.42 20.27 -5.10
CA MET B 143 14.10 20.87 -5.21
C MET B 143 13.95 21.68 -6.51
N ALA B 144 15.01 21.85 -7.30
CA ALA B 144 15.13 22.72 -8.47
C ALA B 144 13.92 22.82 -9.44
N ALA B 145 13.08 21.78 -9.58
CA ALA B 145 11.82 21.81 -10.32
C ALA B 145 10.74 22.77 -9.73
N ALA B 146 10.85 23.14 -8.45
CA ALA B 146 9.92 23.98 -7.69
C ALA B 146 10.61 24.95 -6.70
N PHE B 147 11.68 24.52 -6.01
CA PHE B 147 12.60 25.24 -5.13
C PHE B 147 12.06 26.14 -3.98
N GLY B 148 10.74 26.32 -3.86
CA GLY B 148 10.03 27.06 -2.80
C GLY B 148 9.08 26.18 -1.98
N ASP B 22 -14.01 -16.31 -18.52
CA ASP B 22 -13.38 -17.55 -18.00
C ASP B 22 -12.00 -17.76 -18.63
N ALA B 23 -10.97 -17.99 -17.80
CA ALA B 23 -9.57 -18.19 -18.22
C ALA B 23 -8.90 -19.44 -17.59
N GLY B 24 -9.58 -20.19 -16.72
CA GLY B 24 -9.07 -21.39 -16.05
C GLY B 24 -9.80 -21.74 -14.75
N MET B 25 -9.50 -22.92 -14.19
CA MET B 25 -10.18 -23.48 -13.01
C MET B 25 -9.89 -22.71 -11.69
N ALA B 26 -8.76 -22.01 -11.60
CA ALA B 26 -8.36 -21.17 -10.46
C ALA B 26 -7.48 -19.98 -10.89
N MET B 27 -7.31 -19.00 -10.00
CA MET B 27 -6.37 -17.88 -10.16
C MET B 27 -4.90 -18.27 -9.89
N ALA B 28 -3.97 -17.35 -10.21
CA ALA B 28 -2.56 -17.39 -9.80
C ALA B 28 -2.30 -16.48 -8.58
N GLY B 29 -1.04 -16.45 -8.10
CA GLY B 29 -0.60 -15.66 -6.97
C GLY B 29 0.90 -15.39 -7.02
N GLN B 30 1.49 -15.48 -5.83
CA GLN B 30 2.85 -15.92 -5.57
C GLN B 30 3.90 -14.83 -5.85
N SER B 31 3.39 -13.63 -6.18
CA SER B 31 4.06 -12.36 -6.13
C SER B 31 3.77 -11.67 -4.79
N PRO B 32 4.77 -11.08 -4.10
CA PRO B 32 4.60 -10.47 -2.79
C PRO B 32 3.84 -9.11 -2.77
N VAL B 33 3.44 -8.54 -3.91
CA VAL B 33 2.86 -7.17 -3.98
C VAL B 33 1.54 -7.07 -4.72
N LEU B 34 0.74 -6.09 -4.28
CA LEU B 34 -0.68 -5.92 -4.44
C LEU B 34 -1.08 -4.58 -5.09
N ARG B 35 -1.74 -4.71 -6.23
CA ARG B 35 -2.50 -3.72 -7.01
C ARG B 35 -3.94 -3.55 -6.48
N ILE B 36 -4.20 -2.64 -5.55
CA ILE B 36 -5.57 -2.28 -5.11
C ILE B 36 -6.06 -1.05 -5.88
N ILE B 37 -7.32 -1.10 -6.31
CA ILE B 37 -7.96 -0.13 -7.18
C ILE B 37 -9.42 0.11 -6.76
N VAL B 38 -10.01 1.21 -7.25
CA VAL B 38 -11.44 1.56 -7.13
C VAL B 38 -12.03 1.33 -5.73
N GLU B 39 -11.31 1.87 -4.75
CA GLU B 39 -11.77 2.11 -3.39
C GLU B 39 -12.76 3.31 -3.32
N ASN B 40 -13.08 3.73 -2.10
CA ASN B 40 -14.16 4.65 -1.72
C ASN B 40 -13.66 5.88 -0.93
N LEU B 41 -12.37 6.15 -1.05
CA LEU B 41 -11.51 6.97 -0.19
C LEU B 41 -10.42 7.70 -1.02
N PHE B 42 -9.65 8.61 -0.41
CA PHE B 42 -8.88 9.63 -1.15
C PHE B 42 -7.49 10.00 -0.61
N TYR B 43 -7.18 9.77 0.67
CA TYR B 43 -5.98 10.31 1.33
C TYR B 43 -5.33 9.34 2.35
N PRO B 44 -4.02 9.49 2.68
CA PRO B 44 -3.35 8.74 3.75
C PRO B 44 -4.10 8.77 5.09
N VAL B 45 -3.84 7.76 5.92
CA VAL B 45 -4.65 7.04 6.96
C VAL B 45 -5.30 5.80 6.35
N THR B 46 -5.78 5.89 5.09
CA THR B 46 -5.98 4.80 4.14
C THR B 46 -4.88 3.78 4.24
N LEU B 47 -3.60 4.16 4.12
CA LEU B 47 -2.54 3.16 4.09
C LEU B 47 -2.32 2.42 5.41
N ASP B 48 -2.51 3.13 6.52
CA ASP B 48 -2.49 2.56 7.88
C ASP B 48 -3.75 1.72 8.15
N VAL B 49 -4.80 1.94 7.36
CA VAL B 49 -6.10 1.26 7.44
C VAL B 49 -6.09 0.03 6.54
N LEU B 50 -5.49 0.13 5.37
CA LEU B 50 -5.14 -1.04 4.56
C LEU B 50 -4.24 -1.98 5.37
N HIS B 51 -3.26 -1.46 6.11
CA HIS B 51 -2.49 -2.23 7.08
C HIS B 51 -3.43 -2.90 8.10
N GLN B 52 -4.39 -2.18 8.67
CA GLN B 52 -5.25 -2.70 9.74
C GLN B 52 -6.31 -3.73 9.30
N ILE B 53 -6.67 -3.72 8.02
CA ILE B 53 -7.72 -4.55 7.39
C ILE B 53 -7.13 -5.75 6.65
N PHE B 54 -5.96 -5.58 6.05
CA PHE B 54 -5.20 -6.66 5.42
C PHE B 54 -4.34 -7.44 6.44
N SER B 55 -4.03 -6.87 7.61
CA SER B 55 -3.43 -7.65 8.73
C SER B 55 -4.40 -8.70 9.32
N LYS B 56 -5.69 -8.63 8.97
CA LYS B 56 -6.71 -9.64 9.26
C LYS B 56 -6.45 -10.93 8.50
N PHE B 57 -5.67 -10.87 7.43
CA PHE B 57 -5.31 -12.03 6.59
C PHE B 57 -3.83 -12.44 6.78
N GLY B 58 -2.92 -11.48 6.94
CA GLY B 58 -1.49 -11.72 7.19
C GLY B 58 -0.74 -10.51 7.70
N THR B 59 0.22 -10.04 6.91
CA THR B 59 1.18 -9.00 7.29
C THR B 59 1.59 -8.18 6.05
N VAL B 60 1.03 -6.98 5.88
CA VAL B 60 1.54 -6.04 4.86
C VAL B 60 2.97 -5.57 5.21
N LEU B 61 3.64 -4.92 4.26
CA LEU B 61 5.05 -4.54 4.32
C LEU B 61 5.23 -3.05 4.07
N LYS B 62 4.71 -2.56 2.94
CA LYS B 62 4.89 -1.14 2.58
C LYS B 62 3.85 -0.66 1.59
N ILE B 63 3.48 0.63 1.60
CA ILE B 63 2.23 1.12 0.99
C ILE B 63 2.46 2.37 0.12
N ILE B 64 1.63 2.47 -0.90
CA ILE B 64 1.48 3.61 -1.82
C ILE B 64 -0.02 3.95 -1.90
N THR B 65 -0.36 5.23 -2.04
CA THR B 65 -1.73 5.77 -2.17
C THR B 65 -1.80 6.95 -3.15
N PHE B 66 -2.07 6.68 -4.44
CA PHE B 66 -2.35 7.74 -5.45
C PHE B 66 -3.73 7.64 -6.15
N THR B 67 -3.95 8.56 -7.09
CA THR B 67 -5.10 8.63 -8.02
C THR B 67 -4.57 8.87 -9.45
N LYS B 68 -5.19 8.21 -10.43
CA LYS B 68 -5.17 8.62 -11.85
C LYS B 68 -6.59 8.63 -12.44
N ASN B 69 -6.77 9.32 -13.56
CA ASN B 69 -8.06 9.77 -14.11
C ASN B 69 -9.06 10.27 -13.03
N ASN B 70 -10.01 9.45 -12.58
CA ASN B 70 -10.99 9.75 -11.52
C ASN B 70 -10.99 8.67 -10.39
N GLN B 71 -10.08 7.70 -10.47
CA GLN B 71 -9.97 6.51 -9.61
C GLN B 71 -9.25 6.76 -8.29
N PHE B 72 -9.09 5.69 -7.52
CA PHE B 72 -8.10 5.59 -6.45
C PHE B 72 -7.30 4.28 -6.60
N GLN B 73 -6.01 4.39 -6.35
CA GLN B 73 -4.97 3.38 -6.53
C GLN B 73 -4.12 3.25 -5.26
N ALA B 74 -4.33 2.18 -4.50
CA ALA B 74 -3.43 1.77 -3.43
C ALA B 74 -2.54 0.60 -3.86
N LEU B 75 -1.25 0.70 -3.61
CA LEU B 75 -0.23 -0.16 -4.20
C LEU B 75 0.69 -0.55 -3.07
N LEU B 76 0.58 -1.79 -2.61
CA LEU B 76 1.22 -2.26 -1.38
C LEU B 76 2.03 -3.52 -1.57
N GLN B 77 2.99 -3.77 -0.70
CA GLN B 77 3.71 -5.04 -0.66
C GLN B 77 3.41 -5.71 0.67
N TYR B 78 3.47 -7.04 0.67
CA TYR B 78 3.19 -7.93 1.78
C TYR B 78 4.44 -8.74 2.17
N ALA B 79 4.35 -9.40 3.31
CA ALA B 79 5.26 -10.45 3.74
C ALA B 79 5.16 -11.70 2.85
N ASP B 80 3.94 -12.19 2.71
CA ASP B 80 3.60 -13.49 2.13
C ASP B 80 2.46 -13.39 1.11
N PRO B 81 2.67 -13.99 -0.07
CA PRO B 81 1.67 -14.05 -1.13
C PRO B 81 0.47 -14.95 -0.79
N VAL B 82 0.60 -15.90 0.14
CA VAL B 82 -0.44 -16.87 0.53
C VAL B 82 -1.50 -16.22 1.43
N SER B 83 -1.06 -15.38 2.37
CA SER B 83 -1.98 -14.51 3.12
C SER B 83 -2.56 -13.42 2.22
N ALA B 84 -1.80 -12.96 1.21
CA ALA B 84 -2.32 -12.03 0.20
C ALA B 84 -3.33 -12.69 -0.78
N GLN B 85 -3.17 -13.98 -1.08
CA GLN B 85 -4.12 -14.84 -1.82
C GLN B 85 -5.43 -14.89 -1.06
N HIS B 86 -5.42 -15.23 0.24
CA HIS B 86 -6.57 -15.19 1.11
C HIS B 86 -7.27 -13.82 1.15
N ALA B 87 -6.52 -12.72 1.06
CA ALA B 87 -7.07 -11.37 0.94
C ALA B 87 -7.60 -11.03 -0.47
N LYS B 88 -7.15 -11.68 -1.55
CA LYS B 88 -7.62 -11.44 -2.93
C LYS B 88 -8.91 -12.18 -3.19
N LEU B 89 -8.97 -13.42 -2.82
CA LEU B 89 -10.18 -14.11 -2.41
C LEU B 89 -11.20 -13.17 -1.71
N SER B 90 -10.89 -12.79 -0.46
CA SER B 90 -11.84 -12.19 0.49
C SER B 90 -12.15 -10.72 0.22
N LEU B 91 -11.29 -10.00 -0.50
CA LEU B 91 -11.43 -8.58 -0.80
C LEU B 91 -11.50 -8.27 -2.30
N ASP B 92 -11.00 -9.13 -3.21
CA ASP B 92 -11.37 -8.93 -4.62
C ASP B 92 -12.83 -9.36 -4.89
N GLY B 93 -13.31 -10.39 -4.17
CA GLY B 93 -14.65 -10.95 -4.44
C GLY B 93 -15.81 -10.07 -3.98
N GLN B 94 -15.63 -9.34 -2.86
CA GLN B 94 -16.65 -8.53 -2.17
C GLN B 94 -16.02 -7.62 -1.09
N ASN B 95 -16.85 -6.80 -0.42
CA ASN B 95 -16.51 -6.05 0.80
C ASN B 95 -16.37 -6.95 2.06
N ILE B 96 -16.37 -6.31 3.22
CA ILE B 96 -15.80 -6.80 4.49
C ILE B 96 -16.80 -6.63 5.63
N TYR B 97 -17.39 -5.42 5.73
CA TYR B 97 -18.33 -5.01 6.79
C TYR B 97 -19.33 -3.97 6.27
N ASN B 98 -20.49 -3.84 6.92
CA ASN B 98 -21.45 -2.72 6.82
C ASN B 98 -21.77 -2.17 5.39
N ALA B 99 -21.71 -3.02 4.36
CA ALA B 99 -21.81 -2.65 2.92
C ALA B 99 -20.75 -1.62 2.44
N CYS B 100 -19.70 -1.40 3.23
CA CYS B 100 -18.59 -0.47 2.99
C CYS B 100 -17.25 -1.22 2.86
N CYS B 101 -16.20 -0.52 2.41
CA CYS B 101 -14.88 -1.09 2.06
C CYS B 101 -14.95 -2.14 0.93
N THR B 102 -15.65 -1.81 -0.16
CA THR B 102 -15.49 -2.50 -1.45
C THR B 102 -14.28 -1.91 -2.17
N LEU B 103 -13.45 -2.78 -2.76
CA LEU B 103 -12.37 -2.42 -3.68
C LEU B 103 -12.11 -3.52 -4.74
N ARG B 104 -11.36 -3.19 -5.81
CA ARG B 104 -10.69 -4.17 -6.69
C ARG B 104 -9.29 -4.45 -6.13
N ILE B 105 -8.79 -5.69 -6.19
CA ILE B 105 -7.43 -6.04 -5.70
C ILE B 105 -6.82 -7.21 -6.46
N ASP B 106 -5.60 -7.01 -6.95
CA ASP B 106 -4.80 -8.02 -7.68
C ASP B 106 -3.33 -8.09 -7.26
N PHE B 107 -2.61 -9.06 -7.82
CA PHE B 107 -1.14 -9.07 -7.81
C PHE B 107 -0.57 -8.24 -8.96
N SER B 108 0.58 -7.60 -8.72
CA SER B 108 1.18 -6.66 -9.69
C SER B 108 1.89 -7.31 -10.90
N LYS B 109 2.23 -6.50 -11.91
CA LYS B 109 3.34 -6.78 -12.85
C LYS B 109 4.75 -6.51 -12.28
N LEU B 110 4.84 -5.71 -11.23
CA LEU B 110 6.07 -5.16 -10.65
C LEU B 110 6.96 -6.22 -10.00
N THR B 111 6.27 -7.04 -9.23
CA THR B 111 6.78 -8.05 -8.28
C THR B 111 7.58 -7.47 -7.09
N SER B 112 7.90 -6.17 -7.13
CA SER B 112 8.48 -5.36 -6.04
C SER B 112 7.98 -3.92 -6.15
N LEU B 113 7.34 -3.40 -5.09
CA LEU B 113 7.05 -1.97 -4.94
C LEU B 113 7.64 -1.44 -3.62
N ASN B 114 8.24 -0.26 -3.67
CA ASN B 114 9.07 0.30 -2.59
C ASN B 114 8.90 1.83 -2.47
N VAL B 115 9.39 2.40 -1.36
CA VAL B 115 9.01 3.74 -0.88
C VAL B 115 10.24 4.49 -0.33
N LYS B 116 10.21 5.82 -0.40
CA LYS B 116 11.17 6.74 0.25
C LYS B 116 10.56 7.98 0.91
N TYR B 117 9.38 8.40 0.47
CA TYR B 117 8.80 9.72 0.74
C TYR B 117 7.26 9.80 0.79
N ASN B 118 6.70 9.55 1.97
CA ASN B 118 5.37 10.00 2.46
C ASN B 118 5.09 11.53 2.46
N ASN B 119 5.72 12.31 1.58
CA ASN B 119 5.45 13.73 1.38
C ASN B 119 3.97 14.00 1.02
N ASP B 120 3.40 13.16 0.14
CA ASP B 120 1.97 13.19 -0.23
C ASP B 120 1.38 11.81 -0.59
N LYS B 121 2.22 10.79 -0.84
CA LYS B 121 1.89 9.68 -1.76
C LYS B 121 2.07 8.24 -1.23
N SER B 122 2.84 8.00 -0.17
CA SER B 122 3.40 6.65 0.07
C SER B 122 4.30 6.55 1.30
N ARG B 123 3.94 5.71 2.28
CA ARG B 123 4.74 5.41 3.47
C ARG B 123 4.95 3.92 3.75
N ASP B 124 5.93 3.66 4.60
CA ASP B 124 6.59 2.36 4.76
C ASP B 124 6.74 2.00 6.25
N TYR B 125 6.44 0.74 6.59
CA TYR B 125 6.43 0.24 7.96
C TYR B 125 7.62 -0.71 8.28
N THR B 126 8.46 -1.03 7.28
CA THR B 126 9.83 -1.50 7.51
C THR B 126 10.72 -0.35 7.97
N ARG B 127 10.53 0.82 7.36
CA ARG B 127 11.02 2.13 7.78
C ARG B 127 10.23 2.67 9.00
N PRO B 128 10.71 3.76 9.62
CA PRO B 128 10.05 4.38 10.79
C PRO B 128 8.64 4.88 10.48
N ASP B 129 8.49 5.47 9.29
CA ASP B 129 7.52 6.49 8.90
C ASP B 129 7.87 6.93 7.49
N LEU B 130 9.19 7.02 7.27
CA LEU B 130 9.95 7.81 6.37
C LEU B 130 9.98 9.34 6.65
N PRO B 131 11.00 10.07 6.14
CA PRO B 131 11.28 11.50 6.38
C PRO B 131 10.12 12.48 6.17
N SER B 132 9.27 12.14 5.21
CA SER B 132 8.21 12.93 4.58
C SER B 132 8.71 14.09 3.69
N GLY B 133 10.00 14.12 3.37
CA GLY B 133 10.56 15.06 2.40
C GLY B 133 12.06 14.89 2.16
N ASP B 134 12.50 15.40 1.02
CA ASP B 134 13.90 15.45 0.60
C ASP B 134 14.75 16.38 1.48
N SER B 135 14.24 17.58 1.77
CA SER B 135 14.78 18.53 2.76
C SER B 135 14.47 18.09 4.21
N GLN B 136 15.03 18.80 5.19
CA GLN B 136 14.81 18.61 6.61
C GLN B 136 14.45 19.96 7.28
N PRO B 137 13.70 19.95 8.40
CA PRO B 137 13.47 21.10 9.26
C PRO B 137 14.74 21.80 9.77
N SER B 138 14.52 22.97 10.35
CA SER B 138 15.42 23.79 11.14
C SER B 138 14.63 24.59 12.16
N LEU B 139 15.17 24.80 13.33
CA LEU B 139 14.42 25.24 14.51
C LEU B 139 14.65 26.74 14.83
N ASP B 140 15.36 27.42 13.94
CA ASP B 140 15.41 28.87 13.75
C ASP B 140 14.13 29.41 13.08
N GLN B 141 13.49 28.57 12.25
CA GLN B 141 12.65 29.03 11.15
C GLN B 141 11.51 28.09 10.71
N THR B 142 11.68 26.78 10.92
CA THR B 142 10.68 25.77 10.50
C THR B 142 9.77 25.43 11.67
N MET B 143 10.34 24.75 12.66
CA MET B 143 9.67 24.35 13.88
C MET B 143 9.74 25.44 14.95
N ALA B 144 10.55 26.50 14.76
CA ALA B 144 10.82 27.57 15.73
C ALA B 144 9.65 28.11 16.61
N ALA B 145 8.41 28.08 16.11
CA ALA B 145 7.20 28.41 16.88
C ALA B 145 6.88 27.43 18.03
N ALA B 146 7.47 26.22 18.02
CA ALA B 146 7.27 25.12 18.97
C ALA B 146 8.57 24.34 19.29
N PHE B 147 9.34 23.91 18.28
CA PHE B 147 10.66 23.27 18.26
C PHE B 147 10.97 22.06 19.19
N GLY B 148 10.06 21.67 20.09
CA GLY B 148 10.16 20.52 21.01
C GLY B 148 8.85 19.76 21.15
N ASP B 22 2.80 -24.04 -1.77
CA ASP B 22 2.25 -24.63 -3.02
C ASP B 22 1.33 -25.82 -2.72
N ALA B 23 1.87 -26.98 -2.31
CA ALA B 23 1.15 -28.22 -1.98
C ALA B 23 0.19 -28.77 -3.07
N GLY B 24 0.31 -28.31 -4.32
CA GLY B 24 -0.56 -28.66 -5.46
C GLY B 24 -1.50 -27.52 -5.90
N MET B 25 -1.65 -26.46 -5.10
CA MET B 25 -2.46 -25.27 -5.42
C MET B 25 -1.67 -24.30 -6.33
N ALA B 26 -1.40 -24.73 -7.55
CA ALA B 26 -0.59 -24.04 -8.58
C ALA B 26 -1.26 -22.78 -9.21
N MET B 27 -2.35 -22.28 -8.62
CA MET B 27 -3.15 -21.14 -9.10
C MET B 27 -2.35 -19.81 -9.14
N ALA B 28 -2.88 -18.82 -9.88
CA ALA B 28 -2.30 -17.50 -10.06
C ALA B 28 -2.19 -16.72 -8.73
N GLY B 29 -0.95 -16.46 -8.28
CA GLY B 29 -0.60 -15.74 -7.07
C GLY B 29 0.89 -15.45 -7.04
N GLN B 30 1.42 -15.57 -5.84
CA GLN B 30 2.75 -16.07 -5.52
C GLN B 30 3.86 -15.02 -5.73
N SER B 31 3.43 -13.83 -6.14
CA SER B 31 4.13 -12.56 -6.11
C SER B 31 3.79 -11.79 -4.83
N PRO B 32 4.77 -11.19 -4.14
CA PRO B 32 4.58 -10.55 -2.82
C PRO B 32 3.85 -9.20 -2.82
N VAL B 33 3.36 -8.66 -3.94
CA VAL B 33 2.82 -7.28 -4.01
C VAL B 33 1.51 -7.14 -4.81
N LEU B 34 0.74 -6.11 -4.43
CA LEU B 34 -0.68 -5.93 -4.60
C LEU B 34 -1.08 -4.58 -5.20
N ARG B 35 -1.60 -4.64 -6.44
CA ARG B 35 -2.35 -3.62 -7.17
C ARG B 35 -3.76 -3.43 -6.57
N ILE B 36 -4.03 -2.35 -5.85
CA ILE B 36 -5.36 -2.03 -5.30
C ILE B 36 -5.96 -0.84 -6.04
N ILE B 37 -7.28 -0.86 -6.23
CA ILE B 37 -8.01 0.14 -6.98
C ILE B 37 -9.43 0.32 -6.41
N VAL B 38 -10.08 1.42 -6.79
CA VAL B 38 -11.50 1.75 -6.50
C VAL B 38 -11.95 1.46 -5.07
N GLU B 39 -11.12 1.88 -4.12
CA GLU B 39 -11.51 2.22 -2.76
C GLU B 39 -12.27 3.56 -2.74
N ASN B 40 -12.78 3.85 -1.56
CA ASN B 40 -13.86 4.78 -1.27
C ASN B 40 -13.40 5.88 -0.27
N LEU B 41 -12.08 6.05 -0.14
CA LEU B 41 -11.40 6.51 1.07
C LEU B 41 -10.47 7.72 0.79
N PHE B 42 -9.62 7.62 -0.24
CA PHE B 42 -8.78 8.66 -0.86
C PHE B 42 -7.68 9.33 0.02
N TYR B 43 -7.73 9.22 1.35
CA TYR B 43 -6.95 10.02 2.31
C TYR B 43 -5.73 9.30 2.94
N PRO B 44 -4.74 9.99 3.55
CA PRO B 44 -3.57 9.40 4.26
C PRO B 44 -3.77 8.38 5.39
N VAL B 45 -5.02 8.04 5.67
CA VAL B 45 -5.48 7.02 6.63
C VAL B 45 -6.22 5.84 5.97
N THR B 46 -6.43 5.87 4.64
CA THR B 46 -6.48 4.72 3.72
C THR B 46 -5.35 3.79 4.06
N LEU B 47 -4.17 4.37 4.12
CA LEU B 47 -2.87 3.76 4.26
C LEU B 47 -2.85 2.89 5.54
N ASP B 48 -3.27 3.48 6.67
CA ASP B 48 -3.43 2.85 7.97
C ASP B 48 -4.64 1.90 8.05
N VAL B 49 -5.71 2.20 7.30
CA VAL B 49 -6.86 1.32 7.08
C VAL B 49 -6.46 0.09 6.27
N LEU B 50 -5.57 0.22 5.31
CA LEU B 50 -5.05 -0.92 4.56
C LEU B 50 -4.19 -1.81 5.46
N HIS B 51 -3.40 -1.22 6.36
CA HIS B 51 -2.79 -1.98 7.45
C HIS B 51 -3.87 -2.70 8.28
N GLN B 52 -4.90 -1.99 8.73
CA GLN B 52 -5.88 -2.50 9.69
C GLN B 52 -6.77 -3.65 9.16
N ILE B 53 -7.02 -3.67 7.85
CA ILE B 53 -7.92 -4.60 7.15
C ILE B 53 -7.17 -5.79 6.56
N PHE B 54 -5.96 -5.57 6.02
CA PHE B 54 -5.12 -6.63 5.46
C PHE B 54 -4.26 -7.32 6.54
N SER B 55 -3.99 -6.68 7.69
CA SER B 55 -3.33 -7.37 8.82
C SER B 55 -4.20 -8.48 9.44
N LYS B 56 -5.49 -8.51 9.07
CA LYS B 56 -6.46 -9.54 9.44
C LYS B 56 -6.23 -10.86 8.70
N PHE B 57 -5.52 -10.80 7.56
CA PHE B 57 -5.20 -11.96 6.72
C PHE B 57 -3.75 -12.42 6.89
N GLY B 58 -2.81 -11.47 7.01
CA GLY B 58 -1.38 -11.74 7.18
C GLY B 58 -0.60 -10.51 7.63
N THR B 59 0.51 -10.24 6.94
CA THR B 59 1.47 -9.18 7.29
C THR B 59 1.82 -8.36 6.06
N VAL B 60 1.18 -7.19 5.90
CA VAL B 60 1.63 -6.20 4.90
C VAL B 60 3.03 -5.67 5.25
N LEU B 61 3.65 -4.96 4.31
CA LEU B 61 5.07 -4.61 4.35
C LEU B 61 5.35 -3.16 3.99
N LYS B 62 4.76 -2.70 2.87
CA LYS B 62 4.91 -1.28 2.43
C LYS B 62 3.64 -0.85 1.70
N ILE B 63 3.19 0.39 1.83
CA ILE B 63 1.88 0.82 1.29
C ILE B 63 1.97 2.20 0.63
N ILE B 64 1.37 2.30 -0.56
CA ILE B 64 1.44 3.47 -1.46
C ILE B 64 0.03 3.77 -1.99
N THR B 65 -0.31 5.05 -2.14
CA THR B 65 -1.69 5.55 -2.24
C THR B 65 -1.82 6.80 -3.13
N PHE B 66 -2.28 6.65 -4.37
CA PHE B 66 -2.39 7.77 -5.34
C PHE B 66 -3.71 7.81 -6.13
N THR B 67 -4.08 9.03 -6.54
CA THR B 67 -4.93 9.26 -7.70
C THR B 67 -4.13 8.98 -8.99
N LYS B 68 -4.76 8.36 -9.98
CA LYS B 68 -4.27 8.26 -11.36
C LYS B 68 -5.30 8.84 -12.33
N ASN B 69 -5.04 10.06 -12.80
CA ASN B 69 -5.90 10.92 -13.62
C ASN B 69 -7.29 11.21 -13.00
N ASN B 70 -8.19 10.23 -13.01
CA ASN B 70 -9.57 10.32 -12.50
C ASN B 70 -9.95 9.18 -11.52
N GLN B 71 -9.11 8.15 -11.40
CA GLN B 71 -9.27 7.01 -10.47
C GLN B 71 -8.48 7.21 -9.18
N PHE B 72 -8.76 6.36 -8.19
CA PHE B 72 -7.91 6.21 -7.00
C PHE B 72 -7.42 4.76 -6.84
N GLN B 73 -6.13 4.65 -6.59
CA GLN B 73 -5.32 3.44 -6.46
C GLN B 73 -4.71 3.34 -5.07
N ALA B 74 -4.42 2.11 -4.66
CA ALA B 74 -3.35 1.82 -3.73
C ALA B 74 -2.45 0.70 -4.27
N LEU B 75 -1.32 0.49 -3.64
CA LEU B 75 -0.19 -0.25 -4.17
C LEU B 75 0.60 -0.67 -2.94
N LEU B 76 0.44 -1.93 -2.54
CA LEU B 76 1.06 -2.44 -1.31
C LEU B 76 1.86 -3.71 -1.52
N GLN B 77 2.79 -3.96 -0.63
CA GLN B 77 3.64 -5.14 -0.62
C GLN B 77 3.42 -5.86 0.70
N TYR B 78 3.60 -7.17 0.69
CA TYR B 78 3.32 -8.10 1.77
C TYR B 78 4.58 -8.90 2.13
N ALA B 79 4.52 -9.55 3.28
CA ALA B 79 5.41 -10.63 3.69
C ALA B 79 5.20 -11.88 2.82
N ASP B 80 3.96 -12.34 2.79
CA ASP B 80 3.54 -13.63 2.26
C ASP B 80 2.41 -13.51 1.21
N PRO B 81 2.60 -14.11 0.03
CA PRO B 81 1.63 -14.10 -1.04
C PRO B 81 0.39 -14.97 -0.73
N VAL B 82 0.47 -15.95 0.19
CA VAL B 82 -0.60 -16.89 0.52
C VAL B 82 -1.64 -16.24 1.44
N SER B 83 -1.18 -15.47 2.42
CA SER B 83 -2.06 -14.58 3.18
C SER B 83 -2.61 -13.46 2.30
N ALA B 84 -1.84 -12.97 1.32
CA ALA B 84 -2.33 -12.00 0.34
C ALA B 84 -3.35 -12.62 -0.66
N GLN B 85 -3.22 -13.91 -0.98
CA GLN B 85 -4.17 -14.71 -1.76
C GLN B 85 -5.51 -14.71 -1.02
N HIS B 86 -5.54 -15.12 0.24
CA HIS B 86 -6.70 -15.04 1.11
C HIS B 86 -7.34 -13.62 1.19
N ALA B 87 -6.52 -12.58 1.21
CA ALA B 87 -7.01 -11.20 1.18
C ALA B 87 -7.59 -10.77 -0.19
N LYS B 88 -7.20 -11.41 -1.30
CA LYS B 88 -7.67 -11.10 -2.67
C LYS B 88 -8.93 -11.86 -2.97
N LEU B 89 -8.94 -13.16 -2.77
CA LEU B 89 -10.14 -13.93 -2.42
C LEU B 89 -11.27 -13.09 -1.76
N SER B 90 -11.05 -12.67 -0.51
CA SER B 90 -12.05 -11.95 0.29
C SER B 90 -12.29 -10.51 -0.19
N LEU B 91 -11.25 -9.69 -0.19
CA LEU B 91 -11.35 -8.25 -0.44
C LEU B 91 -11.35 -7.88 -1.92
N ASP B 92 -10.94 -8.76 -2.84
CA ASP B 92 -11.35 -8.56 -4.25
C ASP B 92 -12.79 -9.02 -4.48
N GLY B 93 -13.18 -10.12 -3.82
CA GLY B 93 -14.51 -10.73 -3.86
C GLY B 93 -15.67 -9.75 -3.65
N GLN B 94 -15.59 -8.99 -2.56
CA GLN B 94 -16.60 -8.06 -2.05
C GLN B 94 -15.91 -6.88 -1.34
N ASN B 95 -16.59 -6.16 -0.44
CA ASN B 95 -15.94 -5.33 0.57
C ASN B 95 -15.30 -6.24 1.66
N ILE B 96 -14.99 -5.69 2.82
CA ILE B 96 -14.59 -6.42 4.03
C ILE B 96 -15.66 -7.40 4.56
N TYR B 97 -16.85 -6.90 4.89
CA TYR B 97 -18.03 -7.57 5.50
C TYR B 97 -19.20 -6.61 5.78
N ASN B 98 -18.92 -5.30 5.91
CA ASN B 98 -19.80 -4.27 6.49
C ASN B 98 -20.86 -3.72 5.50
N ALA B 99 -20.95 -4.28 4.28
CA ALA B 99 -21.74 -3.79 3.14
C ALA B 99 -21.35 -2.39 2.62
N CYS B 100 -20.24 -1.84 3.10
CA CYS B 100 -19.65 -0.53 2.73
C CYS B 100 -18.14 -0.67 2.50
N CYS B 101 -17.52 0.33 1.86
CA CYS B 101 -16.09 0.46 1.58
C CYS B 101 -15.52 -0.74 0.80
N THR B 102 -15.99 -0.91 -0.44
CA THR B 102 -15.47 -1.88 -1.41
C THR B 102 -14.01 -1.62 -1.81
N LEU B 103 -13.37 -2.64 -2.36
CA LEU B 103 -12.05 -2.65 -3.01
C LEU B 103 -12.10 -3.42 -4.34
N ARG B 104 -11.34 -2.97 -5.36
CA ARG B 104 -10.68 -3.89 -6.32
C ARG B 104 -9.25 -4.16 -5.83
N ILE B 105 -8.78 -5.40 -5.87
CA ILE B 105 -7.41 -5.74 -5.43
C ILE B 105 -6.88 -6.96 -6.22
N ASP B 106 -5.65 -6.85 -6.72
CA ASP B 106 -5.03 -7.77 -7.68
C ASP B 106 -3.55 -8.05 -7.36
N PHE B 107 -3.04 -9.20 -7.84
CA PHE B 107 -1.61 -9.48 -7.87
C PHE B 107 -0.94 -8.67 -8.98
N SER B 108 0.00 -7.81 -8.58
CA SER B 108 0.71 -6.87 -9.46
C SER B 108 1.64 -7.57 -10.50
N LYS B 109 2.00 -6.85 -11.58
CA LYS B 109 3.21 -7.17 -12.38
C LYS B 109 4.53 -6.89 -11.66
N LEU B 110 4.53 -5.96 -10.70
CA LEU B 110 5.66 -5.61 -9.84
C LEU B 110 5.86 -6.74 -8.80
N THR B 111 7.12 -7.09 -8.52
CA THR B 111 7.53 -8.01 -7.43
C THR B 111 8.29 -7.31 -6.30
N SER B 112 8.42 -5.98 -6.38
CA SER B 112 8.73 -5.07 -5.25
C SER B 112 8.04 -3.71 -5.42
N LEU B 113 7.62 -3.09 -4.31
CA LEU B 113 7.15 -1.70 -4.25
C LEU B 113 8.17 -0.82 -3.50
N ASN B 114 9.03 -0.17 -4.28
CA ASN B 114 10.16 0.65 -3.85
C ASN B 114 9.68 2.08 -3.54
N VAL B 115 9.24 2.35 -2.31
CA VAL B 115 8.52 3.57 -1.87
C VAL B 115 9.15 4.88 -2.33
N LYS B 116 8.55 5.51 -3.36
CA LYS B 116 8.79 6.90 -3.74
C LYS B 116 8.06 7.86 -2.80
N TYR B 117 8.55 7.89 -1.57
CA TYR B 117 8.56 9.04 -0.65
C TYR B 117 7.18 9.55 -0.20
N ASN B 118 6.79 9.09 1.00
CA ASN B 118 5.78 9.53 1.96
C ASN B 118 5.47 11.04 2.19
N ASN B 119 5.63 11.92 1.20
CA ASN B 119 5.17 13.31 1.25
C ASN B 119 3.65 13.42 1.53
N ASP B 120 2.84 12.83 0.63
CA ASP B 120 1.38 12.68 0.78
C ASP B 120 0.83 11.39 0.11
N LYS B 121 1.71 10.55 -0.45
CA LYS B 121 1.43 9.51 -1.45
C LYS B 121 1.77 8.08 -1.01
N SER B 122 2.35 7.89 0.18
CA SER B 122 2.85 6.59 0.62
C SER B 122 3.34 6.59 2.07
N ARG B 123 3.81 5.43 2.53
CA ARG B 123 5.05 5.21 3.31
C ARG B 123 5.50 3.74 3.37
N ASP B 124 6.64 3.53 4.01
CA ASP B 124 7.31 2.23 4.14
C ASP B 124 7.26 1.75 5.60
N TYR B 125 6.70 0.56 5.86
CA TYR B 125 6.50 0.08 7.24
C TYR B 125 7.67 -0.75 7.79
N THR B 126 8.67 -1.14 6.99
CA THR B 126 9.92 -1.75 7.51
C THR B 126 10.95 -0.68 7.86
N ARG B 127 10.96 0.42 7.10
CA ARG B 127 11.68 1.67 7.38
C ARG B 127 11.11 2.42 8.60
N PRO B 128 11.82 3.44 9.11
CA PRO B 128 11.48 4.12 10.38
C PRO B 128 10.09 4.77 10.38
N ASP B 129 9.75 5.30 9.21
CA ASP B 129 8.84 6.39 8.87
C ASP B 129 8.91 6.63 7.36
N LEU B 130 10.15 6.58 6.83
CA LEU B 130 10.66 6.94 5.51
C LEU B 130 10.98 8.46 5.42
N PRO B 131 12.10 8.88 4.79
CA PRO B 131 12.64 10.25 4.88
C PRO B 131 11.69 11.38 4.47
N SER B 132 11.09 11.17 3.32
CA SER B 132 10.30 12.09 2.48
C SER B 132 11.16 13.00 1.57
N GLY B 133 12.48 12.98 1.72
CA GLY B 133 13.38 13.90 1.03
C GLY B 133 14.86 13.61 1.26
N ASP B 134 15.43 12.70 0.46
CA ASP B 134 16.87 12.39 0.52
C ASP B 134 17.76 13.49 -0.06
N SER B 135 17.23 14.24 -1.03
CA SER B 135 17.90 15.33 -1.76
C SER B 135 18.34 16.51 -0.87
N GLN B 136 19.41 17.21 -1.28
CA GLN B 136 19.98 18.37 -0.61
C GLN B 136 19.10 19.65 -0.72
N PRO B 137 19.37 20.67 0.13
CA PRO B 137 18.90 22.05 0.00
C PRO B 137 19.19 22.73 -1.35
N SER B 138 18.76 23.98 -1.47
CA SER B 138 18.98 24.92 -2.56
C SER B 138 19.18 26.32 -1.99
N LEU B 139 19.99 27.14 -2.67
CA LEU B 139 20.60 28.33 -2.06
C LEU B 139 20.02 29.65 -2.61
N ASP B 140 19.02 29.53 -3.48
CA ASP B 140 18.06 30.57 -3.87
C ASP B 140 16.98 30.81 -2.81
N GLN B 141 16.73 29.77 -1.98
CA GLN B 141 15.47 29.62 -1.26
C GLN B 141 15.53 28.94 0.12
N THR B 142 16.53 28.10 0.37
CA THR B 142 16.67 27.35 1.63
C THR B 142 17.88 27.86 2.41
N MET B 143 19.09 27.53 1.94
CA MET B 143 20.34 28.10 2.41
C MET B 143 20.54 29.53 1.91
N ALA B 144 19.61 30.08 1.14
CA ALA B 144 19.61 31.53 0.90
C ALA B 144 19.63 32.43 2.16
N ALA B 145 19.31 31.88 3.34
CA ALA B 145 19.44 32.51 4.67
C ALA B 145 20.50 31.86 5.59
N ALA B 146 21.25 30.84 5.13
CA ALA B 146 22.18 30.03 5.94
C ALA B 146 23.46 29.51 5.24
N PHE B 147 23.56 29.61 3.91
CA PHE B 147 24.67 29.21 3.04
C PHE B 147 26.05 29.67 3.58
N GLY B 148 26.19 30.97 3.85
CA GLY B 148 27.41 31.63 4.36
C GLY B 148 27.17 33.07 4.82
N ASP B 22 -11.75 -20.91 -14.64
CA ASP B 22 -10.96 -22.17 -14.68
C ASP B 22 -11.13 -22.94 -13.35
N ALA B 23 -10.13 -23.73 -12.91
CA ALA B 23 -10.23 -24.59 -11.72
C ALA B 23 -10.43 -23.84 -10.37
N GLY B 24 -10.01 -22.58 -10.29
CA GLY B 24 -10.23 -21.69 -9.13
C GLY B 24 -9.26 -20.50 -9.06
N MET B 25 -9.50 -19.58 -8.12
CA MET B 25 -8.68 -18.37 -7.93
C MET B 25 -7.23 -18.68 -7.52
N ALA B 26 -6.99 -19.81 -6.84
CA ALA B 26 -5.67 -20.29 -6.42
C ALA B 26 -4.71 -20.61 -7.60
N MET B 27 -5.20 -20.68 -8.84
CA MET B 27 -4.39 -20.90 -10.05
C MET B 27 -3.53 -19.70 -10.47
N ALA B 28 -3.74 -18.56 -9.82
CA ALA B 28 -3.09 -17.27 -10.08
C ALA B 28 -2.80 -16.50 -8.77
N GLY B 29 -1.51 -16.32 -8.43
CA GLY B 29 -1.04 -15.59 -7.26
C GLY B 29 0.44 -15.28 -7.36
N GLN B 30 1.10 -15.39 -6.21
CA GLN B 30 2.44 -15.89 -6.01
C GLN B 30 3.52 -14.83 -6.30
N SER B 31 3.06 -13.63 -6.64
CA SER B 31 3.74 -12.36 -6.47
C SER B 31 3.44 -11.79 -5.07
N PRO B 32 4.45 -11.41 -4.27
CA PRO B 32 4.29 -10.88 -2.91
C PRO B 32 3.76 -9.43 -2.84
N VAL B 33 3.24 -8.86 -3.95
CA VAL B 33 2.88 -7.42 -4.05
C VAL B 33 1.59 -7.18 -4.87
N LEU B 34 0.86 -6.15 -4.45
CA LEU B 34 -0.58 -6.00 -4.53
C LEU B 34 -1.01 -4.64 -5.10
N ARG B 35 -1.50 -4.68 -6.34
CA ARG B 35 -2.30 -3.70 -7.08
C ARG B 35 -3.72 -3.54 -6.50
N ILE B 36 -3.93 -2.61 -5.59
CA ILE B 36 -5.25 -2.31 -4.98
C ILE B 36 -5.89 -1.09 -5.65
N ILE B 37 -7.21 -1.13 -5.84
CA ILE B 37 -7.95 -0.18 -6.65
C ILE B 37 -9.39 -0.03 -6.13
N VAL B 38 -10.05 1.09 -6.45
CA VAL B 38 -11.48 1.38 -6.17
C VAL B 38 -11.96 1.00 -4.76
N GLU B 39 -11.10 1.32 -3.79
CA GLU B 39 -11.43 1.77 -2.45
C GLU B 39 -12.23 3.09 -2.46
N ASN B 40 -12.56 3.52 -1.26
CA ASN B 40 -13.61 4.49 -0.91
C ASN B 40 -13.00 5.84 -0.43
N LEU B 41 -11.70 6.04 -0.66
CA LEU B 41 -10.76 6.73 0.24
C LEU B 41 -9.99 7.87 -0.47
N PHE B 42 -9.07 8.53 0.25
CA PHE B 42 -8.59 9.88 -0.10
C PHE B 42 -7.08 10.13 0.07
N TYR B 43 -6.44 9.66 1.15
CA TYR B 43 -5.05 9.98 1.54
C TYR B 43 -4.60 9.17 2.77
N PRO B 44 -3.29 9.08 3.08
CA PRO B 44 -2.78 8.37 4.28
C PRO B 44 -3.56 8.70 5.57
N VAL B 45 -3.93 7.63 6.29
CA VAL B 45 -5.27 7.31 6.84
C VAL B 45 -6.12 6.51 5.82
N THR B 46 -5.40 5.69 5.06
CA THR B 46 -5.86 4.83 3.98
C THR B 46 -4.90 3.65 3.95
N LEU B 47 -3.61 3.88 3.72
CA LEU B 47 -2.57 2.85 3.84
C LEU B 47 -2.42 2.26 5.24
N ASP B 48 -2.65 3.06 6.26
CA ASP B 48 -2.64 2.64 7.67
C ASP B 48 -3.85 1.72 7.96
N VAL B 49 -4.86 1.79 7.10
CA VAL B 49 -6.13 1.07 7.20
C VAL B 49 -6.08 -0.19 6.35
N LEU B 50 -5.48 -0.14 5.17
CA LEU B 50 -5.04 -1.32 4.45
C LEU B 50 -4.10 -2.16 5.31
N HIS B 51 -3.18 -1.53 6.05
CA HIS B 51 -2.37 -2.22 7.06
C HIS B 51 -3.26 -2.89 8.11
N GLN B 52 -4.22 -2.15 8.69
CA GLN B 52 -5.02 -2.63 9.81
C GLN B 52 -6.00 -3.77 9.45
N ILE B 53 -6.39 -3.87 8.18
CA ILE B 53 -7.40 -4.81 7.64
C ILE B 53 -6.73 -5.99 6.92
N PHE B 54 -5.69 -5.76 6.13
CA PHE B 54 -4.93 -6.83 5.48
C PHE B 54 -3.96 -7.54 6.44
N SER B 55 -3.54 -6.90 7.55
CA SER B 55 -2.80 -7.63 8.61
C SER B 55 -3.65 -8.65 9.37
N LYS B 56 -4.97 -8.67 9.13
CA LYS B 56 -5.91 -9.67 9.63
C LYS B 56 -5.79 -11.00 8.86
N PHE B 57 -5.23 -10.95 7.65
CA PHE B 57 -5.01 -12.12 6.78
C PHE B 57 -3.55 -12.57 6.79
N GLY B 58 -2.60 -11.63 6.94
CA GLY B 58 -1.17 -11.90 7.09
C GLY B 58 -0.38 -10.69 7.59
N THR B 59 0.56 -10.21 6.79
CA THR B 59 1.50 -9.15 7.17
C THR B 59 1.84 -8.32 5.94
N VAL B 60 1.19 -7.17 5.74
CA VAL B 60 1.64 -6.21 4.72
C VAL B 60 2.99 -5.59 5.13
N LEU B 61 3.68 -4.94 4.20
CA LEU B 61 5.05 -4.46 4.37
C LEU B 61 5.14 -2.97 4.10
N LYS B 62 4.81 -2.55 2.87
CA LYS B 62 5.10 -1.15 2.43
C LYS B 62 4.09 -0.71 1.38
N ILE B 63 3.65 0.55 1.39
CA ILE B 63 2.42 0.96 0.68
C ILE B 63 2.57 2.32 -0.04
N ILE B 64 1.94 2.43 -1.20
CA ILE B 64 1.70 3.66 -1.99
C ILE B 64 0.18 3.94 -2.04
N THR B 65 -0.22 5.21 -2.09
CA THR B 65 -1.63 5.66 -2.24
C THR B 65 -1.75 6.84 -3.22
N PHE B 66 -2.33 6.62 -4.41
CA PHE B 66 -2.58 7.69 -5.40
C PHE B 66 -3.92 7.59 -6.17
N THR B 67 -4.14 8.51 -7.11
CA THR B 67 -5.29 8.58 -8.04
C THR B 67 -4.79 8.68 -9.48
N LYS B 68 -5.54 8.10 -10.42
CA LYS B 68 -5.46 8.27 -11.88
C LYS B 68 -6.86 8.55 -12.45
N ASN B 69 -7.03 8.49 -13.77
CA ASN B 69 -8.31 8.75 -14.47
C ASN B 69 -9.51 8.09 -13.76
N ASN B 70 -10.33 8.90 -13.07
CA ASN B 70 -11.53 8.58 -12.29
C ASN B 70 -11.44 7.46 -11.23
N GLN B 71 -10.23 6.97 -10.94
CA GLN B 71 -9.95 5.85 -10.04
C GLN B 71 -8.91 6.17 -8.97
N PHE B 72 -9.15 5.66 -7.76
CA PHE B 72 -8.21 5.67 -6.65
C PHE B 72 -7.50 4.31 -6.53
N GLN B 73 -6.17 4.34 -6.43
CA GLN B 73 -5.28 3.21 -6.21
C GLN B 73 -4.68 3.20 -4.79
N ALA B 74 -4.32 2.00 -4.34
CA ALA B 74 -3.21 1.75 -3.44
C ALA B 74 -2.33 0.63 -4.03
N LEU B 75 -1.07 0.56 -3.61
CA LEU B 75 -0.11 -0.32 -4.25
C LEU B 75 0.90 -0.74 -3.20
N LEU B 76 1.02 -2.03 -2.91
CA LEU B 76 1.63 -2.47 -1.67
C LEU B 76 2.43 -3.73 -1.81
N GLN B 77 3.37 -3.93 -0.89
CA GLN B 77 4.14 -5.15 -0.74
C GLN B 77 3.74 -5.81 0.56
N TYR B 78 3.73 -7.14 0.55
CA TYR B 78 3.36 -8.03 1.63
C TYR B 78 4.58 -8.88 2.00
N ALA B 79 4.46 -9.61 3.11
CA ALA B 79 5.34 -10.71 3.44
C ALA B 79 5.22 -11.84 2.41
N ASP B 80 3.99 -12.34 2.26
CA ASP B 80 3.68 -13.57 1.56
C ASP B 80 2.46 -13.44 0.64
N PRO B 81 2.52 -14.12 -0.51
CA PRO B 81 1.47 -14.15 -1.50
C PRO B 81 0.29 -15.01 -1.08
N VAL B 82 0.42 -15.95 -0.14
CA VAL B 82 -0.60 -16.92 0.27
C VAL B 82 -1.60 -16.27 1.24
N SER B 83 -1.10 -15.49 2.19
CA SER B 83 -1.92 -14.59 3.00
C SER B 83 -2.51 -13.46 2.16
N ALA B 84 -1.77 -12.98 1.15
CA ALA B 84 -2.33 -12.03 0.19
C ALA B 84 -3.41 -12.65 -0.73
N GLN B 85 -3.31 -13.94 -1.10
CA GLN B 85 -4.32 -14.74 -1.80
C GLN B 85 -5.59 -14.79 -0.96
N HIS B 86 -5.52 -15.12 0.33
CA HIS B 86 -6.63 -15.09 1.27
C HIS B 86 -7.32 -13.71 1.37
N ALA B 87 -6.57 -12.62 1.29
CA ALA B 87 -7.14 -11.28 1.22
C ALA B 87 -7.70 -10.91 -0.17
N LYS B 88 -7.28 -11.58 -1.25
CA LYS B 88 -7.71 -11.32 -2.64
C LYS B 88 -9.01 -12.05 -2.95
N LEU B 89 -9.09 -13.32 -2.61
CA LEU B 89 -10.30 -13.96 -2.15
C LEU B 89 -11.30 -13.00 -1.46
N SER B 90 -11.00 -12.62 -0.21
CA SER B 90 -11.96 -11.98 0.70
C SER B 90 -12.29 -10.52 0.36
N LEU B 91 -11.36 -9.79 -0.24
CA LEU B 91 -11.47 -8.35 -0.50
C LEU B 91 -11.36 -7.99 -1.98
N ASP B 92 -10.90 -8.90 -2.88
CA ASP B 92 -11.29 -8.67 -4.29
C ASP B 92 -12.75 -9.05 -4.53
N GLY B 93 -13.23 -10.08 -3.80
CA GLY B 93 -14.56 -10.66 -3.97
C GLY B 93 -15.75 -9.69 -3.72
N GLN B 94 -15.57 -8.75 -2.79
CA GLN B 94 -16.63 -7.87 -2.25
C GLN B 94 -16.06 -6.61 -1.56
N ASN B 95 -16.91 -5.89 -0.82
CA ASN B 95 -16.59 -4.83 0.16
C ASN B 95 -15.71 -5.35 1.32
N ILE B 96 -15.79 -4.65 2.45
CA ILE B 96 -14.76 -4.63 3.50
C ILE B 96 -15.39 -4.90 4.87
N TYR B 97 -16.53 -4.24 5.12
CA TYR B 97 -17.47 -4.47 6.22
C TYR B 97 -18.85 -3.94 5.81
N ASN B 98 -19.91 -4.35 6.51
CA ASN B 98 -21.32 -4.02 6.27
C ASN B 98 -21.72 -3.99 4.76
N ALA B 99 -21.69 -2.79 4.18
CA ALA B 99 -21.91 -2.47 2.76
C ALA B 99 -20.93 -1.36 2.29
N CYS B 100 -19.85 -1.11 3.04
CA CYS B 100 -18.86 -0.05 2.83
C CYS B 100 -18.21 -0.10 1.42
N CYS B 101 -18.78 0.69 0.51
CA CYS B 101 -18.71 0.66 -0.95
C CYS B 101 -18.17 -0.66 -1.53
N THR B 102 -16.90 -0.72 -1.92
CA THR B 102 -16.23 -1.90 -2.53
C THR B 102 -14.72 -1.95 -2.24
N LEU B 103 -14.04 -2.98 -2.73
CA LEU B 103 -12.63 -2.98 -3.08
C LEU B 103 -12.41 -3.70 -4.42
N ARG B 104 -11.38 -3.30 -5.18
CA ARG B 104 -10.65 -4.18 -6.10
C ARG B 104 -9.21 -4.38 -5.59
N ILE B 105 -8.68 -5.58 -5.73
CA ILE B 105 -7.32 -5.93 -5.31
C ILE B 105 -6.81 -7.11 -6.15
N ASP B 106 -5.69 -6.92 -6.81
CA ASP B 106 -5.04 -7.85 -7.73
C ASP B 106 -3.53 -7.95 -7.42
N PHE B 107 -2.87 -8.94 -8.01
CA PHE B 107 -1.41 -8.99 -8.02
C PHE B 107 -0.84 -8.03 -9.06
N SER B 108 0.30 -7.43 -8.75
CA SER B 108 0.97 -6.43 -9.58
C SER B 108 1.78 -7.04 -10.74
N LYS B 109 2.11 -6.20 -11.73
CA LYS B 109 3.22 -6.43 -12.69
C LYS B 109 4.60 -6.42 -12.02
N LEU B 110 4.77 -5.53 -11.03
CA LEU B 110 5.95 -5.40 -10.19
C LEU B 110 6.04 -6.55 -9.15
N THR B 111 7.25 -6.79 -8.64
CA THR B 111 7.52 -7.69 -7.50
C THR B 111 8.37 -7.05 -6.39
N SER B 112 8.56 -5.72 -6.44
CA SER B 112 9.54 -4.96 -5.64
C SER B 112 9.04 -3.63 -5.04
N LEU B 113 7.71 -3.47 -4.86
CA LEU B 113 7.02 -2.28 -4.36
C LEU B 113 7.72 -1.50 -3.23
N ASN B 114 8.19 -0.28 -3.53
CA ASN B 114 8.92 0.57 -2.59
C ASN B 114 8.49 2.05 -2.65
N VAL B 115 8.55 2.73 -1.51
CA VAL B 115 8.16 4.13 -1.27
C VAL B 115 9.22 5.15 -1.69
N LYS B 116 8.88 6.44 -1.51
CA LYS B 116 9.86 7.50 -1.22
C LYS B 116 9.48 8.37 -0.02
N TYR B 117 8.20 8.72 0.14
CA TYR B 117 7.69 9.81 1.01
C TYR B 117 6.17 9.75 1.32
N ASN B 118 5.81 9.50 2.58
CA ASN B 118 4.52 9.83 3.21
C ASN B 118 4.06 11.31 3.16
N ASN B 119 4.85 12.17 2.52
CA ASN B 119 4.56 13.59 2.28
C ASN B 119 3.21 13.79 1.56
N ASP B 120 2.96 12.98 0.54
CA ASP B 120 1.68 12.90 -0.18
C ASP B 120 1.32 11.47 -0.66
N LYS B 121 2.29 10.54 -0.68
CA LYS B 121 2.22 9.36 -1.58
C LYS B 121 2.43 7.98 -0.93
N SER B 122 3.38 7.78 -0.01
CA SER B 122 3.94 6.44 0.17
C SER B 122 4.73 6.23 1.47
N ARG B 123 4.24 5.36 2.36
CA ARG B 123 4.95 5.02 3.60
C ARG B 123 5.17 3.53 3.86
N ASP B 124 6.20 3.32 4.66
CA ASP B 124 6.97 2.08 4.79
C ASP B 124 6.99 1.64 6.24
N TYR B 125 6.68 0.36 6.51
CA TYR B 125 6.54 -0.12 7.89
C TYR B 125 7.80 -0.82 8.46
N THR B 126 8.90 -0.85 7.70
CA THR B 126 10.26 -0.97 8.26
C THR B 126 10.77 0.35 8.86
N ARG B 127 10.21 1.48 8.40
CA ARG B 127 10.55 2.87 8.78
C ARG B 127 9.69 3.34 9.98
N PRO B 128 9.98 4.51 10.56
CA PRO B 128 9.30 5.00 11.79
C PRO B 128 7.80 5.24 11.63
N ASP B 129 7.43 5.61 10.40
CA ASP B 129 6.29 6.38 9.92
C ASP B 129 6.60 6.94 8.53
N LEU B 130 7.90 7.23 8.31
CA LEU B 130 8.62 7.77 7.17
C LEU B 130 8.92 9.28 7.38
N PRO B 131 10.16 9.74 7.11
CA PRO B 131 10.62 11.10 7.40
C PRO B 131 9.75 12.28 6.96
N SER B 132 9.18 12.11 5.77
CA SER B 132 8.60 13.06 4.84
C SER B 132 9.59 14.03 4.16
N GLY B 133 10.86 13.99 4.59
CA GLY B 133 11.92 14.90 4.16
C GLY B 133 13.08 14.93 5.14
N ASP B 134 13.90 13.87 5.16
CA ASP B 134 15.07 13.80 6.04
C ASP B 134 16.12 14.87 5.66
N SER B 135 16.36 15.06 4.37
CA SER B 135 16.82 16.33 3.79
C SER B 135 15.61 17.26 3.57
N GLN B 136 15.79 18.52 3.95
CA GLN B 136 14.81 19.58 3.99
C GLN B 136 14.33 19.97 2.57
N PRO B 137 13.20 20.70 2.45
CA PRO B 137 12.68 21.26 1.21
C PRO B 137 13.73 21.96 0.36
N SER B 138 13.58 21.76 -0.95
CA SER B 138 14.44 22.14 -2.04
C SER B 138 13.62 22.34 -3.30
N LEU B 139 14.13 23.12 -4.23
CA LEU B 139 13.35 23.61 -5.37
C LEU B 139 13.82 23.02 -6.71
N ASP B 140 14.80 22.12 -6.62
CA ASP B 140 15.18 21.09 -7.59
C ASP B 140 14.16 19.95 -7.63
N GLN B 141 13.47 19.75 -6.51
CA GLN B 141 12.86 18.49 -6.14
C GLN B 141 11.56 18.55 -5.32
N THR B 142 11.49 19.37 -4.28
CA THR B 142 10.38 19.27 -3.29
C THR B 142 9.21 20.12 -3.76
N MET B 143 9.51 21.41 -3.88
CA MET B 143 8.63 22.47 -4.29
C MET B 143 8.61 22.54 -5.81
N ALA B 144 9.67 22.03 -6.48
CA ALA B 144 9.96 22.10 -7.92
C ALA B 144 8.78 22.02 -8.94
N ALA B 145 7.67 21.35 -8.62
CA ALA B 145 6.45 21.36 -9.42
C ALA B 145 5.85 22.79 -9.61
N ALA B 146 6.10 23.70 -8.67
CA ALA B 146 5.70 25.12 -8.73
C ALA B 146 6.72 26.11 -8.12
N PHE B 147 7.63 25.66 -7.24
CA PHE B 147 8.65 26.36 -6.45
C PHE B 147 8.21 27.56 -5.56
N GLY B 148 7.12 28.25 -5.87
CA GLY B 148 6.56 29.38 -5.10
C GLY B 148 5.17 29.78 -5.58
N ASP B 22 -18.70 -25.48 -4.18
CA ASP B 22 -17.51 -24.75 -4.71
C ASP B 22 -17.56 -24.67 -6.23
N ALA B 23 -17.24 -23.50 -6.81
CA ALA B 23 -17.31 -23.24 -8.25
C ALA B 23 -16.26 -24.00 -9.11
N GLY B 24 -15.21 -24.56 -8.50
CA GLY B 24 -14.15 -25.34 -9.15
C GLY B 24 -13.04 -24.53 -9.85
N MET B 25 -13.32 -23.27 -10.20
CA MET B 25 -12.34 -22.31 -10.73
C MET B 25 -11.40 -21.74 -9.64
N ALA B 26 -10.28 -21.15 -10.06
CA ALA B 26 -9.25 -20.55 -9.21
C ALA B 26 -8.57 -19.34 -9.89
N MET B 27 -7.59 -18.72 -9.22
CA MET B 27 -6.77 -17.61 -9.75
C MET B 27 -5.29 -17.77 -9.37
N ALA B 28 -4.41 -17.03 -10.06
CA ALA B 28 -2.98 -16.95 -9.78
C ALA B 28 -2.65 -16.10 -8.53
N GLY B 29 -1.37 -16.08 -8.15
CA GLY B 29 -0.83 -15.32 -7.02
C GLY B 29 0.67 -15.09 -7.19
N GLN B 30 1.35 -15.19 -6.04
CA GLN B 30 2.68 -15.72 -5.87
C GLN B 30 3.79 -14.70 -6.23
N SER B 31 3.36 -13.54 -6.72
CA SER B 31 4.01 -12.26 -6.57
C SER B 31 3.75 -11.70 -5.16
N PRO B 32 4.76 -11.14 -4.47
CA PRO B 32 4.64 -10.61 -3.11
C PRO B 32 3.89 -9.25 -3.01
N VAL B 33 3.38 -8.68 -4.11
CA VAL B 33 2.82 -7.31 -4.13
C VAL B 33 1.47 -7.19 -4.87
N LEU B 34 0.71 -6.19 -4.44
CA LEU B 34 -0.69 -5.98 -4.66
C LEU B 34 -1.01 -4.63 -5.32
N ARG B 35 -1.75 -4.71 -6.42
CA ARG B 35 -2.65 -3.69 -6.99
C ARG B 35 -3.90 -3.54 -6.11
N ILE B 36 -4.29 -2.33 -5.72
CA ILE B 36 -5.59 -2.01 -5.07
C ILE B 36 -6.19 -0.78 -5.72
N ILE B 37 -7.46 -0.89 -6.08
CA ILE B 37 -8.18 0.07 -6.90
C ILE B 37 -9.61 0.27 -6.36
N VAL B 38 -10.25 1.38 -6.75
CA VAL B 38 -11.68 1.69 -6.55
C VAL B 38 -12.21 1.55 -5.12
N GLU B 39 -11.29 1.73 -4.17
CA GLU B 39 -11.53 2.15 -2.79
C GLU B 39 -12.25 3.51 -2.72
N ASN B 40 -12.78 3.73 -1.54
CA ASN B 40 -13.80 4.70 -1.17
C ASN B 40 -13.17 6.01 -0.63
N LEU B 41 -11.89 6.19 -0.93
CA LEU B 41 -10.89 6.94 -0.15
C LEU B 41 -10.19 8.04 -0.99
N PHE B 42 -9.42 8.90 -0.33
CA PHE B 42 -8.99 10.20 -0.89
C PHE B 42 -7.55 10.65 -0.57
N TYR B 43 -6.93 10.10 0.47
CA TYR B 43 -5.64 10.55 1.05
C TYR B 43 -4.92 9.38 1.78
N PRO B 44 -3.71 9.53 2.36
CA PRO B 44 -3.06 8.49 3.18
C PRO B 44 -3.81 8.19 4.51
N VAL B 45 -3.18 7.45 5.43
CA VAL B 45 -3.72 6.71 6.61
C VAL B 45 -4.81 5.66 6.32
N THR B 46 -5.51 5.78 5.21
CA THR B 46 -5.72 4.72 4.21
C THR B 46 -4.64 3.68 4.26
N LEU B 47 -3.36 4.04 4.10
CA LEU B 47 -2.31 3.02 4.04
C LEU B 47 -2.05 2.27 5.35
N ASP B 48 -2.23 2.93 6.48
CA ASP B 48 -2.21 2.33 7.82
C ASP B 48 -3.48 1.50 8.08
N VAL B 49 -4.53 1.75 7.31
CA VAL B 49 -5.85 1.11 7.44
C VAL B 49 -5.94 -0.10 6.52
N LEU B 50 -5.38 0.02 5.32
CA LEU B 50 -5.10 -1.12 4.47
C LEU B 50 -4.17 -2.10 5.22
N HIS B 51 -3.15 -1.60 5.93
CA HIS B 51 -2.33 -2.44 6.80
C HIS B 51 -3.20 -3.12 7.87
N GLN B 52 -4.00 -2.35 8.62
CA GLN B 52 -4.73 -2.87 9.77
C GLN B 52 -5.76 -3.96 9.40
N ILE B 53 -6.48 -3.77 8.29
CA ILE B 53 -7.53 -4.68 7.78
C ILE B 53 -6.94 -5.86 7.01
N PHE B 54 -5.89 -5.65 6.22
CA PHE B 54 -5.24 -6.73 5.48
C PHE B 54 -4.34 -7.58 6.41
N SER B 55 -3.88 -7.05 7.55
CA SER B 55 -3.14 -7.83 8.56
C SER B 55 -4.01 -8.90 9.24
N LYS B 56 -5.33 -8.81 9.09
CA LYS B 56 -6.32 -9.83 9.45
C LYS B 56 -6.20 -11.07 8.57
N PHE B 57 -5.55 -10.95 7.40
CA PHE B 57 -5.31 -12.04 6.47
C PHE B 57 -3.85 -12.51 6.52
N GLY B 58 -2.90 -11.58 6.66
CA GLY B 58 -1.48 -11.85 6.90
C GLY B 58 -0.74 -10.75 7.65
N THR B 59 -0.24 -9.75 6.92
CA THR B 59 0.71 -8.76 7.49
C THR B 59 0.68 -7.40 6.77
N VAL B 60 0.73 -7.42 5.44
CA VAL B 60 1.33 -6.39 4.56
C VAL B 60 2.81 -6.09 4.88
N LEU B 61 3.47 -5.25 4.08
CA LEU B 61 4.86 -4.85 4.21
C LEU B 61 5.04 -3.33 4.06
N LYS B 62 4.66 -2.78 2.89
CA LYS B 62 4.85 -1.34 2.59
C LYS B 62 3.93 -0.82 1.50
N ILE B 63 3.62 0.49 1.50
CA ILE B 63 2.40 0.99 0.86
C ILE B 63 2.64 2.27 0.03
N ILE B 64 1.83 2.42 -1.02
CA ILE B 64 1.68 3.59 -1.89
C ILE B 64 0.18 3.94 -1.95
N THR B 65 -0.17 5.21 -2.07
CA THR B 65 -1.55 5.73 -2.24
C THR B 65 -1.65 6.88 -3.25
N PHE B 66 -2.11 6.64 -4.49
CA PHE B 66 -2.29 7.71 -5.51
C PHE B 66 -3.57 7.63 -6.37
N THR B 67 -3.84 8.71 -7.09
CA THR B 67 -4.92 8.85 -8.09
C THR B 67 -4.33 8.84 -9.52
N LYS B 68 -5.10 8.35 -10.50
CA LYS B 68 -4.80 8.43 -11.95
C LYS B 68 -5.97 9.05 -12.72
N ASN B 69 -6.29 8.60 -13.95
CA ASN B 69 -7.52 9.01 -14.65
C ASN B 69 -8.76 8.58 -13.84
N ASN B 70 -9.35 9.51 -13.08
CA ASN B 70 -10.48 9.44 -12.14
C ASN B 70 -10.49 8.33 -11.05
N GLN B 71 -9.72 7.25 -11.19
CA GLN B 71 -9.55 6.19 -10.20
C GLN B 71 -8.60 6.60 -9.08
N PHE B 72 -8.95 6.15 -7.87
CA PHE B 72 -8.03 6.11 -6.73
C PHE B 72 -7.47 4.68 -6.56
N GLN B 73 -6.19 4.63 -6.21
CA GLN B 73 -5.39 3.43 -5.99
C GLN B 73 -4.70 3.42 -4.62
N ALA B 74 -4.45 2.21 -4.15
CA ALA B 74 -3.28 1.88 -3.37
C ALA B 74 -2.47 0.78 -4.07
N LEU B 75 -1.22 0.64 -3.67
CA LEU B 75 -0.23 -0.26 -4.25
C LEU B 75 0.60 -0.68 -3.06
N LEU B 76 0.54 -1.95 -2.68
CA LEU B 76 1.16 -2.42 -1.45
C LEU B 76 1.93 -3.72 -1.61
N GLN B 77 3.06 -3.83 -0.92
CA GLN B 77 3.80 -5.07 -0.85
C GLN B 77 3.47 -5.79 0.44
N TYR B 78 3.56 -7.11 0.44
CA TYR B 78 3.16 -8.01 1.51
C TYR B 78 4.35 -8.87 1.96
N ALA B 79 4.24 -9.46 3.15
CA ALA B 79 5.11 -10.53 3.62
C ALA B 79 5.14 -11.71 2.64
N ASP B 80 3.95 -12.28 2.42
CA ASP B 80 3.70 -13.52 1.70
C ASP B 80 2.46 -13.43 0.80
N PRO B 81 2.53 -14.10 -0.34
CA PRO B 81 1.50 -14.13 -1.35
C PRO B 81 0.30 -15.01 -0.99
N VAL B 82 0.41 -15.96 -0.06
CA VAL B 82 -0.63 -16.93 0.31
C VAL B 82 -1.66 -16.31 1.24
N SER B 83 -1.18 -15.52 2.20
CA SER B 83 -2.03 -14.63 2.99
C SER B 83 -2.55 -13.45 2.17
N ALA B 84 -1.77 -12.97 1.18
CA ALA B 84 -2.31 -12.01 0.21
C ALA B 84 -3.37 -12.63 -0.73
N GLN B 85 -3.26 -13.92 -1.08
CA GLN B 85 -4.25 -14.71 -1.83
C GLN B 85 -5.56 -14.71 -1.05
N HIS B 86 -5.54 -15.07 0.24
CA HIS B 86 -6.68 -14.97 1.13
C HIS B 86 -7.33 -13.56 1.17
N ALA B 87 -6.54 -12.50 1.13
CA ALA B 87 -7.05 -11.13 1.04
C ALA B 87 -7.63 -10.77 -0.35
N LYS B 88 -7.21 -11.44 -1.44
CA LYS B 88 -7.67 -11.25 -2.82
C LYS B 88 -8.98 -11.97 -3.02
N LEU B 89 -9.01 -13.26 -2.77
CA LEU B 89 -10.18 -14.02 -2.38
C LEU B 89 -11.30 -13.18 -1.73
N SER B 90 -11.09 -12.75 -0.49
CA SER B 90 -12.10 -12.06 0.33
C SER B 90 -12.38 -10.65 -0.18
N LEU B 91 -11.34 -9.80 -0.23
CA LEU B 91 -11.49 -8.36 -0.47
C LEU B 91 -11.54 -8.01 -1.96
N ASP B 92 -11.12 -8.89 -2.88
CA ASP B 92 -11.50 -8.69 -4.30
C ASP B 92 -12.92 -9.22 -4.57
N GLY B 93 -13.30 -10.31 -3.89
CA GLY B 93 -14.62 -10.94 -4.00
C GLY B 93 -15.78 -9.98 -3.71
N GLN B 94 -15.66 -9.26 -2.58
CA GLN B 94 -16.63 -8.36 -1.99
C GLN B 94 -15.90 -7.36 -1.06
N ASN B 95 -16.65 -6.62 -0.23
CA ASN B 95 -16.13 -5.81 0.85
C ASN B 95 -15.76 -6.70 2.07
N ILE B 96 -16.43 -6.51 3.21
CA ILE B 96 -16.20 -7.17 4.50
C ILE B 96 -17.48 -7.18 5.34
N TYR B 97 -18.17 -6.04 5.46
CA TYR B 97 -19.38 -5.87 6.30
C TYR B 97 -20.30 -4.75 5.81
N ASN B 98 -21.61 -4.86 6.08
CA ASN B 98 -22.71 -3.98 5.68
C ASN B 98 -22.86 -3.77 4.15
N ALA B 99 -21.93 -2.98 3.59
CA ALA B 99 -21.84 -2.48 2.21
C ALA B 99 -20.56 -1.63 1.96
N CYS B 100 -19.77 -1.31 3.00
CA CYS B 100 -18.71 -0.30 2.98
C CYS B 100 -17.31 -0.95 2.94
N CYS B 101 -16.28 -0.15 2.63
CA CYS B 101 -14.86 -0.55 2.51
C CYS B 101 -14.60 -1.54 1.34
N THR B 102 -15.38 -1.45 0.26
CA THR B 102 -15.22 -2.29 -0.94
C THR B 102 -14.02 -1.90 -1.81
N LEU B 103 -13.50 -2.85 -2.61
CA LEU B 103 -12.30 -2.71 -3.45
C LEU B 103 -12.42 -3.45 -4.80
N ARG B 104 -11.58 -3.08 -5.77
CA ARG B 104 -10.87 -4.06 -6.62
C ARG B 104 -9.48 -4.29 -6.02
N ILE B 105 -9.02 -5.54 -5.88
CA ILE B 105 -7.65 -5.85 -5.43
C ILE B 105 -7.08 -7.07 -6.15
N ASP B 106 -5.85 -6.94 -6.64
CA ASP B 106 -5.19 -7.92 -7.50
C ASP B 106 -3.67 -8.02 -7.28
N PHE B 107 -3.02 -9.07 -7.81
CA PHE B 107 -1.56 -9.14 -7.86
C PHE B 107 -0.99 -8.28 -9.00
N SER B 108 0.05 -7.49 -8.72
CA SER B 108 0.68 -6.59 -9.69
C SER B 108 1.52 -7.32 -10.76
N LYS B 109 1.88 -6.61 -11.85
CA LYS B 109 3.07 -6.98 -12.67
C LYS B 109 4.40 -6.77 -11.93
N LEU B 110 4.44 -5.77 -11.05
CA LEU B 110 5.56 -5.45 -10.15
C LEU B 110 5.77 -6.59 -9.12
N THR B 111 7.02 -6.91 -8.82
CA THR B 111 7.42 -7.90 -7.79
C THR B 111 8.21 -7.30 -6.62
N SER B 112 8.38 -5.97 -6.61
CA SER B 112 8.58 -5.15 -5.41
C SER B 112 7.95 -3.76 -5.62
N LEU B 113 7.50 -3.13 -4.53
CA LEU B 113 7.08 -1.72 -4.47
C LEU B 113 8.04 -0.94 -3.56
N ASN B 114 8.77 0.03 -4.13
CA ASN B 114 9.55 1.00 -3.35
C ASN B 114 8.71 2.25 -3.00
N VAL B 115 8.90 2.75 -1.80
CA VAL B 115 8.39 4.03 -1.29
C VAL B 115 9.31 5.19 -1.68
N LYS B 116 8.78 6.41 -1.56
CA LYS B 116 9.52 7.67 -1.69
C LYS B 116 9.51 8.44 -0.38
N TYR B 117 8.31 8.78 0.09
CA TYR B 117 7.96 9.62 1.25
C TYR B 117 6.43 9.60 1.53
N ASN B 118 6.01 9.58 2.80
CA ASN B 118 4.70 10.06 3.28
C ASN B 118 4.29 11.49 2.92
N ASN B 119 5.14 12.22 2.20
CA ASN B 119 5.01 13.64 1.84
C ASN B 119 3.64 13.93 1.19
N ASP B 120 3.20 13.05 0.28
CA ASP B 120 1.79 12.93 -0.10
C ASP B 120 1.37 11.52 -0.57
N LYS B 121 2.31 10.56 -0.75
CA LYS B 121 2.10 9.43 -1.67
C LYS B 121 2.50 8.02 -1.20
N SER B 122 3.51 7.83 -0.34
CA SER B 122 4.04 6.46 -0.10
C SER B 122 4.93 6.28 1.13
N ARG B 123 4.49 5.51 2.13
CA ARG B 123 5.32 5.17 3.31
C ARG B 123 5.46 3.69 3.69
N ASP B 124 6.44 3.47 4.55
CA ASP B 124 6.96 2.18 5.02
C ASP B 124 7.02 2.19 6.57
N TYR B 125 6.93 1.01 7.18
CA TYR B 125 6.78 0.84 8.62
C TYR B 125 8.04 0.31 9.35
N THR B 126 9.14 0.05 8.62
CA THR B 126 10.50 -0.08 9.20
C THR B 126 11.15 1.29 9.42
N ARG B 127 10.88 2.23 8.50
CA ARG B 127 11.26 3.65 8.53
C ARG B 127 10.61 4.43 9.67
N PRO B 128 11.09 5.65 9.97
CA PRO B 128 10.55 6.51 11.04
C PRO B 128 9.04 6.71 10.91
N ASP B 129 8.69 7.08 9.69
CA ASP B 129 7.39 7.47 9.14
C ASP B 129 7.48 7.48 7.61
N LEU B 130 8.66 7.16 7.08
CA LEU B 130 9.56 8.01 6.31
C LEU B 130 9.89 9.48 6.74
N PRO B 131 11.00 10.06 6.21
CA PRO B 131 11.46 11.45 6.38
C PRO B 131 10.46 12.58 6.14
N SER B 132 9.56 12.36 5.18
CA SER B 132 8.71 13.36 4.49
C SER B 132 9.46 14.36 3.57
N GLY B 133 10.75 14.13 3.29
CA GLY B 133 11.57 14.93 2.37
C GLY B 133 12.29 16.13 3.01
N ASP B 134 12.32 16.20 4.35
CA ASP B 134 12.89 17.31 5.12
C ASP B 134 14.41 17.52 4.91
N SER B 135 15.17 16.43 4.85
CA SER B 135 16.65 16.41 4.83
C SER B 135 17.27 16.37 3.42
N GLN B 136 18.60 16.47 3.35
CA GLN B 136 19.47 16.35 2.20
C GLN B 136 20.76 15.59 2.58
N PRO B 137 21.45 14.94 1.64
CA PRO B 137 22.75 14.31 1.87
C PRO B 137 23.88 15.36 1.95
N SER B 138 25.06 14.89 2.34
CA SER B 138 26.27 15.66 2.63
C SER B 138 27.54 14.96 2.20
N LEU B 139 27.96 15.33 1.02
CA LEU B 139 28.91 14.66 0.12
C LEU B 139 30.40 14.76 0.56
N ASP B 140 30.62 15.24 1.77
CA ASP B 140 31.83 15.03 2.59
C ASP B 140 31.95 13.57 3.05
N GLN B 141 30.80 12.95 3.34
CA GLN B 141 30.68 11.80 4.23
C GLN B 141 29.46 10.90 4.00
N THR B 142 28.40 11.43 3.40
CA THR B 142 27.14 10.70 3.12
C THR B 142 27.30 9.88 1.85
N MET B 143 27.36 10.59 0.72
CA MET B 143 27.50 10.01 -0.61
C MET B 143 28.97 9.88 -0.98
N ALA B 144 29.84 10.72 -0.40
CA ALA B 144 31.21 11.07 -0.81
C ALA B 144 31.97 10.12 -1.76
N ALA B 145 32.10 8.82 -1.42
CA ALA B 145 32.63 7.80 -2.33
C ALA B 145 31.71 7.54 -3.55
N ALA B 146 30.47 7.11 -3.31
CA ALA B 146 29.41 6.85 -4.29
C ALA B 146 28.92 8.07 -5.09
N PHE B 147 29.07 9.32 -4.59
CA PHE B 147 28.86 10.54 -5.36
C PHE B 147 29.64 10.56 -6.71
N GLY B 148 30.85 9.97 -6.75
CA GLY B 148 31.72 9.85 -7.94
C GLY B 148 31.32 8.70 -8.87
N ASP B 22 -1.96 -29.00 3.44
CA ASP B 22 -2.39 -27.94 2.50
C ASP B 22 -2.56 -26.61 3.22
N ALA B 23 -2.46 -25.49 2.50
CA ALA B 23 -2.59 -24.13 3.05
C ALA B 23 -4.00 -23.78 3.57
N GLY B 24 -5.04 -24.49 3.12
CA GLY B 24 -6.45 -24.23 3.42
C GLY B 24 -7.37 -24.62 2.24
N MET B 25 -8.59 -24.11 2.25
CA MET B 25 -9.52 -24.20 1.10
C MET B 25 -9.00 -23.39 -0.10
N ALA B 26 -8.41 -22.21 0.14
CA ALA B 26 -7.56 -21.50 -0.82
C ALA B 26 -6.17 -22.15 -0.91
N MET B 27 -5.48 -22.00 -2.06
CA MET B 27 -4.21 -22.65 -2.38
C MET B 27 -3.20 -21.71 -3.06
N ALA B 28 -1.93 -22.14 -3.07
CA ALA B 28 -0.75 -21.47 -3.64
C ALA B 28 -0.50 -20.02 -3.16
N GLY B 29 0.58 -19.42 -3.66
CA GLY B 29 0.97 -18.03 -3.39
C GLY B 29 2.45 -17.78 -3.63
N GLN B 30 2.76 -16.79 -4.48
CA GLN B 30 4.12 -16.55 -4.97
C GLN B 30 4.51 -15.11 -5.37
N SER B 31 3.58 -14.16 -5.30
CA SER B 31 3.71 -12.77 -5.78
C SER B 31 3.19 -11.77 -4.73
N PRO B 32 4.04 -11.34 -3.77
CA PRO B 32 3.60 -10.68 -2.53
C PRO B 32 3.32 -9.18 -2.70
N VAL B 33 2.74 -8.74 -3.83
CA VAL B 33 2.39 -7.32 -4.03
C VAL B 33 1.05 -7.09 -4.76
N LEU B 34 0.36 -6.07 -4.26
CA LEU B 34 -1.06 -5.83 -4.27
C LEU B 34 -1.42 -4.51 -4.97
N ARG B 35 -1.98 -4.63 -6.18
CA ARG B 35 -2.63 -3.60 -6.98
C ARG B 35 -4.08 -3.36 -6.50
N ILE B 36 -4.27 -2.56 -5.46
CA ILE B 36 -5.60 -2.17 -4.94
C ILE B 36 -6.13 -0.94 -5.69
N ILE B 37 -7.44 -0.91 -5.90
CA ILE B 37 -8.13 0.07 -6.75
C ILE B 37 -9.56 0.36 -6.21
N VAL B 38 -10.16 1.42 -6.74
CA VAL B 38 -11.54 1.92 -6.53
C VAL B 38 -12.14 1.66 -5.16
N GLU B 39 -11.40 2.10 -4.14
CA GLU B 39 -11.93 2.41 -2.82
C GLU B 39 -12.72 3.73 -2.81
N ASN B 40 -13.11 4.17 -1.61
CA ASN B 40 -14.08 5.21 -1.29
C ASN B 40 -13.47 6.33 -0.41
N LEU B 41 -12.15 6.44 -0.47
CA LEU B 41 -11.24 7.19 0.40
C LEU B 41 -10.10 7.86 -0.41
N PHE B 42 -9.24 8.67 0.24
CA PHE B 42 -8.50 9.73 -0.47
C PHE B 42 -7.04 10.00 -0.06
N TYR B 43 -6.65 9.78 1.20
CA TYR B 43 -5.38 10.30 1.76
C TYR B 43 -4.67 9.27 2.69
N PRO B 44 -3.39 9.47 3.09
CA PRO B 44 -2.61 8.49 3.86
C PRO B 44 -3.06 8.32 5.33
N VAL B 45 -4.15 7.57 5.43
CA VAL B 45 -4.79 6.86 6.55
C VAL B 45 -5.35 5.54 6.01
N THR B 46 -5.81 5.53 4.76
CA THR B 46 -5.88 4.44 3.81
C THR B 46 -4.77 3.43 4.04
N LEU B 47 -3.49 3.82 3.99
CA LEU B 47 -2.42 2.84 4.06
C LEU B 47 -2.24 2.18 5.43
N ASP B 48 -2.47 2.96 6.48
CA ASP B 48 -2.52 2.46 7.86
C ASP B 48 -3.78 1.61 8.12
N VAL B 49 -4.81 1.78 7.28
CA VAL B 49 -6.09 1.07 7.35
C VAL B 49 -6.03 -0.20 6.52
N LEU B 50 -5.38 -0.14 5.37
CA LEU B 50 -4.96 -1.34 4.65
C LEU B 50 -4.08 -2.22 5.56
N HIS B 51 -3.14 -1.65 6.30
CA HIS B 51 -2.37 -2.40 7.30
C HIS B 51 -3.30 -3.02 8.35
N GLN B 52 -4.34 -2.29 8.81
CA GLN B 52 -5.22 -2.78 9.87
C GLN B 52 -6.22 -3.87 9.45
N ILE B 53 -6.55 -3.95 8.16
CA ILE B 53 -7.58 -4.83 7.56
C ILE B 53 -6.95 -6.01 6.80
N PHE B 54 -5.81 -5.81 6.17
CA PHE B 54 -5.03 -6.86 5.51
C PHE B 54 -4.12 -7.61 6.50
N SER B 55 -3.78 -7.03 7.67
CA SER B 55 -3.12 -7.81 8.75
C SER B 55 -4.02 -8.87 9.40
N LYS B 56 -5.32 -8.84 9.08
CA LYS B 56 -6.31 -9.86 9.44
C LYS B 56 -6.06 -11.17 8.67
N PHE B 57 -5.33 -11.09 7.55
CA PHE B 57 -4.95 -12.22 6.70
C PHE B 57 -3.47 -12.62 6.86
N GLY B 58 -2.56 -11.64 6.90
CA GLY B 58 -1.10 -11.86 6.96
C GLY B 58 -0.34 -10.64 7.50
N THR B 59 0.74 -10.27 6.81
CA THR B 59 1.63 -9.17 7.21
C THR B 59 1.96 -8.28 6.01
N VAL B 60 1.32 -7.11 5.90
CA VAL B 60 1.70 -6.10 4.89
C VAL B 60 3.08 -5.49 5.21
N LEU B 61 3.71 -4.82 4.25
CA LEU B 61 5.11 -4.43 4.31
C LEU B 61 5.34 -2.94 4.01
N LYS B 62 4.97 -2.49 2.80
CA LYS B 62 5.30 -1.11 2.34
C LYS B 62 4.27 -0.62 1.33
N ILE B 63 3.90 0.67 1.36
CA ILE B 63 2.62 1.12 0.77
C ILE B 63 2.72 2.47 0.01
N ILE B 64 1.95 2.55 -1.07
CA ILE B 64 1.68 3.72 -1.93
C ILE B 64 0.16 3.98 -1.96
N THR B 65 -0.25 5.23 -2.09
CA THR B 65 -1.64 5.70 -2.25
C THR B 65 -1.74 6.87 -3.25
N PHE B 66 -2.19 6.63 -4.49
CA PHE B 66 -2.40 7.70 -5.51
C PHE B 66 -3.75 7.67 -6.25
N THR B 67 -3.97 8.68 -7.09
CA THR B 67 -5.16 8.84 -7.97
C THR B 67 -4.69 9.25 -9.37
N LYS B 68 -4.46 8.27 -10.26
CA LYS B 68 -3.77 8.46 -11.55
C LYS B 68 -4.45 9.43 -12.51
N ASN B 69 -5.77 9.35 -12.65
CA ASN B 69 -6.62 10.30 -13.38
C ASN B 69 -7.99 10.46 -12.71
N ASN B 70 -8.81 9.40 -12.75
CA ASN B 70 -10.23 9.40 -12.34
C ASN B 70 -10.58 8.27 -11.35
N GLN B 71 -9.59 7.49 -10.93
CA GLN B 71 -9.67 6.33 -10.03
C GLN B 71 -8.67 6.48 -8.90
N PHE B 72 -9.03 5.94 -7.74
CA PHE B 72 -8.15 5.83 -6.59
C PHE B 72 -7.45 4.47 -6.61
N GLN B 73 -6.12 4.49 -6.50
CA GLN B 73 -5.27 3.33 -6.29
C GLN B 73 -4.67 3.31 -4.88
N ALA B 74 -4.48 2.11 -4.34
CA ALA B 74 -3.47 1.83 -3.34
C ALA B 74 -2.60 0.66 -3.81
N LEU B 75 -1.32 0.67 -3.45
CA LEU B 75 -0.31 -0.16 -4.10
C LEU B 75 0.64 -0.57 -3.00
N LEU B 76 0.60 -1.83 -2.61
CA LEU B 76 1.29 -2.30 -1.41
C LEU B 76 2.03 -3.61 -1.62
N GLN B 77 3.07 -3.84 -0.84
CA GLN B 77 3.79 -5.08 -0.79
C GLN B 77 3.57 -5.71 0.57
N TYR B 78 3.63 -7.03 0.62
CA TYR B 78 3.45 -7.91 1.76
C TYR B 78 4.74 -8.66 2.09
N ALA B 79 4.72 -9.31 3.24
CA ALA B 79 5.63 -10.38 3.62
C ALA B 79 5.34 -11.67 2.85
N ASP B 80 4.08 -12.11 2.94
CA ASP B 80 3.61 -13.44 2.58
C ASP B 80 2.58 -13.40 1.42
N PRO B 81 2.88 -14.05 0.31
CA PRO B 81 2.02 -14.05 -0.87
C PRO B 81 0.79 -14.95 -0.72
N VAL B 82 0.82 -15.98 0.11
CA VAL B 82 -0.26 -16.96 0.36
C VAL B 82 -1.38 -16.34 1.19
N SER B 83 -1.01 -15.55 2.19
CA SER B 83 -1.94 -14.67 2.90
C SER B 83 -2.44 -13.53 2.02
N ALA B 84 -1.61 -13.04 1.07
CA ALA B 84 -2.05 -12.02 0.11
C ALA B 84 -3.02 -12.58 -0.95
N GLN B 85 -2.84 -13.84 -1.37
CA GLN B 85 -3.77 -14.66 -2.17
C GLN B 85 -5.11 -14.73 -1.44
N HIS B 86 -5.13 -15.19 -0.19
CA HIS B 86 -6.31 -15.23 0.66
C HIS B 86 -7.01 -13.86 0.82
N ALA B 87 -6.27 -12.77 0.88
CA ALA B 87 -6.82 -11.42 0.93
C ALA B 87 -7.31 -10.90 -0.44
N LYS B 88 -6.89 -11.47 -1.57
CA LYS B 88 -7.32 -11.08 -2.93
C LYS B 88 -8.57 -11.81 -3.33
N LEU B 89 -8.60 -13.10 -3.09
CA LEU B 89 -9.80 -13.86 -2.79
C LEU B 89 -10.86 -13.04 -2.02
N SER B 90 -10.60 -12.77 -0.74
CA SER B 90 -11.59 -12.23 0.21
C SER B 90 -11.93 -10.76 0.02
N LEU B 91 -10.99 -9.94 -0.49
CA LEU B 91 -11.18 -8.50 -0.65
C LEU B 91 -11.25 -8.07 -2.12
N ASP B 92 -10.89 -8.92 -3.10
CA ASP B 92 -11.42 -8.63 -4.46
C ASP B 92 -12.90 -9.03 -4.60
N GLY B 93 -13.34 -10.10 -3.92
CA GLY B 93 -14.66 -10.69 -4.14
C GLY B 93 -15.83 -9.84 -3.60
N GLN B 94 -15.56 -9.07 -2.54
CA GLN B 94 -16.51 -8.22 -1.80
C GLN B 94 -15.77 -7.09 -1.06
N ASN B 95 -16.54 -6.25 -0.33
CA ASN B 95 -16.09 -5.17 0.54
C ASN B 95 -15.30 -5.71 1.75
N ILE B 96 -15.94 -5.81 2.92
CA ILE B 96 -15.34 -6.01 4.24
C ILE B 96 -16.36 -6.71 5.14
N TYR B 97 -17.58 -6.16 5.21
CA TYR B 97 -18.75 -6.74 5.91
C TYR B 97 -20.07 -5.99 5.61
N ASN B 98 -20.09 -4.65 5.74
CA ASN B 98 -21.28 -3.79 5.81
C ASN B 98 -22.05 -3.57 4.48
N ALA B 99 -21.80 -4.38 3.44
CA ALA B 99 -22.24 -4.22 2.04
C ALA B 99 -21.85 -2.87 1.36
N CYS B 100 -21.06 -2.03 2.04
CA CYS B 100 -20.47 -0.77 1.58
C CYS B 100 -19.02 -0.65 2.11
N CYS B 101 -18.33 0.45 1.84
CA CYS B 101 -16.87 0.60 2.01
C CYS B 101 -16.12 -0.43 1.14
N THR B 102 -16.44 -0.45 -0.14
CA THR B 102 -15.93 -1.41 -1.13
C THR B 102 -14.45 -1.20 -1.49
N LEU B 103 -13.81 -2.23 -2.02
CA LEU B 103 -12.41 -2.28 -2.43
C LEU B 103 -12.26 -3.21 -3.67
N ARG B 104 -11.65 -2.77 -4.77
CA ARG B 104 -11.19 -3.65 -5.87
C ARG B 104 -9.71 -4.01 -5.66
N ILE B 105 -9.26 -5.23 -5.95
CA ILE B 105 -7.84 -5.59 -5.80
C ILE B 105 -7.39 -6.71 -6.75
N ASP B 106 -6.17 -6.58 -7.27
CA ASP B 106 -5.44 -7.62 -7.98
C ASP B 106 -3.99 -7.75 -7.49
N PHE B 107 -3.27 -8.75 -7.99
CA PHE B 107 -1.81 -8.78 -7.92
C PHE B 107 -1.20 -7.92 -9.03
N SER B 108 0.03 -7.46 -8.79
CA SER B 108 0.74 -6.57 -9.74
C SER B 108 1.54 -7.31 -10.83
N LYS B 109 2.03 -6.55 -11.83
CA LYS B 109 3.24 -6.95 -12.61
C LYS B 109 4.52 -7.02 -11.75
N LEU B 110 4.60 -6.14 -10.74
CA LEU B 110 5.67 -6.05 -9.74
C LEU B 110 5.70 -7.28 -8.81
N THR B 111 6.88 -7.69 -8.33
CA THR B 111 7.09 -8.76 -7.32
C THR B 111 7.69 -8.23 -6.00
N SER B 112 8.18 -6.99 -6.02
CA SER B 112 8.31 -6.07 -4.86
C SER B 112 7.90 -4.67 -5.33
N LEU B 113 7.22 -3.89 -4.49
CA LEU B 113 6.94 -2.47 -4.73
C LEU B 113 7.37 -1.63 -3.54
N ASN B 114 7.92 -0.43 -3.81
CA ASN B 114 8.74 0.32 -2.86
C ASN B 114 8.44 1.84 -2.87
N VAL B 115 8.68 2.45 -1.72
CA VAL B 115 8.32 3.81 -1.30
C VAL B 115 9.15 4.93 -1.94
N LYS B 116 8.67 6.16 -1.74
CA LYS B 116 9.40 7.42 -1.94
C LYS B 116 9.35 8.32 -0.69
N TYR B 117 8.14 8.73 -0.30
CA TYR B 117 7.78 9.84 0.63
C TYR B 117 6.27 9.93 0.88
N ASN B 118 5.83 9.90 2.15
CA ASN B 118 4.50 10.41 2.52
C ASN B 118 4.37 11.95 2.50
N ASN B 119 5.06 12.60 1.55
CA ASN B 119 4.80 13.97 1.11
C ASN B 119 3.34 14.12 0.64
N ASP B 120 2.92 13.20 -0.24
CA ASP B 120 1.51 12.95 -0.57
C ASP B 120 1.20 11.48 -0.90
N LYS B 121 2.23 10.63 -1.12
CA LYS B 121 2.05 9.41 -1.94
C LYS B 121 2.40 8.07 -1.27
N SER B 122 3.32 7.97 -0.31
CA SER B 122 3.84 6.62 0.07
C SER B 122 4.60 6.57 1.39
N ARG B 123 4.20 5.73 2.34
CA ARG B 123 5.08 5.36 3.47
C ARG B 123 5.36 3.87 3.62
N ASP B 124 6.44 3.64 4.34
CA ASP B 124 7.16 2.37 4.45
C ASP B 124 7.28 1.95 5.91
N TYR B 125 7.04 0.66 6.19
CA TYR B 125 6.94 0.18 7.59
C TYR B 125 8.18 -0.58 8.10
N THR B 126 9.29 -0.62 7.35
CA THR B 126 10.65 -0.82 7.91
C THR B 126 11.36 0.51 8.14
N ARG B 127 11.06 1.53 7.32
CA ARG B 127 11.47 2.93 7.52
C ARG B 127 10.87 3.56 8.77
N PRO B 128 11.44 4.70 9.21
CA PRO B 128 11.01 5.41 10.42
C PRO B 128 9.51 5.67 10.46
N ASP B 129 9.03 6.26 9.36
CA ASP B 129 7.70 6.89 9.20
C ASP B 129 7.35 7.09 7.72
N LEU B 130 8.34 6.90 6.85
CA LEU B 130 9.15 7.99 6.28
C LEU B 130 8.96 9.47 6.73
N PRO B 131 9.94 10.31 6.40
CA PRO B 131 9.72 11.74 6.23
C PRO B 131 8.88 12.08 5.01
N SER B 132 8.73 13.39 4.80
CA SER B 132 8.06 13.98 3.62
C SER B 132 9.03 14.72 2.69
N GLY B 133 10.34 14.58 2.93
CA GLY B 133 11.41 15.39 2.34
C GLY B 133 11.89 16.53 3.26
N ASP B 134 11.24 16.70 4.41
CA ASP B 134 11.58 17.63 5.49
C ASP B 134 12.87 17.27 6.26
N SER B 135 13.20 15.97 6.33
CA SER B 135 14.38 15.40 7.01
C SER B 135 14.50 15.80 8.50
N GLN B 136 15.71 15.70 9.06
CA GLN B 136 16.07 15.90 10.46
C GLN B 136 17.33 16.78 10.60
N PRO B 137 17.48 17.50 11.72
CA PRO B 137 18.68 18.26 12.08
C PRO B 137 19.80 17.36 12.63
N SER B 138 20.96 17.97 12.87
CA SER B 138 22.23 17.38 13.24
C SER B 138 23.02 18.24 14.21
N LEU B 139 22.68 18.04 15.45
CA LEU B 139 22.89 18.77 16.71
C LEU B 139 24.37 18.95 17.15
N ASP B 140 25.30 18.47 16.34
CA ASP B 140 26.73 18.80 16.38
C ASP B 140 27.02 20.18 15.75
N GLN B 141 26.12 20.59 14.85
CA GLN B 141 26.26 21.72 13.94
C GLN B 141 24.95 22.51 13.74
N THR B 142 23.81 21.82 13.70
CA THR B 142 22.51 22.38 13.26
C THR B 142 21.84 23.14 14.41
N MET B 143 21.31 22.40 15.38
CA MET B 143 20.72 22.96 16.59
C MET B 143 21.77 23.18 17.68
N ALA B 144 23.03 22.80 17.46
CA ALA B 144 24.16 22.80 18.40
C ALA B 144 24.33 24.00 19.35
N ALA B 145 23.85 25.20 19.01
CA ALA B 145 23.78 26.36 19.91
C ALA B 145 22.82 26.19 21.11
N ALA B 146 21.87 25.24 21.03
CA ALA B 146 20.84 24.93 22.03
C ALA B 146 20.56 23.42 22.18
N PHE B 147 20.34 22.69 21.05
CA PHE B 147 20.11 21.25 20.84
C PHE B 147 19.10 20.46 21.70
N GLY B 148 18.61 20.99 22.84
CA GLY B 148 17.63 20.36 23.74
C GLY B 148 17.96 20.58 25.21
N ASP B 22 -9.66 -31.54 -4.87
CA ASP B 22 -10.23 -31.52 -6.25
C ASP B 22 -9.36 -30.68 -7.18
N ALA B 23 -8.73 -31.32 -8.17
CA ALA B 23 -7.91 -30.66 -9.19
C ALA B 23 -8.71 -29.79 -10.20
N GLY B 24 -10.04 -29.92 -10.25
CA GLY B 24 -10.93 -29.22 -11.19
C GLY B 24 -11.12 -27.71 -10.93
N MET B 25 -10.62 -27.18 -9.82
CA MET B 25 -10.64 -25.75 -9.46
C MET B 25 -9.31 -25.35 -8.78
N ALA B 26 -8.55 -24.46 -9.43
CA ALA B 26 -7.23 -23.99 -8.98
C ALA B 26 -7.02 -22.48 -9.25
N MET B 27 -5.91 -21.92 -8.76
CA MET B 27 -5.49 -20.52 -8.88
C MET B 27 -3.98 -20.41 -9.17
N ALA B 28 -3.55 -19.22 -9.60
CA ALA B 28 -2.16 -18.75 -9.59
C ALA B 28 -1.97 -17.66 -8.52
N GLY B 29 -0.72 -17.37 -8.13
CA GLY B 29 -0.40 -16.55 -6.96
C GLY B 29 1.04 -16.12 -6.91
N GLN B 30 1.58 -16.26 -5.70
CA GLN B 30 2.98 -16.51 -5.43
C GLN B 30 3.83 -15.25 -5.68
N SER B 31 3.13 -14.11 -5.69
CA SER B 31 3.60 -12.77 -5.99
C SER B 31 3.21 -11.80 -4.86
N PRO B 32 4.07 -11.56 -3.85
CA PRO B 32 3.70 -10.94 -2.57
C PRO B 32 3.48 -9.41 -2.61
N VAL B 33 3.05 -8.83 -3.74
CA VAL B 33 2.64 -7.41 -3.79
C VAL B 33 1.35 -7.17 -4.59
N LEU B 34 0.61 -6.16 -4.15
CA LEU B 34 -0.79 -5.94 -4.45
C LEU B 34 -1.05 -4.61 -5.17
N ARG B 35 -1.61 -4.72 -6.36
CA ARG B 35 -2.35 -3.70 -7.13
C ARG B 35 -3.80 -3.54 -6.63
N ILE B 36 -4.05 -2.62 -5.69
CA ILE B 36 -5.40 -2.24 -5.22
C ILE B 36 -5.93 -1.07 -6.07
N ILE B 37 -7.23 -1.10 -6.36
CA ILE B 37 -7.94 -0.14 -7.19
C ILE B 37 -9.36 0.07 -6.64
N VAL B 38 -10.00 1.18 -7.02
CA VAL B 38 -11.40 1.54 -6.76
C VAL B 38 -11.92 1.23 -5.35
N GLU B 39 -11.09 1.59 -4.37
CA GLU B 39 -11.48 1.86 -2.99
C GLU B 39 -12.38 3.09 -2.89
N ASN B 40 -12.70 3.37 -1.63
CA ASN B 40 -13.75 4.24 -1.14
C ASN B 40 -13.14 5.36 -0.28
N LEU B 41 -11.88 5.68 -0.62
CA LEU B 41 -10.87 6.37 0.19
C LEU B 41 -10.22 7.52 -0.59
N PHE B 42 -9.36 8.31 0.07
CA PHE B 42 -8.93 9.62 -0.43
C PHE B 42 -7.48 10.03 -0.15
N TYR B 43 -6.87 9.59 0.95
CA TYR B 43 -5.59 10.11 1.46
C TYR B 43 -4.90 9.15 2.46
N PRO B 44 -3.68 9.46 2.97
CA PRO B 44 -3.01 8.85 4.13
C PRO B 44 -3.83 8.66 5.43
N VAL B 45 -4.72 7.68 5.33
CA VAL B 45 -5.58 6.96 6.29
C VAL B 45 -5.90 5.60 5.70
N THR B 46 -6.10 5.55 4.37
CA THR B 46 -5.96 4.42 3.46
C THR B 46 -4.84 3.53 3.92
N LEU B 47 -3.66 4.11 4.09
CA LEU B 47 -2.43 3.37 4.29
C LEU B 47 -2.54 2.41 5.50
N ASP B 48 -2.97 2.96 6.63
CA ASP B 48 -3.10 2.28 7.92
C ASP B 48 -4.40 1.46 7.99
N VAL B 49 -5.41 1.84 7.21
CA VAL B 49 -6.65 1.07 7.00
C VAL B 49 -6.38 -0.17 6.16
N LEU B 50 -5.53 -0.06 5.15
CA LEU B 50 -5.02 -1.21 4.42
C LEU B 50 -4.23 -2.13 5.37
N HIS B 51 -3.40 -1.57 6.25
CA HIS B 51 -2.75 -2.37 7.29
C HIS B 51 -3.79 -3.07 8.17
N GLN B 52 -4.87 -2.39 8.55
CA GLN B 52 -5.86 -2.89 9.52
C GLN B 52 -6.78 -4.00 8.97
N ILE B 53 -7.10 -3.94 7.68
CA ILE B 53 -8.02 -4.85 6.96
C ILE B 53 -7.28 -6.06 6.35
N PHE B 54 -6.04 -5.86 5.92
CA PHE B 54 -5.18 -6.93 5.37
C PHE B 54 -4.38 -7.67 6.45
N SER B 55 -4.12 -7.07 7.63
CA SER B 55 -3.56 -7.83 8.77
C SER B 55 -4.51 -8.90 9.34
N LYS B 56 -5.77 -8.89 8.89
CA LYS B 56 -6.77 -9.94 9.11
C LYS B 56 -6.40 -11.24 8.38
N PHE B 57 -5.52 -11.16 7.35
CA PHE B 57 -5.13 -12.30 6.52
C PHE B 57 -3.64 -12.68 6.64
N GLY B 58 -2.74 -11.70 6.83
CA GLY B 58 -1.29 -11.94 6.92
C GLY B 58 -0.50 -10.72 7.39
N THR B 59 0.66 -10.49 6.77
CA THR B 59 1.63 -9.48 7.19
C THR B 59 1.93 -8.55 6.02
N VAL B 60 1.11 -7.52 5.86
CA VAL B 60 1.33 -6.37 4.96
C VAL B 60 2.64 -5.65 5.34
N LEU B 61 3.29 -5.02 4.35
CA LEU B 61 4.66 -4.52 4.46
C LEU B 61 4.77 -3.02 4.20
N LYS B 62 4.45 -2.56 2.98
CA LYS B 62 4.82 -1.17 2.56
C LYS B 62 3.81 -0.67 1.53
N ILE B 63 3.44 0.62 1.57
CA ILE B 63 2.23 1.10 0.88
C ILE B 63 2.51 2.36 0.03
N ILE B 64 1.80 2.46 -1.10
CA ILE B 64 1.75 3.61 -2.01
C ILE B 64 0.26 3.95 -2.24
N THR B 65 -0.12 5.23 -2.35
CA THR B 65 -1.55 5.63 -2.45
C THR B 65 -1.82 6.80 -3.42
N PHE B 66 -2.31 6.53 -4.64
CA PHE B 66 -2.60 7.57 -5.66
C PHE B 66 -4.04 7.59 -6.23
N THR B 67 -4.33 8.62 -7.04
CA THR B 67 -5.61 8.90 -7.70
C THR B 67 -5.34 9.09 -9.21
N LYS B 68 -5.52 8.03 -10.01
CA LYS B 68 -5.01 7.95 -11.40
C LYS B 68 -5.68 8.93 -12.37
N ASN B 69 -6.95 9.23 -12.15
CA ASN B 69 -7.78 10.16 -12.93
C ASN B 69 -8.93 10.71 -12.06
N ASN B 70 -9.97 9.89 -11.89
CA ASN B 70 -11.06 10.01 -10.92
C ASN B 70 -11.19 8.72 -10.05
N GLN B 71 -10.55 7.62 -10.46
CA GLN B 71 -10.31 6.45 -9.62
C GLN B 71 -9.36 6.78 -8.47
N PHE B 72 -9.48 5.98 -7.42
CA PHE B 72 -8.46 5.82 -6.40
C PHE B 72 -7.74 4.47 -6.57
N GLN B 73 -6.49 4.43 -6.13
CA GLN B 73 -5.57 3.29 -6.15
C GLN B 73 -4.72 3.20 -4.87
N ALA B 74 -4.28 1.99 -4.56
CA ALA B 74 -3.13 1.74 -3.71
C ALA B 74 -2.28 0.58 -4.25
N LEU B 75 -1.04 0.50 -3.78
CA LEU B 75 0.00 -0.37 -4.30
C LEU B 75 0.84 -0.78 -3.09
N LEU B 76 0.62 -2.01 -2.61
CA LEU B 76 1.09 -2.48 -1.31
C LEU B 76 1.80 -3.83 -1.35
N GLN B 77 3.01 -3.84 -0.84
CA GLN B 77 3.83 -5.03 -0.65
C GLN B 77 3.49 -5.73 0.66
N TYR B 78 3.65 -7.05 0.67
CA TYR B 78 3.36 -7.98 1.74
C TYR B 78 4.61 -8.81 2.07
N ALA B 79 4.56 -9.53 3.18
CA ALA B 79 5.49 -10.59 3.55
C ALA B 79 5.30 -11.84 2.68
N ASP B 80 4.05 -12.32 2.65
CA ASP B 80 3.68 -13.66 2.20
C ASP B 80 2.60 -13.62 1.10
N PRO B 81 2.83 -14.34 0.00
CA PRO B 81 1.89 -14.41 -1.11
C PRO B 81 0.66 -15.29 -0.82
N VAL B 82 0.71 -16.22 0.14
CA VAL B 82 -0.36 -17.20 0.44
C VAL B 82 -1.45 -16.57 1.31
N SER B 83 -1.05 -15.74 2.25
CA SER B 83 -1.92 -14.80 2.94
C SER B 83 -2.43 -13.70 2.00
N ALA B 84 -1.60 -13.21 1.06
CA ALA B 84 -2.05 -12.24 0.06
C ALA B 84 -3.03 -12.85 -0.98
N GLN B 85 -2.89 -14.13 -1.31
CA GLN B 85 -3.86 -14.98 -2.02
C GLN B 85 -5.18 -14.95 -1.28
N HIS B 86 -5.21 -15.40 -0.02
CA HIS B 86 -6.38 -15.39 0.85
C HIS B 86 -7.06 -14.01 0.94
N ALA B 87 -6.27 -12.94 1.01
CA ALA B 87 -6.75 -11.58 1.05
C ALA B 87 -7.30 -11.09 -0.30
N LYS B 88 -6.86 -11.65 -1.44
CA LYS B 88 -7.30 -11.27 -2.79
C LYS B 88 -8.55 -12.01 -3.16
N LEU B 89 -8.57 -13.32 -2.99
CA LEU B 89 -9.77 -14.09 -2.73
C LEU B 89 -10.88 -13.28 -2.01
N SER B 90 -10.65 -13.00 -0.72
CA SER B 90 -11.63 -12.41 0.18
C SER B 90 -11.97 -10.99 -0.20
N LEU B 91 -10.97 -10.11 -0.28
CA LEU B 91 -11.15 -8.67 -0.48
C LEU B 91 -11.28 -8.28 -1.94
N ASP B 92 -10.79 -9.05 -2.91
CA ASP B 92 -11.27 -8.79 -4.29
C ASP B 92 -12.76 -9.15 -4.40
N GLY B 93 -13.22 -10.10 -3.58
CA GLY B 93 -14.62 -10.52 -3.52
C GLY B 93 -15.60 -9.65 -2.70
N GLN B 94 -15.18 -8.81 -1.74
CA GLN B 94 -16.11 -8.11 -0.82
C GLN B 94 -15.67 -6.75 -0.23
N ASN B 95 -16.65 -6.08 0.40
CA ASN B 95 -16.59 -4.85 1.19
C ASN B 95 -16.51 -5.02 2.71
N ILE B 96 -16.73 -6.25 3.21
CA ILE B 96 -16.39 -6.72 4.56
C ILE B 96 -17.41 -6.25 5.63
N TYR B 97 -17.83 -4.99 5.53
CA TYR B 97 -18.67 -4.26 6.49
C TYR B 97 -19.73 -3.41 5.77
N ASN B 98 -20.97 -3.43 6.28
CA ASN B 98 -22.18 -2.86 5.68
C ASN B 98 -22.26 -3.05 4.14
N ALA B 99 -22.04 -1.98 3.37
CA ALA B 99 -21.96 -1.98 1.90
C ALA B 99 -20.82 -1.07 1.37
N CYS B 100 -20.00 -0.50 2.27
CA CYS B 100 -19.21 0.71 2.02
C CYS B 100 -17.84 0.43 1.35
N CYS B 101 -16.82 0.11 2.14
CA CYS B 101 -15.41 0.02 1.73
C CYS B 101 -15.05 -1.26 0.94
N THR B 102 -15.64 -1.42 -0.26
CA THR B 102 -15.18 -2.42 -1.24
C THR B 102 -13.79 -2.08 -1.82
N LEU B 103 -13.20 -3.06 -2.48
CA LEU B 103 -11.83 -3.11 -3.01
C LEU B 103 -11.85 -3.87 -4.35
N ARG B 104 -11.38 -3.28 -5.45
CA ARG B 104 -10.73 -4.10 -6.50
C ARG B 104 -9.29 -4.36 -6.06
N ILE B 105 -8.82 -5.60 -6.09
CA ILE B 105 -7.45 -5.92 -5.67
C ILE B 105 -6.89 -7.09 -6.49
N ASP B 106 -5.71 -6.90 -7.09
CA ASP B 106 -4.99 -7.84 -7.94
C ASP B 106 -3.50 -7.89 -7.53
N PHE B 107 -2.73 -8.82 -8.09
CA PHE B 107 -1.27 -8.78 -7.98
C PHE B 107 -0.67 -7.75 -8.96
N SER B 108 0.48 -7.17 -8.61
CA SER B 108 1.22 -6.25 -9.50
C SER B 108 2.12 -6.97 -10.51
N LYS B 109 2.48 -6.31 -11.63
CA LYS B 109 3.61 -6.78 -12.49
C LYS B 109 4.99 -6.64 -11.85
N LEU B 110 5.19 -5.60 -11.02
CA LEU B 110 6.47 -5.27 -10.38
C LEU B 110 7.02 -6.39 -9.50
N THR B 111 6.30 -6.68 -8.41
CA THR B 111 6.58 -7.71 -7.38
C THR B 111 7.67 -7.27 -6.36
N SER B 112 8.08 -6.00 -6.39
CA SER B 112 8.90 -5.33 -5.36
C SER B 112 8.62 -3.82 -5.38
N LEU B 113 7.66 -3.35 -4.57
CA LEU B 113 7.24 -1.95 -4.52
C LEU B 113 8.26 -1.07 -3.77
N ASN B 114 8.90 -0.12 -4.48
CA ASN B 114 9.88 0.85 -3.97
C ASN B 114 9.21 2.10 -3.35
N VAL B 115 9.74 2.60 -2.23
CA VAL B 115 9.25 3.81 -1.53
C VAL B 115 10.42 4.69 -1.05
N LYS B 116 10.19 6.00 -0.92
CA LYS B 116 11.21 7.00 -0.56
C LYS B 116 10.69 8.16 0.30
N TYR B 117 9.48 8.65 0.03
CA TYR B 117 8.92 9.88 0.58
C TYR B 117 7.38 9.97 0.50
N ASN B 118 6.68 9.81 1.62
CA ASN B 118 5.29 10.26 1.87
C ASN B 118 4.97 11.76 1.64
N ASN B 119 5.38 12.35 0.53
CA ASN B 119 4.84 13.61 0.01
C ASN B 119 3.40 13.40 -0.49
N ASP B 120 2.45 13.34 0.46
CA ASP B 120 1.01 13.07 0.31
C ASP B 120 0.63 11.67 -0.23
N LYS B 121 1.60 10.80 -0.52
CA LYS B 121 1.42 9.59 -1.34
C LYS B 121 1.75 8.24 -0.66
N SER B 122 2.88 8.11 0.03
CA SER B 122 3.62 6.82 0.03
C SER B 122 4.57 6.65 1.21
N ARG B 123 4.19 5.86 2.21
CA ARG B 123 5.08 5.42 3.32
C ARG B 123 5.28 3.91 3.48
N ASP B 124 6.42 3.64 4.11
CA ASP B 124 7.07 2.34 4.31
C ASP B 124 7.13 2.03 5.81
N TYR B 125 6.77 0.81 6.21
CA TYR B 125 6.64 0.46 7.63
C TYR B 125 7.87 -0.18 8.28
N THR B 126 8.97 -0.45 7.55
CA THR B 126 10.28 -0.72 8.19
C THR B 126 11.04 0.57 8.49
N ARG B 127 10.78 1.62 7.70
CA ARG B 127 11.31 2.98 7.84
C ARG B 127 10.75 3.74 9.04
N PRO B 128 11.37 4.88 9.42
CA PRO B 128 10.95 5.72 10.54
C PRO B 128 9.47 6.12 10.45
N ASP B 129 9.15 6.63 9.26
CA ASP B 129 7.91 7.34 8.89
C ASP B 129 7.73 7.35 7.37
N LEU B 130 8.77 6.91 6.66
CA LEU B 130 9.70 7.74 5.89
C LEU B 130 9.85 9.27 6.18
N PRO B 131 11.02 9.87 5.85
CA PRO B 131 11.37 11.28 6.08
C PRO B 131 10.39 12.35 5.59
N SER B 132 9.79 12.09 4.44
CA SER B 132 9.08 13.04 3.57
C SER B 132 9.95 14.17 2.99
N GLY B 133 11.29 14.08 3.10
CA GLY B 133 12.24 14.99 2.44
C GLY B 133 12.60 16.25 3.23
N ASP B 134 12.38 16.24 4.55
CA ASP B 134 12.60 17.37 5.47
C ASP B 134 14.08 17.81 5.63
N SER B 135 15.00 16.98 5.14
CA SER B 135 16.47 17.09 5.19
C SER B 135 17.03 18.50 4.89
N GLN B 136 18.07 18.89 5.63
CA GLN B 136 18.61 20.25 5.71
C GLN B 136 19.10 20.82 4.36
N PRO B 137 18.94 22.14 4.14
CA PRO B 137 19.49 22.90 3.02
C PRO B 137 21.00 23.22 3.22
N SER B 138 21.59 24.01 2.32
CA SER B 138 23.00 24.32 2.20
C SER B 138 23.29 25.79 1.91
N LEU B 139 23.59 26.48 2.97
CA LEU B 139 23.54 27.92 3.22
C LEU B 139 24.68 28.74 2.60
N ASP B 140 25.53 28.08 1.81
CA ASP B 140 26.46 28.65 0.84
C ASP B 140 25.72 29.28 -0.36
N GLN B 141 24.60 28.64 -0.74
CA GLN B 141 24.02 28.73 -2.07
C GLN B 141 22.52 28.44 -2.16
N THR B 142 21.96 27.76 -1.15
CA THR B 142 20.53 27.39 -1.10
C THR B 142 19.75 28.52 -0.46
N MET B 143 19.93 28.66 0.87
CA MET B 143 19.31 29.69 1.67
C MET B 143 20.07 31.00 1.58
N ALA B 144 21.38 30.94 1.33
CA ALA B 144 22.42 31.96 1.50
C ALA B 144 21.97 33.43 1.53
N ALA B 145 21.34 33.94 0.46
CA ALA B 145 20.84 35.32 0.35
C ALA B 145 19.72 35.70 1.34
N ALA B 146 19.10 34.73 1.99
CA ALA B 146 18.04 34.81 3.00
C ALA B 146 18.37 34.09 4.34
N PHE B 147 19.33 33.15 4.38
CA PHE B 147 19.98 32.71 5.62
C PHE B 147 20.51 33.91 6.44
N GLY B 148 21.24 34.82 5.79
CA GLY B 148 21.82 36.05 6.37
C GLY B 148 21.53 37.29 5.56
N ASP B 22 -12.33 -22.20 -16.81
CA ASP B 22 -11.95 -21.32 -17.94
C ASP B 22 -10.92 -20.27 -17.50
N ALA B 23 -11.34 -19.16 -16.87
CA ALA B 23 -10.48 -18.08 -16.39
C ALA B 23 -9.52 -18.54 -15.27
N GLY B 24 -8.25 -18.79 -15.61
CA GLY B 24 -7.22 -19.28 -14.69
C GLY B 24 -6.72 -18.26 -13.65
N MET B 25 -7.15 -17.00 -13.73
CA MET B 25 -6.72 -15.90 -12.85
C MET B 25 -6.94 -16.20 -11.35
N ALA B 26 -8.06 -16.83 -11.01
CA ALA B 26 -8.39 -17.27 -9.63
C ALA B 26 -7.52 -18.44 -9.12
N MET B 27 -6.80 -19.13 -10.02
CA MET B 27 -5.95 -20.30 -9.74
C MET B 27 -4.45 -19.97 -9.71
N ALA B 28 -4.13 -18.68 -9.83
CA ALA B 28 -2.79 -18.11 -9.86
C ALA B 28 -2.60 -17.05 -8.73
N GLY B 29 -1.34 -16.70 -8.46
CA GLY B 29 -0.93 -15.89 -7.30
C GLY B 29 0.56 -15.65 -7.28
N GLN B 30 1.11 -15.85 -6.08
CA GLN B 30 2.46 -16.31 -5.84
C GLN B 30 3.50 -15.20 -6.08
N SER B 31 2.98 -13.97 -6.08
CA SER B 31 3.67 -12.69 -6.14
C SER B 31 3.28 -11.87 -4.90
N PRO B 32 4.21 -11.56 -3.98
CA PRO B 32 3.92 -10.98 -2.66
C PRO B 32 3.54 -9.47 -2.68
N VAL B 33 3.02 -8.94 -3.79
CA VAL B 33 2.62 -7.53 -3.90
C VAL B 33 1.35 -7.32 -4.72
N LEU B 34 0.61 -6.29 -4.32
CA LEU B 34 -0.74 -5.98 -4.67
C LEU B 34 -0.88 -4.64 -5.42
N ARG B 35 -1.59 -4.69 -6.55
CA ARG B 35 -2.55 -3.65 -6.95
C ARG B 35 -3.72 -3.56 -5.97
N ILE B 36 -4.16 -2.35 -5.63
CA ILE B 36 -5.47 -2.06 -5.02
C ILE B 36 -6.11 -0.91 -5.79
N ILE B 37 -7.38 -1.04 -6.10
CA ILE B 37 -8.12 -0.15 -7.00
C ILE B 37 -9.56 0.08 -6.48
N VAL B 38 -10.23 1.11 -6.98
CA VAL B 38 -11.64 1.45 -6.75
C VAL B 38 -12.15 1.35 -5.30
N GLU B 39 -11.33 1.87 -4.39
CA GLU B 39 -11.78 2.36 -3.09
C GLU B 39 -12.47 3.72 -3.23
N ASN B 40 -13.02 4.14 -2.11
CA ASN B 40 -14.02 5.20 -1.95
C ASN B 40 -13.38 6.43 -1.28
N LEU B 41 -12.07 6.51 -1.42
CA LEU B 41 -11.10 7.19 -0.54
C LEU B 41 -10.25 8.24 -1.28
N PHE B 42 -9.43 8.99 -0.55
CA PHE B 42 -8.77 10.21 -1.05
C PHE B 42 -7.33 10.47 -0.55
N TYR B 43 -6.94 10.00 0.64
CA TYR B 43 -5.69 10.36 1.33
C TYR B 43 -5.10 9.23 2.19
N PRO B 44 -3.80 9.29 2.57
CA PRO B 44 -3.11 8.25 3.34
C PRO B 44 -3.57 8.10 4.81
N VAL B 45 -4.65 7.35 4.92
CA VAL B 45 -5.21 6.64 6.10
C VAL B 45 -5.60 5.23 5.68
N THR B 46 -6.18 5.10 4.48
CA THR B 46 -6.08 4.01 3.53
C THR B 46 -4.91 3.09 3.81
N LEU B 47 -3.67 3.58 3.78
CA LEU B 47 -2.53 2.67 3.85
C LEU B 47 -2.32 2.00 5.21
N ASP B 48 -2.58 2.74 6.28
CA ASP B 48 -2.56 2.22 7.65
C ASP B 48 -3.82 1.42 7.96
N VAL B 49 -4.85 1.53 7.11
CA VAL B 49 -6.11 0.80 7.20
C VAL B 49 -6.02 -0.51 6.42
N LEU B 50 -5.37 -0.47 5.26
CA LEU B 50 -4.89 -1.66 4.56
C LEU B 50 -4.00 -2.50 5.48
N HIS B 51 -3.05 -1.89 6.20
CA HIS B 51 -2.26 -2.57 7.23
C HIS B 51 -3.18 -3.21 8.28
N GLN B 52 -4.19 -2.47 8.79
CA GLN B 52 -5.01 -2.92 9.90
C GLN B 52 -6.05 -4.02 9.58
N ILE B 53 -6.40 -4.17 8.30
CA ILE B 53 -7.46 -5.07 7.79
C ILE B 53 -6.88 -6.25 7.00
N PHE B 54 -5.74 -6.05 6.35
CA PHE B 54 -4.97 -7.12 5.70
C PHE B 54 -4.05 -7.84 6.69
N SER B 55 -3.73 -7.25 7.87
CA SER B 55 -3.03 -7.98 8.95
C SER B 55 -3.86 -9.16 9.51
N LYS B 56 -5.16 -9.15 9.24
CA LYS B 56 -6.13 -10.19 9.56
C LYS B 56 -5.94 -11.45 8.72
N PHE B 57 -5.25 -11.34 7.59
CA PHE B 57 -4.95 -12.43 6.67
C PHE B 57 -3.45 -12.83 6.68
N GLY B 58 -2.57 -11.95 7.15
CA GLY B 58 -1.11 -12.07 7.05
C GLY B 58 -0.36 -10.88 7.65
N THR B 59 0.64 -10.39 6.91
CA THR B 59 1.59 -9.35 7.34
C THR B 59 1.94 -8.48 6.15
N VAL B 60 1.34 -7.28 6.03
CA VAL B 60 1.74 -6.35 4.96
C VAL B 60 3.13 -5.77 5.23
N LEU B 61 3.71 -5.08 4.24
CA LEU B 61 5.10 -4.63 4.25
C LEU B 61 5.22 -3.13 3.98
N LYS B 62 4.70 -2.64 2.85
CA LYS B 62 4.84 -1.21 2.49
C LYS B 62 3.83 -0.75 1.45
N ILE B 63 3.44 0.53 1.46
CA ILE B 63 2.19 0.98 0.83
C ILE B 63 2.36 2.32 0.09
N ILE B 64 1.73 2.42 -1.08
CA ILE B 64 1.52 3.63 -1.89
C ILE B 64 0.00 3.92 -1.96
N THR B 65 -0.39 5.19 -2.10
CA THR B 65 -1.77 5.67 -2.30
C THR B 65 -1.83 6.81 -3.34
N PHE B 66 -2.23 6.51 -4.58
CA PHE B 66 -2.39 7.53 -5.66
C PHE B 66 -3.77 7.57 -6.34
N THR B 67 -3.92 8.51 -7.28
CA THR B 67 -5.09 8.77 -8.13
C THR B 67 -4.63 8.81 -9.58
N LYS B 68 -4.79 7.70 -10.32
CA LYS B 68 -4.26 7.49 -11.69
C LYS B 68 -4.71 8.59 -12.67
N ASN B 69 -6.01 8.84 -12.74
CA ASN B 69 -6.65 9.99 -13.40
C ASN B 69 -7.88 10.46 -12.61
N ASN B 70 -8.92 9.63 -12.55
CA ASN B 70 -10.17 9.88 -11.81
C ASN B 70 -10.49 8.77 -10.77
N GLN B 71 -9.92 7.57 -10.93
CA GLN B 71 -9.93 6.49 -9.94
C GLN B 71 -8.98 6.77 -8.78
N PHE B 72 -9.23 6.09 -7.67
CA PHE B 72 -8.30 5.96 -6.55
C PHE B 72 -7.68 4.56 -6.53
N GLN B 73 -6.39 4.52 -6.23
CA GLN B 73 -5.56 3.33 -6.08
C GLN B 73 -4.78 3.32 -4.77
N ALA B 74 -4.43 2.10 -4.34
CA ALA B 74 -3.27 1.84 -3.50
C ALA B 74 -2.43 0.71 -4.12
N LEU B 75 -1.20 0.55 -3.61
CA LEU B 75 -0.17 -0.31 -4.20
C LEU B 75 0.69 -0.76 -3.02
N LEU B 76 0.57 -2.04 -2.63
CA LEU B 76 1.16 -2.54 -1.39
C LEU B 76 1.96 -3.81 -1.55
N GLN B 77 3.06 -3.91 -0.80
CA GLN B 77 3.86 -5.13 -0.73
C GLN B 77 3.61 -5.80 0.61
N TYR B 78 3.77 -7.12 0.63
CA TYR B 78 3.35 -8.02 1.69
C TYR B 78 4.51 -8.97 2.02
N ALA B 79 4.44 -9.66 3.15
CA ALA B 79 5.38 -10.73 3.50
C ALA B 79 5.34 -11.87 2.48
N ASP B 80 4.14 -12.43 2.31
CA ASP B 80 3.87 -13.69 1.65
C ASP B 80 2.60 -13.63 0.78
N PRO B 81 2.65 -14.35 -0.34
CA PRO B 81 1.62 -14.35 -1.35
C PRO B 81 0.41 -15.21 -1.01
N VAL B 82 0.48 -16.17 -0.08
CA VAL B 82 -0.59 -17.13 0.26
C VAL B 82 -1.60 -16.47 1.21
N SER B 83 -1.08 -15.71 2.16
CA SER B 83 -1.86 -14.74 2.93
C SER B 83 -2.40 -13.61 2.06
N ALA B 84 -1.61 -13.11 1.09
CA ALA B 84 -2.11 -12.11 0.14
C ALA B 84 -3.20 -12.68 -0.81
N GLN B 85 -3.12 -13.96 -1.21
CA GLN B 85 -4.14 -14.74 -1.92
C GLN B 85 -5.43 -14.73 -1.11
N HIS B 86 -5.42 -15.15 0.15
CA HIS B 86 -6.56 -15.12 1.05
C HIS B 86 -7.19 -13.72 1.19
N ALA B 87 -6.37 -12.67 1.20
CA ALA B 87 -6.85 -11.29 1.20
C ALA B 87 -7.41 -10.83 -0.17
N LYS B 88 -7.01 -11.44 -1.29
CA LYS B 88 -7.50 -11.14 -2.65
C LYS B 88 -8.85 -11.82 -2.82
N LEU B 89 -8.92 -13.12 -2.66
CA LEU B 89 -10.12 -13.87 -2.31
C LEU B 89 -11.21 -13.03 -1.59
N SER B 90 -10.98 -12.71 -0.32
CA SER B 90 -11.95 -12.02 0.53
C SER B 90 -12.19 -10.57 0.08
N LEU B 91 -11.15 -9.76 0.02
CA LEU B 91 -11.27 -8.30 -0.15
C LEU B 91 -11.32 -7.87 -1.62
N ASP B 92 -10.98 -8.74 -2.59
CA ASP B 92 -11.35 -8.50 -3.99
C ASP B 92 -12.83 -8.89 -4.21
N GLY B 93 -13.30 -9.92 -3.48
CA GLY B 93 -14.65 -10.45 -3.54
C GLY B 93 -15.77 -9.44 -3.24
N GLN B 94 -15.55 -8.57 -2.25
CA GLN B 94 -16.54 -7.65 -1.65
C GLN B 94 -15.85 -6.41 -1.03
N ASN B 95 -16.51 -5.70 -0.11
CA ASN B 95 -15.92 -4.64 0.72
C ASN B 95 -15.03 -5.26 1.80
N ILE B 96 -15.49 -5.28 3.05
CA ILE B 96 -14.82 -5.77 4.26
C ILE B 96 -15.84 -6.39 5.22
N TYR B 97 -16.95 -5.69 5.51
CA TYR B 97 -17.91 -6.00 6.58
C TYR B 97 -19.30 -5.38 6.39
N ASN B 98 -19.36 -4.11 5.98
CA ASN B 98 -20.47 -3.18 6.28
C ASN B 98 -21.37 -2.84 5.08
N ALA B 99 -21.24 -3.58 3.97
CA ALA B 99 -21.89 -3.33 2.66
C ALA B 99 -21.49 -2.00 1.97
N CYS B 100 -20.53 -1.26 2.52
CA CYS B 100 -19.98 0.01 2.03
C CYS B 100 -18.43 0.00 2.09
N CYS B 101 -17.80 0.98 1.44
CA CYS B 101 -16.36 1.10 1.16
C CYS B 101 -15.80 -0.16 0.46
N THR B 102 -16.27 -0.37 -0.78
CA THR B 102 -15.85 -1.46 -1.68
C THR B 102 -14.38 -1.36 -2.10
N LEU B 103 -13.87 -2.45 -2.69
CA LEU B 103 -12.49 -2.67 -3.12
C LEU B 103 -12.44 -3.46 -4.43
N ARG B 104 -11.46 -3.14 -5.29
CA ARG B 104 -10.77 -4.15 -6.13
C ARG B 104 -9.34 -4.34 -5.61
N ILE B 105 -8.81 -5.56 -5.60
CA ILE B 105 -7.44 -5.86 -5.16
C ILE B 105 -6.89 -7.09 -5.89
N ASP B 106 -5.72 -6.92 -6.53
CA ASP B 106 -5.08 -7.88 -7.44
C ASP B 106 -3.55 -7.88 -7.30
N PHE B 107 -2.81 -8.72 -8.04
CA PHE B 107 -1.34 -8.73 -7.99
C PHE B 107 -0.71 -7.71 -8.97
N SER B 108 0.58 -7.39 -8.79
CA SER B 108 1.28 -6.43 -9.67
C SER B 108 2.06 -7.05 -10.86
N LYS B 109 2.57 -6.22 -11.79
CA LYS B 109 3.70 -6.58 -12.69
C LYS B 109 5.09 -6.44 -12.04
N LEU B 110 5.27 -5.53 -11.09
CA LEU B 110 6.58 -5.18 -10.54
C LEU B 110 7.23 -6.34 -9.75
N THR B 111 6.40 -7.13 -9.05
CA THR B 111 6.77 -8.15 -8.05
C THR B 111 7.59 -7.62 -6.85
N SER B 112 7.87 -6.31 -6.79
CA SER B 112 8.34 -5.56 -5.62
C SER B 112 7.97 -4.07 -5.74
N LEU B 113 7.48 -3.44 -4.67
CA LEU B 113 7.17 -2.00 -4.63
C LEU B 113 8.23 -1.21 -3.82
N ASN B 114 8.38 0.07 -4.11
CA ASN B 114 9.34 1.01 -3.52
C ASN B 114 8.66 2.38 -3.22
N VAL B 115 8.67 2.77 -1.95
CA VAL B 115 8.07 4.02 -1.42
C VAL B 115 8.81 5.29 -1.85
N LYS B 116 8.07 6.42 -1.83
CA LYS B 116 8.47 7.78 -2.21
C LYS B 116 7.79 8.86 -1.36
N TYR B 117 7.67 8.56 -0.07
CA TYR B 117 7.47 9.49 1.07
C TYR B 117 6.02 9.94 1.34
N ASN B 118 5.57 9.78 2.60
CA ASN B 118 4.28 10.22 3.16
C ASN B 118 3.80 11.67 2.93
N ASN B 119 4.64 12.52 2.37
CA ASN B 119 4.31 13.93 2.14
C ASN B 119 3.24 14.15 1.06
N ASP B 120 3.08 13.19 0.13
CA ASP B 120 1.97 13.12 -0.82
C ASP B 120 1.54 11.69 -1.19
N LYS B 121 2.42 10.68 -1.09
CA LYS B 121 2.25 9.44 -1.90
C LYS B 121 2.23 8.09 -1.16
N SER B 122 3.02 7.88 -0.10
CA SER B 122 3.33 6.50 0.34
C SER B 122 4.09 6.41 1.66
N ARG B 123 3.89 5.36 2.46
CA ARG B 123 4.82 5.01 3.55
C ARG B 123 5.08 3.53 3.79
N ASP B 124 6.14 3.36 4.56
CA ASP B 124 6.81 2.11 4.94
C ASP B 124 6.82 1.98 6.48
N TYR B 125 6.67 0.75 6.98
CA TYR B 125 6.48 0.46 8.41
C TYR B 125 7.67 -0.24 9.11
N THR B 126 8.77 -0.54 8.41
CA THR B 126 10.09 -0.74 9.07
C THR B 126 10.78 0.61 9.30
N ARG B 127 10.55 1.56 8.38
CA ARG B 127 10.88 2.98 8.51
C ARG B 127 10.12 3.65 9.67
N PRO B 128 10.57 4.84 10.12
CA PRO B 128 10.01 5.55 11.28
C PRO B 128 8.50 5.72 11.18
N ASP B 129 8.12 6.23 10.01
CA ASP B 129 6.83 6.76 9.55
C ASP B 129 6.88 6.91 8.02
N LEU B 130 8.02 6.54 7.42
CA LEU B 130 8.97 7.42 6.75
C LEU B 130 9.28 8.84 7.30
N PRO B 131 10.45 9.41 6.96
CA PRO B 131 10.91 10.72 7.49
C PRO B 131 10.10 11.93 7.06
N SER B 132 9.53 11.77 5.88
CA SER B 132 8.90 12.68 4.95
C SER B 132 9.84 13.32 3.90
N GLY B 133 11.15 13.18 4.07
CA GLY B 133 12.19 13.48 3.07
C GLY B 133 13.47 14.03 3.70
N ASP B 134 14.61 13.78 3.04
CA ASP B 134 15.92 14.29 3.44
C ASP B 134 16.27 15.66 2.79
N SER B 135 15.48 16.09 1.81
CA SER B 135 15.67 17.32 1.02
C SER B 135 15.39 18.62 1.79
N GLN B 136 15.99 19.72 1.33
CA GLN B 136 15.58 21.10 1.56
C GLN B 136 14.36 21.45 0.66
N PRO B 137 13.68 22.58 0.90
CA PRO B 137 12.68 23.16 0.03
C PRO B 137 13.16 23.36 -1.42
N SER B 138 12.18 23.54 -2.31
CA SER B 138 12.29 23.59 -3.76
C SER B 138 11.41 24.66 -4.37
N LEU B 139 12.01 25.82 -4.46
CA LEU B 139 11.52 27.18 -4.69
C LEU B 139 10.94 27.43 -6.10
N ASP B 140 10.83 26.38 -6.91
CA ASP B 140 10.00 26.26 -8.12
C ASP B 140 8.51 26.11 -7.77
N GLN B 141 8.24 25.43 -6.64
CA GLN B 141 6.94 24.83 -6.32
C GLN B 141 6.61 24.79 -4.81
N THR B 142 7.64 24.88 -3.96
CA THR B 142 7.53 24.77 -2.49
C THR B 142 7.33 26.13 -1.87
N MET B 143 8.39 26.96 -1.86
CA MET B 143 8.35 28.32 -1.34
C MET B 143 7.97 29.32 -2.43
N ALA B 144 7.90 28.91 -3.71
CA ALA B 144 7.77 29.74 -4.92
C ALA B 144 6.78 30.93 -4.93
N ALA B 145 5.77 30.96 -4.04
CA ALA B 145 4.94 32.14 -3.79
C ALA B 145 5.68 33.32 -3.11
N ALA B 146 6.74 33.05 -2.33
CA ALA B 146 7.49 33.99 -1.50
C ALA B 146 9.03 33.74 -1.40
N PHE B 147 9.53 32.59 -1.89
CA PHE B 147 10.92 32.11 -1.96
C PHE B 147 12.05 33.12 -1.67
N GLY B 148 12.24 34.16 -2.49
CA GLY B 148 13.24 35.21 -2.35
C GLY B 148 13.42 36.08 -3.59
N ASP B 22 9.99 -31.39 4.01
CA ASP B 22 10.14 -30.02 4.56
C ASP B 22 9.02 -29.70 5.57
N ALA B 23 8.99 -28.47 6.10
CA ALA B 23 8.01 -28.01 7.09
C ALA B 23 6.54 -27.89 6.58
N GLY B 24 6.32 -27.95 5.26
CA GLY B 24 5.01 -27.80 4.60
C GLY B 24 4.86 -26.54 3.74
N MET B 25 5.98 -25.92 3.34
CA MET B 25 6.06 -24.62 2.65
C MET B 25 5.59 -24.61 1.18
N ALA B 26 5.14 -25.75 0.65
CA ALA B 26 4.71 -25.95 -0.73
C ALA B 26 3.32 -25.37 -1.10
N MET B 27 2.61 -24.71 -0.17
CA MET B 27 1.25 -24.19 -0.38
C MET B 27 1.12 -23.10 -1.47
N ALA B 28 -0.13 -22.84 -1.87
CA ALA B 28 -0.49 -21.91 -2.94
C ALA B 28 -0.31 -20.42 -2.56
N GLY B 29 0.78 -19.81 -3.03
CA GLY B 29 1.00 -18.36 -3.00
C GLY B 29 2.42 -17.97 -3.43
N GLN B 30 2.51 -16.99 -4.34
CA GLN B 30 3.80 -16.59 -4.93
C GLN B 30 3.98 -15.13 -5.41
N SER B 31 2.97 -14.27 -5.26
CA SER B 31 2.93 -12.87 -5.70
C SER B 31 2.68 -11.94 -4.49
N PRO B 32 3.74 -11.47 -3.80
CA PRO B 32 3.63 -10.79 -2.50
C PRO B 32 3.26 -9.29 -2.57
N VAL B 33 2.83 -8.76 -3.71
CA VAL B 33 2.48 -7.32 -3.84
C VAL B 33 1.20 -7.08 -4.66
N LEU B 34 0.48 -6.04 -4.24
CA LEU B 34 -0.95 -5.84 -4.42
C LEU B 34 -1.31 -4.48 -5.06
N ARG B 35 -1.84 -4.57 -6.29
CA ARG B 35 -2.56 -3.55 -7.07
C ARG B 35 -3.99 -3.34 -6.56
N ILE B 36 -4.22 -2.44 -5.61
CA ILE B 36 -5.56 -2.07 -5.10
C ILE B 36 -6.06 -0.79 -5.81
N ILE B 37 -7.36 -0.76 -6.08
CA ILE B 37 -8.02 0.26 -6.90
C ILE B 37 -9.46 0.53 -6.41
N VAL B 38 -10.05 1.62 -6.91
CA VAL B 38 -11.45 2.08 -6.73
C VAL B 38 -12.02 1.91 -5.32
N GLU B 39 -11.24 2.31 -4.32
CA GLU B 39 -11.66 2.38 -2.92
C GLU B 39 -12.55 3.59 -2.63
N ASN B 40 -13.02 3.58 -1.39
CA ASN B 40 -14.15 4.32 -0.82
C ASN B 40 -13.63 5.40 0.15
N LEU B 41 -12.48 5.94 -0.23
CA LEU B 41 -11.45 6.55 0.61
C LEU B 41 -10.96 7.93 0.11
N PHE B 42 -9.93 8.47 0.77
CA PHE B 42 -9.55 9.89 0.71
C PHE B 42 -8.04 10.15 0.60
N TYR B 43 -7.29 9.80 1.65
CA TYR B 43 -5.98 10.39 1.99
C TYR B 43 -5.00 9.33 2.57
N PRO B 44 -3.68 9.64 2.76
CA PRO B 44 -2.67 8.77 3.40
C PRO B 44 -2.86 8.40 4.90
N VAL B 45 -4.00 7.79 5.13
CA VAL B 45 -4.57 7.11 6.31
C VAL B 45 -5.32 5.86 5.89
N THR B 46 -5.87 5.85 4.67
CA THR B 46 -5.91 4.73 3.72
C THR B 46 -4.78 3.76 3.99
N LEU B 47 -3.51 4.18 3.93
CA LEU B 47 -2.42 3.21 4.02
C LEU B 47 -2.23 2.56 5.39
N ASP B 48 -2.52 3.29 6.45
CA ASP B 48 -2.56 2.76 7.82
C ASP B 48 -3.78 1.85 8.04
N VAL B 49 -4.81 2.05 7.21
CA VAL B 49 -6.11 1.37 7.28
C VAL B 49 -6.08 0.10 6.44
N LEU B 50 -5.44 0.17 5.27
CA LEU B 50 -5.03 -1.02 4.53
C LEU B 50 -4.15 -1.92 5.41
N HIS B 51 -3.23 -1.34 6.20
CA HIS B 51 -2.47 -2.09 7.19
C HIS B 51 -3.41 -2.76 8.21
N GLN B 52 -4.42 -2.06 8.72
CA GLN B 52 -5.30 -2.52 9.79
C GLN B 52 -6.37 -3.54 9.37
N ILE B 53 -6.68 -3.62 8.08
CA ILE B 53 -7.74 -4.44 7.47
C ILE B 53 -7.16 -5.65 6.72
N PHE B 54 -6.01 -5.49 6.08
CA PHE B 54 -5.28 -6.60 5.48
C PHE B 54 -4.45 -7.37 6.54
N SER B 55 -4.20 -6.80 7.73
CA SER B 55 -3.65 -7.57 8.87
C SER B 55 -4.61 -8.67 9.36
N LYS B 56 -5.89 -8.62 8.95
CA LYS B 56 -6.92 -9.64 9.18
C LYS B 56 -6.67 -10.91 8.35
N PHE B 57 -5.86 -10.80 7.29
CA PHE B 57 -5.51 -11.91 6.39
C PHE B 57 -4.06 -12.35 6.58
N GLY B 58 -3.13 -11.41 6.77
CA GLY B 58 -1.72 -11.68 7.10
C GLY B 58 -1.01 -10.45 7.66
N THR B 59 -0.06 -9.93 6.89
CA THR B 59 0.88 -8.88 7.32
C THR B 59 1.33 -8.10 6.10
N VAL B 60 0.81 -6.87 5.92
CA VAL B 60 1.34 -5.96 4.89
C VAL B 60 2.77 -5.52 5.25
N LEU B 61 3.46 -4.88 4.31
CA LEU B 61 4.88 -4.53 4.41
C LEU B 61 5.09 -3.04 4.15
N LYS B 62 4.59 -2.55 3.00
CA LYS B 62 4.73 -1.12 2.66
C LYS B 62 3.72 -0.65 1.62
N ILE B 63 3.40 0.64 1.57
CA ILE B 63 2.19 1.16 0.92
C ILE B 63 2.47 2.43 0.09
N ILE B 64 2.13 2.40 -1.18
CA ILE B 64 1.92 3.59 -2.04
C ILE B 64 0.41 3.91 -2.09
N THR B 65 0.03 5.18 -2.16
CA THR B 65 -1.37 5.66 -2.32
C THR B 65 -1.46 6.83 -3.32
N PHE B 66 -1.91 6.57 -4.56
CA PHE B 66 -2.13 7.62 -5.59
C PHE B 66 -3.56 7.70 -6.16
N THR B 67 -3.78 8.59 -7.13
CA THR B 67 -5.00 8.78 -7.92
C THR B 67 -4.64 9.11 -9.36
N LYS B 68 -5.38 8.53 -10.31
CA LYS B 68 -5.31 8.81 -11.75
C LYS B 68 -6.72 8.92 -12.36
N ASN B 69 -6.86 9.81 -13.36
CA ASN B 69 -8.13 10.31 -13.92
C ASN B 69 -9.17 10.72 -12.86
N ASN B 70 -9.99 9.77 -12.40
CA ASN B 70 -11.06 9.94 -11.38
C ASN B 70 -11.07 8.82 -10.30
N GLN B 71 -10.12 7.89 -10.39
CA GLN B 71 -9.99 6.69 -9.55
C GLN B 71 -9.41 6.97 -8.16
N PHE B 72 -9.10 5.91 -7.42
CA PHE B 72 -8.31 5.94 -6.19
C PHE B 72 -7.50 4.64 -6.07
N GLN B 73 -6.18 4.73 -6.07
CA GLN B 73 -5.24 3.61 -6.09
C GLN B 73 -4.48 3.46 -4.77
N ALA B 74 -4.22 2.21 -4.40
CA ALA B 74 -3.16 1.84 -3.46
C ALA B 74 -2.34 0.67 -4.02
N LEU B 75 -1.05 0.65 -3.72
CA LEU B 75 -0.06 -0.19 -4.38
C LEU B 75 0.89 -0.61 -3.27
N LEU B 76 0.72 -1.82 -2.76
CA LEU B 76 1.28 -2.25 -1.49
C LEU B 76 2.05 -3.55 -1.63
N GLN B 77 2.97 -3.80 -0.70
CA GLN B 77 3.65 -5.08 -0.59
C GLN B 77 3.31 -5.72 0.73
N TYR B 78 3.39 -7.04 0.79
CA TYR B 78 3.08 -7.91 1.91
C TYR B 78 4.34 -8.65 2.38
N ALA B 79 4.25 -9.23 3.56
CA ALA B 79 5.19 -10.22 4.07
C ALA B 79 5.22 -11.46 3.17
N ASP B 80 4.03 -12.06 3.00
CA ASP B 80 3.83 -13.36 2.43
C ASP B 80 2.69 -13.35 1.39
N PRO B 81 2.90 -14.07 0.30
CA PRO B 81 1.99 -14.12 -0.83
C PRO B 81 0.78 -15.02 -0.59
N VAL B 82 0.81 -15.96 0.36
CA VAL B 82 -0.26 -16.91 0.70
C VAL B 82 -1.37 -16.23 1.48
N SER B 83 -1.00 -15.34 2.39
CA SER B 83 -1.94 -14.43 3.04
C SER B 83 -2.36 -13.29 2.13
N ALA B 84 -1.52 -12.89 1.15
CA ALA B 84 -1.94 -11.99 0.07
C ALA B 84 -2.96 -12.64 -0.91
N GLN B 85 -2.79 -13.94 -1.22
CA GLN B 85 -3.75 -14.81 -1.92
C GLN B 85 -5.08 -14.76 -1.19
N HIS B 86 -5.12 -15.10 0.10
CA HIS B 86 -6.29 -15.02 0.95
C HIS B 86 -7.00 -13.65 0.94
N ALA B 87 -6.23 -12.56 0.97
CA ALA B 87 -6.78 -11.21 0.87
C ALA B 87 -7.37 -10.88 -0.51
N LYS B 88 -6.90 -11.50 -1.59
CA LYS B 88 -7.41 -11.28 -2.95
C LYS B 88 -8.66 -12.11 -3.19
N LEU B 89 -8.59 -13.42 -3.00
CA LEU B 89 -9.72 -14.27 -2.66
C LEU B 89 -10.95 -13.51 -2.09
N SER B 90 -10.83 -13.01 -0.85
CA SER B 90 -11.92 -12.31 -0.14
C SER B 90 -12.17 -10.90 -0.67
N LEU B 91 -11.16 -10.02 -0.66
CA LEU B 91 -11.32 -8.59 -0.95
C LEU B 91 -11.31 -8.26 -2.45
N ASP B 92 -10.86 -9.18 -3.34
CA ASP B 92 -11.25 -9.10 -4.76
C ASP B 92 -12.68 -9.64 -4.96
N GLY B 93 -13.02 -10.73 -4.26
CA GLY B 93 -14.36 -11.33 -4.19
C GLY B 93 -15.48 -10.32 -4.00
N GLN B 94 -15.39 -9.52 -2.94
CA GLN B 94 -16.35 -8.52 -2.48
C GLN B 94 -15.59 -7.42 -1.68
N ASN B 95 -16.28 -6.60 -0.88
CA ASN B 95 -15.66 -5.75 0.12
C ASN B 95 -15.02 -6.59 1.26
N ILE B 96 -14.66 -5.93 2.35
CA ILE B 96 -14.32 -6.54 3.65
C ILE B 96 -15.35 -7.57 4.17
N TYR B 97 -16.54 -7.12 4.56
CA TYR B 97 -17.55 -7.86 5.33
C TYR B 97 -18.98 -7.28 5.21
N ASN B 98 -19.13 -5.94 5.22
CA ASN B 98 -20.36 -5.23 5.60
C ASN B 98 -20.96 -4.32 4.51
N ALA B 99 -20.42 -4.36 3.28
CA ALA B 99 -20.84 -3.54 2.11
C ALA B 99 -20.72 -2.01 2.30
N CYS B 100 -19.90 -1.58 3.27
CA CYS B 100 -19.58 -0.19 3.58
C CYS B 100 -18.61 0.43 2.55
N CYS B 101 -17.30 0.20 2.72
CA CYS B 101 -16.21 0.67 1.87
C CYS B 101 -15.76 -0.43 0.90
N THR B 102 -16.25 -0.41 -0.34
CA THR B 102 -15.82 -1.34 -1.41
C THR B 102 -14.40 -1.02 -1.91
N LEU B 103 -13.81 -1.96 -2.64
CA LEU B 103 -12.54 -1.83 -3.36
C LEU B 103 -12.41 -2.87 -4.49
N ARG B 104 -11.50 -2.62 -5.45
CA ARG B 104 -10.92 -3.63 -6.37
C ARG B 104 -9.51 -3.97 -5.90
N ILE B 105 -9.06 -5.22 -6.03
CA ILE B 105 -7.67 -5.61 -5.73
C ILE B 105 -7.19 -6.75 -6.63
N ASP B 106 -5.99 -6.59 -7.15
CA ASP B 106 -5.26 -7.59 -7.94
C ASP B 106 -3.83 -7.81 -7.40
N PHE B 107 -3.13 -8.82 -7.93
CA PHE B 107 -1.67 -8.83 -7.89
C PHE B 107 -1.11 -7.81 -8.88
N SER B 108 0.01 -7.18 -8.54
CA SER B 108 0.72 -6.32 -9.50
C SER B 108 1.42 -7.14 -10.60
N LYS B 109 1.83 -6.50 -11.72
CA LYS B 109 2.94 -7.05 -12.55
C LYS B 109 4.28 -7.08 -11.79
N LEU B 110 4.45 -6.16 -10.85
CA LEU B 110 5.54 -6.15 -9.88
C LEU B 110 5.47 -7.36 -8.92
N THR B 111 6.63 -7.81 -8.43
CA THR B 111 6.78 -8.79 -7.33
C THR B 111 7.63 -8.26 -6.17
N SER B 112 8.13 -7.02 -6.31
CA SER B 112 8.57 -6.11 -5.25
C SER B 112 8.10 -4.70 -5.60
N LEU B 113 7.43 -3.99 -4.69
CA LEU B 113 7.17 -2.54 -4.82
C LEU B 113 7.70 -1.77 -3.61
N ASN B 114 8.27 -0.58 -3.84
CA ASN B 114 9.16 0.13 -2.92
C ASN B 114 8.84 1.64 -2.85
N VAL B 115 8.74 2.21 -1.64
CA VAL B 115 8.27 3.58 -1.41
C VAL B 115 9.14 4.66 -2.06
N LYS B 116 8.48 5.72 -2.54
CA LYS B 116 9.02 7.01 -2.98
C LYS B 116 8.28 8.14 -2.25
N TYR B 117 8.42 8.12 -0.93
CA TYR B 117 8.33 9.26 -0.01
C TYR B 117 6.90 9.69 0.38
N ASN B 118 6.57 9.57 1.66
CA ASN B 118 5.40 10.19 2.31
C ASN B 118 5.32 11.75 2.27
N ASN B 119 6.17 12.38 1.47
CA ASN B 119 6.08 13.77 1.04
C ASN B 119 4.74 14.05 0.31
N ASP B 120 4.30 13.10 -0.52
CA ASP B 120 2.98 13.11 -1.15
C ASP B 120 2.31 11.73 -1.20
N LYS B 121 3.09 10.63 -1.23
CA LYS B 121 2.64 9.42 -1.95
C LYS B 121 2.77 8.05 -1.26
N SER B 122 3.67 7.84 -0.29
CA SER B 122 3.97 6.47 0.18
C SER B 122 4.75 6.37 1.48
N ARG B 123 4.28 5.57 2.44
CA ARG B 123 5.08 5.20 3.62
C ARG B 123 5.26 3.72 3.88
N ASP B 124 6.32 3.51 4.65
CA ASP B 124 6.92 2.24 5.08
C ASP B 124 6.85 2.12 6.62
N TYR B 125 6.62 0.91 7.12
CA TYR B 125 6.37 0.63 8.55
C TYR B 125 7.51 -0.10 9.31
N THR B 126 8.63 -0.41 8.64
CA THR B 126 9.90 -0.78 9.28
C THR B 126 10.88 0.41 9.35
N ARG B 127 10.71 1.41 8.48
CA ARG B 127 11.16 2.80 8.61
C ARG B 127 10.39 3.52 9.75
N PRO B 128 10.85 4.71 10.20
CA PRO B 128 10.31 5.40 11.38
C PRO B 128 8.84 5.83 11.23
N ASP B 129 8.52 6.22 10.01
CA ASP B 129 7.49 7.14 9.53
C ASP B 129 7.68 7.34 8.02
N LEU B 130 8.97 7.43 7.62
CA LEU B 130 9.61 7.62 6.34
C LEU B 130 10.09 9.10 6.17
N PRO B 131 11.35 9.33 5.73
CA PRO B 131 12.04 10.62 5.75
C PRO B 131 11.31 11.84 5.19
N SER B 132 10.59 11.59 4.10
CA SER B 132 10.04 12.50 3.11
C SER B 132 11.06 13.13 2.14
N GLY B 133 12.36 12.88 2.35
CA GLY B 133 13.43 13.23 1.41
C GLY B 133 14.83 13.25 2.04
N ASP B 134 15.74 12.46 1.47
CA ASP B 134 17.15 12.40 1.87
C ASP B 134 18.09 13.35 1.09
N SER B 135 17.69 13.77 -0.11
CA SER B 135 18.46 14.64 -1.02
C SER B 135 18.75 16.04 -0.44
N GLN B 136 19.90 16.61 -0.81
CA GLN B 136 20.33 17.96 -0.50
C GLN B 136 19.50 19.04 -1.25
N PRO B 137 19.39 20.26 -0.69
CA PRO B 137 18.90 21.45 -1.38
C PRO B 137 19.98 22.03 -2.32
N SER B 138 19.67 23.14 -3.00
CA SER B 138 20.53 23.86 -3.91
C SER B 138 20.04 25.29 -4.08
N LEU B 139 20.95 26.20 -4.37
CA LEU B 139 20.68 27.64 -4.32
C LEU B 139 20.69 28.31 -5.71
N ASP B 140 20.82 27.48 -6.74
CA ASP B 140 20.46 27.78 -8.13
C ASP B 140 18.95 27.85 -8.30
N GLN B 141 18.22 26.98 -7.58
CA GLN B 141 16.84 26.64 -7.89
C GLN B 141 15.89 26.40 -6.70
N THR B 142 16.41 25.95 -5.56
CA THR B 142 15.56 25.51 -4.42
C THR B 142 15.42 26.61 -3.39
N MET B 143 16.52 26.89 -2.70
CA MET B 143 16.69 27.97 -1.77
C MET B 143 16.78 29.30 -2.52
N ALA B 144 17.08 29.31 -3.82
CA ALA B 144 17.39 30.48 -4.63
C ALA B 144 16.50 31.74 -4.47
N ALA B 145 15.22 31.58 -4.13
CA ALA B 145 14.29 32.68 -3.80
C ALA B 145 14.57 33.38 -2.45
N ALA B 146 15.39 32.79 -1.58
CA ALA B 146 15.71 33.18 -0.20
C ALA B 146 17.21 33.02 0.14
N PHE B 147 17.77 31.80 0.02
CA PHE B 147 19.19 31.38 0.08
C PHE B 147 20.09 31.84 1.27
N GLY B 148 19.60 32.70 2.18
CA GLY B 148 20.27 33.17 3.40
C GLY B 148 19.49 34.26 4.11
N ASP B 22 8.43 -15.62 -22.39
CA ASP B 22 9.38 -15.17 -21.35
C ASP B 22 9.74 -16.36 -20.43
N ALA B 23 9.78 -16.18 -19.11
CA ALA B 23 10.22 -17.20 -18.14
C ALA B 23 9.29 -18.43 -17.99
N GLY B 24 8.03 -18.33 -18.42
CA GLY B 24 7.04 -19.41 -18.39
C GLY B 24 6.39 -19.67 -17.02
N MET B 25 6.67 -18.84 -16.01
CA MET B 25 6.15 -18.91 -14.64
C MET B 25 5.89 -17.50 -14.10
N ALA B 26 4.61 -17.19 -13.83
CA ALA B 26 4.15 -15.92 -13.28
C ALA B 26 2.91 -16.10 -12.38
N MET B 27 1.81 -16.64 -12.93
CA MET B 27 0.52 -16.95 -12.28
C MET B 27 -0.20 -15.70 -11.67
N ALA B 28 -1.36 -15.93 -11.06
CA ALA B 28 -2.29 -14.89 -10.59
C ALA B 28 -2.25 -14.62 -9.06
N GLY B 29 -1.17 -15.07 -8.42
CA GLY B 29 -0.71 -14.68 -7.10
C GLY B 29 0.80 -14.59 -7.11
N GLN B 30 1.39 -14.83 -5.94
CA GLN B 30 2.63 -15.55 -5.72
C GLN B 30 3.90 -14.75 -5.99
N SER B 31 3.73 -13.59 -6.60
CA SER B 31 4.45 -12.37 -6.33
C SER B 31 3.98 -11.76 -5.00
N PRO B 32 4.88 -11.16 -4.20
CA PRO B 32 4.57 -10.61 -2.87
C PRO B 32 3.81 -9.27 -2.87
N VAL B 33 3.28 -8.76 -4.00
CA VAL B 33 2.75 -7.38 -4.09
C VAL B 33 1.42 -7.24 -4.83
N LEU B 34 0.67 -6.21 -4.40
CA LEU B 34 -0.74 -5.97 -4.68
C LEU B 34 -0.98 -4.63 -5.39
N ARG B 35 -1.73 -4.67 -6.49
CA ARG B 35 -2.71 -3.64 -6.85
C ARG B 35 -3.89 -3.59 -5.87
N ILE B 36 -4.32 -2.39 -5.50
CA ILE B 36 -5.64 -2.09 -4.92
C ILE B 36 -6.22 -0.89 -5.67
N ILE B 37 -7.51 -0.94 -5.97
CA ILE B 37 -8.21 0.00 -6.85
C ILE B 37 -9.66 0.21 -6.39
N VAL B 38 -10.29 1.31 -6.82
CA VAL B 38 -11.72 1.66 -6.63
C VAL B 38 -12.26 1.49 -5.21
N GLU B 39 -11.41 1.86 -4.26
CA GLU B 39 -11.68 2.16 -2.86
C GLU B 39 -12.20 3.59 -2.72
N ASN B 40 -12.71 3.88 -1.53
CA ASN B 40 -13.74 4.89 -1.29
C ASN B 40 -13.24 6.02 -0.38
N LEU B 41 -11.93 6.26 -0.46
CA LEU B 41 -11.07 6.96 0.49
C LEU B 41 -9.93 7.71 -0.23
N PHE B 42 -9.11 8.46 0.49
CA PHE B 42 -8.11 9.40 -0.11
C PHE B 42 -6.78 9.49 0.66
N TYR B 43 -6.78 10.18 1.79
CA TYR B 43 -5.58 10.67 2.50
C TYR B 43 -4.75 9.55 3.16
N PRO B 44 -3.44 9.79 3.48
CA PRO B 44 -2.51 8.78 4.02
C PRO B 44 -2.74 8.42 5.50
N VAL B 45 -3.86 7.74 5.64
CA VAL B 45 -4.44 6.96 6.76
C VAL B 45 -5.17 5.76 6.21
N THR B 46 -5.74 5.89 4.99
CA THR B 46 -5.89 4.87 3.96
C THR B 46 -4.79 3.83 4.07
N LEU B 47 -3.50 4.20 3.99
CA LEU B 47 -2.43 3.21 4.02
C LEU B 47 -2.20 2.52 5.36
N ASP B 48 -2.45 3.24 6.44
CA ASP B 48 -2.44 2.68 7.81
C ASP B 48 -3.67 1.77 8.05
N VAL B 49 -4.70 1.95 7.24
CA VAL B 49 -6.00 1.27 7.33
C VAL B 49 -5.99 0.04 6.43
N LEU B 50 -5.40 0.18 5.25
CA LEU B 50 -4.97 -0.98 4.48
C LEU B 50 -4.04 -1.87 5.30
N HIS B 51 -3.08 -1.29 6.05
CA HIS B 51 -2.27 -2.08 6.97
C HIS B 51 -3.15 -2.77 8.00
N GLN B 52 -4.08 -2.05 8.64
CA GLN B 52 -4.84 -2.59 9.76
C GLN B 52 -5.79 -3.74 9.38
N ILE B 53 -6.46 -3.61 8.23
CA ILE B 53 -7.46 -4.55 7.69
C ILE B 53 -6.81 -5.74 6.99
N PHE B 54 -5.74 -5.54 6.22
CA PHE B 54 -5.01 -6.62 5.56
C PHE B 54 -4.09 -7.37 6.54
N SER B 55 -3.72 -6.77 7.68
CA SER B 55 -3.00 -7.49 8.75
C SER B 55 -3.90 -8.47 9.52
N LYS B 56 -5.22 -8.45 9.26
CA LYS B 56 -6.18 -9.48 9.70
C LYS B 56 -5.97 -10.79 8.94
N PHE B 57 -5.31 -10.74 7.79
CA PHE B 57 -5.03 -11.91 6.93
C PHE B 57 -3.58 -12.41 7.06
N GLY B 58 -2.60 -11.50 7.08
CA GLY B 58 -1.16 -11.81 7.18
C GLY B 58 -0.31 -10.64 7.63
N THR B 59 0.74 -10.31 6.87
CA THR B 59 1.72 -9.29 7.24
C THR B 59 2.02 -8.40 6.04
N VAL B 60 1.31 -7.28 5.94
CA VAL B 60 1.58 -6.23 4.94
C VAL B 60 2.95 -5.58 5.23
N LEU B 61 3.57 -4.98 4.21
CA LEU B 61 4.95 -4.49 4.24
C LEU B 61 5.05 -2.99 3.97
N LYS B 62 4.57 -2.53 2.81
CA LYS B 62 4.65 -1.09 2.46
C LYS B 62 3.61 -0.66 1.44
N ILE B 63 3.25 0.62 1.41
CA ILE B 63 2.04 1.12 0.73
C ILE B 63 2.32 2.42 -0.06
N ILE B 64 1.93 2.44 -1.33
CA ILE B 64 1.67 3.64 -2.15
C ILE B 64 0.15 3.92 -2.14
N THR B 65 -0.28 5.18 -2.25
CA THR B 65 -1.69 5.63 -2.33
C THR B 65 -1.87 6.80 -3.30
N PHE B 66 -2.27 6.55 -4.57
CA PHE B 66 -2.47 7.62 -5.59
C PHE B 66 -3.79 7.58 -6.39
N THR B 67 -4.18 8.76 -6.89
CA THR B 67 -5.21 8.97 -7.91
C THR B 67 -4.57 9.02 -9.30
N LYS B 68 -4.84 8.01 -10.14
CA LYS B 68 -4.35 7.87 -11.53
C LYS B 68 -4.99 8.91 -12.47
N ASN B 69 -6.32 9.01 -12.44
CA ASN B 69 -7.15 9.89 -13.26
C ASN B 69 -8.35 10.43 -12.45
N ASN B 70 -9.41 9.62 -12.35
CA ASN B 70 -10.53 9.76 -11.42
C ASN B 70 -10.65 8.54 -10.48
N GLN B 71 -10.02 7.40 -10.83
CA GLN B 71 -9.85 6.26 -9.93
C GLN B 71 -8.87 6.56 -8.80
N PHE B 72 -9.14 5.98 -7.64
CA PHE B 72 -8.18 5.87 -6.55
C PHE B 72 -7.55 4.48 -6.53
N GLN B 73 -6.23 4.44 -6.31
CA GLN B 73 -5.38 3.28 -6.22
C GLN B 73 -4.65 3.26 -4.87
N ALA B 74 -4.33 2.06 -4.41
CA ALA B 74 -3.19 1.81 -3.56
C ALA B 74 -2.38 0.64 -4.12
N LEU B 75 -1.14 0.54 -3.67
CA LEU B 75 -0.13 -0.31 -4.26
C LEU B 75 0.75 -0.78 -3.12
N LEU B 76 0.59 -2.02 -2.71
CA LEU B 76 1.14 -2.50 -1.45
C LEU B 76 1.89 -3.81 -1.54
N GLN B 77 3.08 -3.85 -0.95
CA GLN B 77 3.83 -5.09 -0.81
C GLN B 77 3.51 -5.76 0.52
N TYR B 78 3.59 -7.08 0.53
CA TYR B 78 3.28 -7.99 1.62
C TYR B 78 4.50 -8.87 1.92
N ALA B 79 4.45 -9.57 3.04
CA ALA B 79 5.33 -10.67 3.38
C ALA B 79 5.00 -11.92 2.55
N ASP B 80 3.76 -12.38 2.69
CA ASP B 80 3.25 -13.67 2.25
C ASP B 80 2.13 -13.53 1.21
N PRO B 81 2.36 -14.02 -0.02
CA PRO B 81 1.39 -13.96 -1.10
C PRO B 81 0.18 -14.87 -0.84
N VAL B 82 0.29 -15.89 0.01
CA VAL B 82 -0.78 -16.83 0.38
C VAL B 82 -1.80 -16.17 1.31
N SER B 83 -1.35 -15.38 2.28
CA SER B 83 -2.25 -14.53 3.06
C SER B 83 -2.85 -13.42 2.19
N ALA B 84 -2.11 -12.92 1.18
CA ALA B 84 -2.60 -11.91 0.26
C ALA B 84 -3.61 -12.48 -0.77
N GLN B 85 -3.46 -13.76 -1.14
CA GLN B 85 -4.43 -14.58 -1.88
C GLN B 85 -5.73 -14.66 -1.09
N HIS B 86 -5.70 -15.05 0.19
CA HIS B 86 -6.85 -15.04 1.09
C HIS B 86 -7.51 -13.66 1.23
N ALA B 87 -6.75 -12.58 1.19
CA ALA B 87 -7.29 -11.22 1.18
C ALA B 87 -7.87 -10.81 -0.20
N LYS B 88 -7.43 -11.41 -1.31
CA LYS B 88 -7.92 -11.14 -2.68
C LYS B 88 -9.25 -11.86 -2.86
N LEU B 89 -9.29 -13.15 -2.68
CA LEU B 89 -10.47 -13.90 -2.25
C LEU B 89 -11.55 -13.04 -1.53
N SER B 90 -11.27 -12.70 -0.26
CA SER B 90 -12.25 -12.12 0.68
C SER B 90 -12.60 -10.66 0.39
N LEU B 91 -11.61 -9.84 -0.01
CA LEU B 91 -11.78 -8.41 -0.21
C LEU B 91 -11.96 -8.05 -1.70
N ASP B 92 -11.38 -8.81 -2.65
CA ASP B 92 -11.72 -8.57 -4.07
C ASP B 92 -13.14 -9.05 -4.40
N GLY B 93 -13.59 -10.12 -3.73
CA GLY B 93 -14.92 -10.70 -3.94
C GLY B 93 -16.08 -9.74 -3.68
N GLN B 94 -15.89 -8.77 -2.77
CA GLN B 94 -16.91 -7.82 -2.31
C GLN B 94 -16.33 -6.50 -1.74
N ASN B 95 -16.28 -6.37 -0.41
CA ASN B 95 -15.83 -5.21 0.34
C ASN B 95 -14.92 -5.65 1.51
N ILE B 96 -15.48 -5.78 2.70
CA ILE B 96 -14.91 -6.37 3.93
C ILE B 96 -15.93 -7.29 4.63
N TYR B 97 -17.20 -6.87 4.68
CA TYR B 97 -18.41 -7.57 5.21
C TYR B 97 -19.68 -6.69 5.20
N ASN B 98 -19.52 -5.36 5.27
CA ASN B 98 -20.55 -4.38 5.61
C ASN B 98 -21.46 -3.96 4.42
N ALA B 99 -21.27 -4.54 3.23
CA ALA B 99 -21.91 -4.14 1.97
C ALA B 99 -21.62 -2.69 1.52
N CYS B 100 -20.58 -2.07 2.10
CA CYS B 100 -20.09 -0.71 1.82
C CYS B 100 -18.55 -0.67 1.91
N CYS B 101 -17.92 0.38 1.37
CA CYS B 101 -16.48 0.55 1.17
C CYS B 101 -15.86 -0.64 0.41
N THR B 102 -16.30 -0.83 -0.84
CA THR B 102 -15.81 -1.91 -1.72
C THR B 102 -14.34 -1.74 -2.12
N LEU B 103 -13.74 -2.82 -2.62
CA LEU B 103 -12.35 -2.91 -3.07
C LEU B 103 -12.24 -3.73 -4.37
N ARG B 104 -11.66 -3.18 -5.45
CA ARG B 104 -10.94 -4.03 -6.43
C ARG B 104 -9.52 -4.28 -5.89
N ILE B 105 -9.09 -5.52 -5.75
CA ILE B 105 -7.74 -5.84 -5.24
C ILE B 105 -7.19 -7.08 -5.95
N ASP B 106 -5.98 -6.92 -6.50
CA ASP B 106 -5.32 -7.93 -7.34
C ASP B 106 -3.80 -7.95 -7.14
N PHE B 107 -3.11 -8.94 -7.71
CA PHE B 107 -1.64 -8.95 -7.77
C PHE B 107 -1.10 -8.06 -8.88
N SER B 108 0.19 -7.76 -8.82
CA SER B 108 0.89 -6.83 -9.72
C SER B 108 1.74 -7.52 -10.81
N LYS B 109 2.17 -6.76 -11.82
CA LYS B 109 3.35 -7.07 -12.66
C LYS B 109 4.70 -6.77 -11.97
N LEU B 110 4.72 -5.84 -11.02
CA LEU B 110 5.87 -5.46 -10.18
C LEU B 110 6.10 -6.54 -9.11
N THR B 111 7.27 -7.18 -9.11
CA THR B 111 7.60 -8.20 -8.09
C THR B 111 8.07 -7.57 -6.76
N SER B 112 8.34 -6.26 -6.73
CA SER B 112 8.67 -5.47 -5.53
C SER B 112 8.26 -4.00 -5.71
N LEU B 113 7.45 -3.45 -4.78
CA LEU B 113 7.15 -2.01 -4.71
C LEU B 113 8.20 -1.25 -3.87
N ASN B 114 8.37 0.04 -4.15
CA ASN B 114 9.34 0.96 -3.54
C ASN B 114 8.71 2.35 -3.28
N VAL B 115 8.49 2.67 -2.00
CA VAL B 115 8.18 4.01 -1.47
C VAL B 115 9.37 4.96 -1.62
N LYS B 116 9.13 6.25 -1.42
CA LYS B 116 10.20 7.27 -1.30
C LYS B 116 9.94 8.28 -0.19
N TYR B 117 8.74 8.89 -0.18
CA TYR B 117 8.41 10.13 0.55
C TYR B 117 6.93 10.34 0.88
N ASN B 118 6.47 9.60 1.90
CA ASN B 118 5.34 9.88 2.78
C ASN B 118 4.11 10.55 2.14
N ASN B 119 3.83 11.77 2.57
CA ASN B 119 2.66 12.60 2.29
C ASN B 119 2.37 12.83 0.79
N ASP B 120 3.39 12.76 -0.08
CA ASP B 120 3.20 12.93 -1.52
C ASP B 120 2.47 11.72 -2.16
N LYS B 121 2.92 10.50 -1.84
CA LYS B 121 2.41 9.26 -2.46
C LYS B 121 2.49 7.96 -1.64
N SER B 122 3.35 7.83 -0.62
CA SER B 122 3.76 6.48 -0.17
C SER B 122 4.53 6.45 1.15
N ARG B 123 4.15 5.57 2.09
CA ARG B 123 5.03 5.21 3.23
C ARG B 123 5.18 3.73 3.57
N ASP B 124 6.18 3.52 4.40
CA ASP B 124 6.71 2.22 4.85
C ASP B 124 6.83 2.20 6.39
N TYR B 125 6.76 0.99 6.96
CA TYR B 125 6.65 0.76 8.41
C TYR B 125 7.90 0.12 9.05
N THR B 126 8.94 -0.18 8.26
CA THR B 126 10.32 -0.38 8.75
C THR B 126 11.01 0.97 9.00
N ARG B 127 10.71 1.95 8.14
CA ARG B 127 11.03 3.38 8.25
C ARG B 127 10.36 4.03 9.46
N PRO B 128 10.79 5.26 9.84
CA PRO B 128 10.22 6.01 10.97
C PRO B 128 8.71 6.14 10.88
N ASP B 129 8.30 6.57 9.69
CA ASP B 129 6.97 6.96 9.22
C ASP B 129 6.98 7.09 7.70
N LEU B 130 8.13 6.81 7.08
CA LEU B 130 9.03 7.76 6.43
C LEU B 130 9.26 9.18 7.04
N PRO B 131 10.40 9.82 6.74
CA PRO B 131 10.73 11.19 7.18
C PRO B 131 9.89 12.29 6.52
N SER B 132 9.58 12.01 5.25
CA SER B 132 9.00 12.87 4.24
C SER B 132 9.97 13.86 3.56
N GLY B 133 11.27 13.80 3.89
CA GLY B 133 12.35 14.50 3.20
C GLY B 133 13.71 13.86 3.46
N ASP B 134 14.70 14.28 2.70
CA ASP B 134 16.07 13.77 2.75
C ASP B 134 16.84 14.13 4.04
N SER B 135 16.51 15.27 4.65
CA SER B 135 17.05 15.79 5.91
C SER B 135 16.04 16.71 6.61
N GLN B 136 16.36 17.09 7.85
CA GLN B 136 15.66 18.10 8.65
C GLN B 136 15.68 19.47 7.95
N PRO B 137 14.52 20.14 7.80
CA PRO B 137 14.42 21.50 7.30
C PRO B 137 14.88 22.52 8.35
N SER B 138 15.19 23.72 7.85
CA SER B 138 15.65 24.91 8.53
C SER B 138 15.24 26.14 7.72
N LEU B 139 14.97 27.24 8.38
CA LEU B 139 14.26 28.37 7.76
C LEU B 139 15.17 29.59 7.50
N ASP B 140 16.46 29.39 7.73
CA ASP B 140 17.59 30.16 7.18
C ASP B 140 17.78 29.88 5.68
N GLN B 141 17.48 28.64 5.26
CA GLN B 141 18.08 28.04 4.08
C GLN B 141 17.30 26.95 3.34
N THR B 142 16.41 26.22 4.04
CA THR B 142 15.63 25.14 3.40
C THR B 142 14.34 25.73 2.85
N MET B 143 13.48 26.14 3.78
CA MET B 143 12.18 26.71 3.53
C MET B 143 12.34 28.19 3.19
N ALA B 144 13.37 28.86 3.71
CA ALA B 144 13.58 30.32 3.74
C ALA B 144 12.92 31.17 2.62
N ALA B 145 13.18 30.86 1.34
CA ALA B 145 12.60 31.56 0.18
C ALA B 145 11.06 31.43 0.02
N ALA B 146 10.44 30.47 0.73
CA ALA B 146 9.02 30.12 0.73
C ALA B 146 8.39 29.98 2.15
N PHE B 147 9.18 29.88 3.24
CA PHE B 147 8.72 30.07 4.63
C PHE B 147 7.77 31.29 4.79
N GLY B 148 8.18 32.45 4.28
CA GLY B 148 7.41 33.71 4.26
C GLY B 148 7.71 34.60 5.47
N ASP B 22 -8.88 -32.64 2.34
CA ASP B 22 -7.47 -32.52 2.78
C ASP B 22 -7.40 -32.20 4.29
N ALA B 23 -6.40 -32.73 4.99
CA ALA B 23 -6.22 -32.56 6.44
C ALA B 23 -5.92 -31.11 6.90
N GLY B 24 -5.43 -30.23 6.01
CA GLY B 24 -5.11 -28.82 6.32
C GLY B 24 -5.66 -27.80 5.31
N MET B 25 -5.80 -28.17 4.03
CA MET B 25 -6.38 -27.38 2.93
C MET B 25 -5.75 -25.98 2.74
N ALA B 26 -4.47 -25.80 3.12
CA ALA B 26 -3.74 -24.54 2.98
C ALA B 26 -3.58 -24.09 1.51
N MET B 27 -3.65 -22.78 1.28
CA MET B 27 -3.48 -22.16 -0.06
C MET B 27 -2.01 -22.17 -0.54
N ALA B 28 -1.82 -22.06 -1.85
CA ALA B 28 -0.55 -21.66 -2.47
C ALA B 28 -0.31 -20.14 -2.36
N GLY B 29 0.84 -19.67 -2.83
CA GLY B 29 1.17 -18.24 -2.89
C GLY B 29 2.61 -17.97 -3.33
N GLN B 30 2.77 -17.02 -4.25
CA GLN B 30 4.08 -16.69 -4.84
C GLN B 30 4.31 -15.24 -5.34
N SER B 31 3.34 -14.34 -5.21
CA SER B 31 3.37 -12.93 -5.65
C SER B 31 2.97 -12.00 -4.48
N PRO B 32 3.93 -11.55 -3.64
CA PRO B 32 3.66 -10.86 -2.38
C PRO B 32 3.29 -9.37 -2.52
N VAL B 33 2.79 -8.89 -3.67
CA VAL B 33 2.48 -7.47 -3.87
C VAL B 33 1.20 -7.21 -4.69
N LEU B 34 0.48 -6.18 -4.25
CA LEU B 34 -0.94 -5.96 -4.45
C LEU B 34 -1.26 -4.60 -5.07
N ARG B 35 -1.83 -4.67 -6.27
CA ARG B 35 -2.59 -3.65 -7.00
C ARG B 35 -4.02 -3.49 -6.46
N ILE B 36 -4.26 -2.56 -5.52
CA ILE B 36 -5.64 -2.19 -5.07
C ILE B 36 -6.18 -1.03 -5.91
N ILE B 37 -7.47 -1.05 -6.22
CA ILE B 37 -8.14 -0.03 -7.02
C ILE B 37 -9.54 0.28 -6.47
N VAL B 38 -10.06 1.45 -6.81
CA VAL B 38 -11.45 1.90 -6.63
C VAL B 38 -12.03 1.59 -5.25
N GLU B 39 -11.27 1.97 -4.21
CA GLU B 39 -11.69 2.02 -2.81
C GLU B 39 -12.66 3.20 -2.52
N ASN B 40 -12.94 3.40 -1.23
CA ASN B 40 -13.95 4.32 -0.69
C ASN B 40 -13.39 5.26 0.40
N LEU B 41 -12.07 5.43 0.33
CA LEU B 41 -11.18 6.15 1.25
C LEU B 41 -10.33 7.22 0.51
N PHE B 42 -9.57 8.05 1.24
CA PHE B 42 -9.23 9.43 0.79
C PHE B 42 -7.75 9.86 0.93
N TYR B 43 -7.18 9.87 2.13
CA TYR B 43 -5.86 10.48 2.45
C TYR B 43 -5.01 9.59 3.38
N PRO B 44 -3.75 9.94 3.76
CA PRO B 44 -2.86 9.23 4.71
C PRO B 44 -3.37 8.89 6.13
N VAL B 45 -4.39 8.06 6.11
CA VAL B 45 -5.08 7.21 7.10
C VAL B 45 -5.56 5.93 6.41
N THR B 46 -5.86 6.01 5.11
CA THR B 46 -5.91 4.95 4.09
C THR B 46 -4.78 3.99 4.32
N LEU B 47 -3.56 4.51 4.34
CA LEU B 47 -2.33 3.74 4.38
C LEU B 47 -2.32 2.81 5.60
N ASP B 48 -2.58 3.37 6.79
CA ASP B 48 -2.65 2.63 8.06
C ASP B 48 -3.89 1.74 8.16
N VAL B 49 -4.98 2.15 7.51
CA VAL B 49 -6.22 1.37 7.39
C VAL B 49 -6.01 0.18 6.47
N LEU B 50 -5.24 0.35 5.40
CA LEU B 50 -4.85 -0.79 4.58
C LEU B 50 -3.99 -1.76 5.39
N HIS B 51 -3.06 -1.24 6.21
CA HIS B 51 -2.30 -2.08 7.14
C HIS B 51 -3.24 -2.82 8.10
N GLN B 52 -4.25 -2.14 8.66
CA GLN B 52 -5.12 -2.66 9.71
C GLN B 52 -6.12 -3.73 9.25
N ILE B 53 -6.55 -3.65 7.99
CA ILE B 53 -7.56 -4.52 7.35
C ILE B 53 -6.91 -5.73 6.67
N PHE B 54 -5.75 -5.52 6.04
CA PHE B 54 -4.97 -6.58 5.40
C PHE B 54 -4.08 -7.37 6.38
N SER B 55 -3.72 -6.80 7.55
CA SER B 55 -3.08 -7.59 8.63
C SER B 55 -4.02 -8.63 9.27
N LYS B 56 -5.32 -8.58 8.95
CA LYS B 56 -6.33 -9.58 9.33
C LYS B 56 -6.12 -10.88 8.57
N PHE B 57 -5.44 -10.82 7.41
CA PHE B 57 -5.07 -11.98 6.59
C PHE B 57 -3.60 -12.39 6.81
N GLY B 58 -2.70 -11.41 6.92
CA GLY B 58 -1.28 -11.64 7.24
C GLY B 58 -0.62 -10.46 7.93
N THR B 59 0.09 -9.61 7.18
CA THR B 59 0.99 -8.59 7.78
C THR B 59 1.00 -7.24 7.06
N VAL B 60 0.93 -7.24 5.72
CA VAL B 60 1.48 -6.20 4.81
C VAL B 60 2.98 -5.92 5.08
N LEU B 61 3.59 -5.01 4.32
CA LEU B 61 4.99 -4.61 4.46
C LEU B 61 5.17 -3.11 4.20
N LYS B 62 4.66 -2.64 3.06
CA LYS B 62 4.81 -1.22 2.62
C LYS B 62 3.78 -0.80 1.59
N ILE B 63 3.32 0.45 1.61
CA ILE B 63 2.03 0.86 1.01
C ILE B 63 2.11 2.23 0.33
N ILE B 64 1.49 2.34 -0.84
CA ILE B 64 1.46 3.53 -1.72
C ILE B 64 0.02 3.80 -2.18
N THR B 65 -0.31 5.07 -2.47
CA THR B 65 -1.67 5.62 -2.57
C THR B 65 -1.74 6.79 -3.57
N PHE B 66 -2.39 6.62 -4.72
CA PHE B 66 -2.62 7.70 -5.70
C PHE B 66 -4.02 7.72 -6.33
N THR B 67 -4.31 8.75 -7.12
CA THR B 67 -5.65 9.10 -7.64
C THR B 67 -5.60 9.20 -9.17
N LYS B 68 -5.88 8.11 -9.87
CA LYS B 68 -5.81 8.00 -11.34
C LYS B 68 -7.03 8.65 -12.01
N ASN B 69 -6.87 9.89 -12.48
CA ASN B 69 -7.88 10.79 -13.06
C ASN B 69 -9.07 11.11 -12.12
N ASN B 70 -9.97 10.15 -11.94
CA ASN B 70 -11.18 10.24 -11.08
C ASN B 70 -11.31 9.07 -10.09
N GLN B 71 -10.54 7.99 -10.27
CA GLN B 71 -10.42 6.87 -9.32
C GLN B 71 -9.48 7.19 -8.18
N PHE B 72 -9.56 6.37 -7.14
CA PHE B 72 -8.48 6.14 -6.18
C PHE B 72 -7.91 4.73 -6.40
N GLN B 73 -6.63 4.55 -6.10
CA GLN B 73 -5.94 3.25 -6.04
C GLN B 73 -4.84 3.25 -4.98
N ALA B 74 -4.48 2.06 -4.52
CA ALA B 74 -3.35 1.82 -3.64
C ALA B 74 -2.54 0.61 -4.10
N LEU B 75 -1.33 0.49 -3.56
CA LEU B 75 -0.27 -0.27 -4.18
C LEU B 75 0.74 -0.68 -3.11
N LEU B 76 0.83 -1.96 -2.80
CA LEU B 76 1.45 -2.42 -1.56
C LEU B 76 2.20 -3.73 -1.69
N GLN B 77 3.11 -3.97 -0.76
CA GLN B 77 3.78 -5.25 -0.59
C GLN B 77 3.44 -5.86 0.75
N TYR B 78 3.54 -7.17 0.84
CA TYR B 78 3.30 -8.03 1.98
C TYR B 78 4.57 -8.75 2.42
N ALA B 79 4.52 -9.29 3.64
CA ALA B 79 5.43 -10.31 4.13
C ALA B 79 5.40 -11.56 3.26
N ASP B 80 4.20 -12.16 3.15
CA ASP B 80 4.00 -13.49 2.61
C ASP B 80 2.83 -13.52 1.60
N PRO B 81 3.06 -14.14 0.46
CA PRO B 81 2.15 -14.17 -0.67
C PRO B 81 0.93 -15.04 -0.45
N VAL B 82 0.98 -16.05 0.44
CA VAL B 82 -0.13 -16.93 0.79
C VAL B 82 -1.20 -16.20 1.60
N SER B 83 -0.77 -15.36 2.54
CA SER B 83 -1.65 -14.42 3.24
C SER B 83 -2.19 -13.33 2.30
N ALA B 84 -1.40 -12.92 1.31
CA ALA B 84 -1.84 -11.97 0.27
C ALA B 84 -2.82 -12.60 -0.75
N GLN B 85 -2.65 -13.88 -1.09
CA GLN B 85 -3.58 -14.72 -1.85
C GLN B 85 -4.93 -14.73 -1.15
N HIS B 86 -4.99 -15.15 0.11
CA HIS B 86 -6.18 -15.12 0.96
C HIS B 86 -6.85 -13.74 1.05
N ALA B 87 -6.07 -12.67 1.12
CA ALA B 87 -6.63 -11.31 1.12
C ALA B 87 -7.23 -10.91 -0.23
N LYS B 88 -6.72 -11.42 -1.36
CA LYS B 88 -7.21 -11.15 -2.72
C LYS B 88 -8.48 -11.93 -2.97
N LEU B 89 -8.45 -13.25 -2.87
CA LEU B 89 -9.59 -14.10 -2.58
C LEU B 89 -10.79 -13.37 -1.92
N SER B 90 -10.64 -13.01 -0.65
CA SER B 90 -11.70 -12.43 0.18
C SER B 90 -12.06 -11.00 -0.22
N LEU B 91 -11.09 -10.08 -0.22
CA LEU B 91 -11.34 -8.66 -0.45
C LEU B 91 -11.56 -8.34 -1.94
N ASP B 92 -10.98 -9.10 -2.88
CA ASP B 92 -11.37 -8.96 -4.30
C ASP B 92 -12.81 -9.47 -4.53
N GLY B 93 -13.18 -10.53 -3.80
CA GLY B 93 -14.46 -11.22 -3.89
C GLY B 93 -15.71 -10.33 -3.81
N GLN B 94 -15.65 -9.24 -3.04
CA GLN B 94 -16.78 -8.38 -2.73
C GLN B 94 -16.35 -6.93 -2.41
N ASN B 95 -16.22 -6.60 -1.13
CA ASN B 95 -15.70 -5.34 -0.60
C ASN B 95 -14.75 -5.66 0.58
N ILE B 96 -14.51 -4.69 1.45
CA ILE B 96 -13.88 -4.88 2.76
C ILE B 96 -14.61 -5.91 3.66
N TYR B 97 -15.87 -5.65 4.03
CA TYR B 97 -16.68 -6.42 5.00
C TYR B 97 -18.20 -6.30 4.78
N ASN B 98 -18.73 -5.06 4.74
CA ASN B 98 -20.12 -4.73 5.07
C ASN B 98 -20.97 -4.20 3.88
N ALA B 99 -20.43 -4.20 2.66
CA ALA B 99 -21.08 -3.74 1.42
C ALA B 99 -21.55 -2.27 1.46
N CYS B 100 -20.86 -1.43 2.24
CA CYS B 100 -21.15 0.00 2.38
C CYS B 100 -20.78 0.77 1.10
N CYS B 101 -19.49 0.77 0.76
CA CYS B 101 -18.94 0.99 -0.57
C CYS B 101 -17.80 -0.04 -0.78
N THR B 102 -17.10 -0.04 -1.92
CA THR B 102 -16.31 -1.22 -2.34
C THR B 102 -14.83 -0.94 -2.66
N LEU B 103 -14.09 -2.00 -2.99
CA LEU B 103 -12.64 -2.09 -3.16
C LEU B 103 -12.33 -3.22 -4.16
N ARG B 104 -11.66 -2.90 -5.28
CA ARG B 104 -11.06 -3.87 -6.21
C ARG B 104 -9.61 -4.19 -5.79
N ILE B 105 -9.14 -5.44 -5.92
CA ILE B 105 -7.76 -5.78 -5.54
C ILE B 105 -7.19 -6.98 -6.33
N ASP B 106 -5.96 -6.83 -6.81
CA ASP B 106 -5.25 -7.79 -7.64
C ASP B 106 -3.76 -7.95 -7.27
N PHE B 107 -3.08 -8.90 -7.91
CA PHE B 107 -1.62 -8.88 -8.01
C PHE B 107 -1.15 -7.73 -8.92
N SER B 108 0.02 -7.17 -8.61
CA SER B 108 0.73 -6.26 -9.53
C SER B 108 1.48 -7.01 -10.65
N LYS B 109 1.89 -6.31 -11.72
CA LYS B 109 3.01 -6.79 -12.58
C LYS B 109 4.36 -6.81 -11.84
N LEU B 110 4.54 -5.91 -10.88
CA LEU B 110 5.68 -5.88 -9.95
C LEU B 110 5.66 -7.08 -8.98
N THR B 111 6.84 -7.52 -8.55
CA THR B 111 7.02 -8.53 -7.48
C THR B 111 7.78 -7.97 -6.27
N SER B 112 8.22 -6.70 -6.33
CA SER B 112 8.90 -5.95 -5.26
C SER B 112 8.52 -4.45 -5.25
N LEU B 113 7.36 -4.13 -4.66
CA LEU B 113 6.85 -2.78 -4.43
C LEU B 113 7.78 -1.94 -3.53
N ASN B 114 8.34 -0.86 -4.09
CA ASN B 114 9.40 -0.03 -3.52
C ASN B 114 8.90 1.39 -3.20
N VAL B 115 8.90 1.77 -1.92
CA VAL B 115 8.77 3.17 -1.48
C VAL B 115 10.15 3.81 -1.37
N LYS B 116 10.23 5.12 -1.65
CA LYS B 116 11.45 5.94 -1.51
C LYS B 116 11.34 6.99 -0.41
N TYR B 117 10.21 7.70 -0.41
CA TYR B 117 9.81 8.80 0.48
C TYR B 117 8.29 9.02 0.36
N ASN B 118 7.52 8.98 1.45
CA ASN B 118 6.28 9.76 1.57
C ASN B 118 6.39 11.18 0.97
N ASN B 119 5.37 11.56 0.20
CA ASN B 119 5.18 12.88 -0.44
C ASN B 119 3.68 13.08 -0.75
N ASP B 120 2.83 12.74 0.23
CA ASP B 120 1.38 12.46 0.12
C ASP B 120 1.02 11.25 -0.79
N LYS B 121 2.00 10.66 -1.48
CA LYS B 121 1.88 9.45 -2.31
C LYS B 121 1.88 8.15 -1.50
N SER B 122 2.45 8.13 -0.29
CA SER B 122 2.97 6.88 0.29
C SER B 122 3.45 7.01 1.74
N ARG B 123 3.88 5.89 2.31
CA ARG B 123 4.99 5.67 3.26
C ARG B 123 5.36 4.19 3.44
N ASP B 124 6.40 3.92 4.22
CA ASP B 124 6.98 2.58 4.45
C ASP B 124 7.12 2.27 5.95
N TYR B 125 6.65 1.10 6.38
CA TYR B 125 6.60 0.68 7.78
C TYR B 125 7.86 -0.06 8.26
N THR B 126 8.78 -0.39 7.35
CA THR B 126 10.17 -0.80 7.69
C THR B 126 11.05 0.41 8.04
N ARG B 127 10.54 1.62 7.79
CA ARG B 127 11.22 2.91 7.89
C ARG B 127 10.68 3.75 9.05
N PRO B 128 11.39 4.84 9.44
CA PRO B 128 10.99 5.72 10.56
C PRO B 128 9.56 6.22 10.44
N ASP B 129 9.27 6.71 9.24
CA ASP B 129 8.10 7.48 8.81
C ASP B 129 7.98 7.44 7.27
N LEU B 130 8.99 6.85 6.64
CA LEU B 130 10.03 7.53 5.85
C LEU B 130 10.44 9.01 6.19
N PRO B 131 11.68 9.41 5.87
CA PRO B 131 12.24 10.77 6.03
C PRO B 131 11.41 11.93 5.48
N SER B 132 10.73 11.66 4.38
CA SER B 132 10.12 12.54 3.38
C SER B 132 11.10 13.25 2.43
N GLY B 133 12.41 13.10 2.67
CA GLY B 133 13.48 13.69 1.87
C GLY B 133 14.75 13.94 2.68
N ASP B 134 15.74 13.06 2.57
CA ASP B 134 17.03 13.20 3.26
C ASP B 134 17.92 14.26 2.60
N SER B 135 18.16 15.30 3.38
CA SER B 135 18.84 16.55 3.02
C SER B 135 20.32 16.35 2.59
N GLN B 136 20.78 17.20 1.67
CA GLN B 136 22.17 17.32 1.26
C GLN B 136 23.03 18.06 2.31
N PRO B 137 24.37 17.91 2.25
CA PRO B 137 25.36 18.68 2.99
C PRO B 137 25.10 20.18 2.98
N SER B 138 25.16 20.74 4.19
CA SER B 138 24.79 22.08 4.58
C SER B 138 25.75 22.66 5.61
N LEU B 139 26.81 23.18 5.07
CA LEU B 139 28.10 23.62 5.60
C LEU B 139 28.06 24.77 6.63
N ASP B 140 26.85 25.19 7.02
CA ASP B 140 26.52 25.94 8.24
C ASP B 140 26.57 25.06 9.50
N GLN B 141 26.21 23.77 9.31
CA GLN B 141 25.78 22.86 10.35
C GLN B 141 26.15 21.38 10.14
N THR B 142 26.43 20.99 8.89
CA THR B 142 26.76 19.60 8.50
C THR B 142 28.26 19.40 8.51
N MET B 143 28.95 19.98 7.53
CA MET B 143 30.41 19.86 7.39
C MET B 143 31.12 21.01 8.10
N ALA B 144 30.41 22.02 8.62
CA ALA B 144 30.90 23.31 9.12
C ALA B 144 32.21 23.33 9.96
N ALA B 145 32.54 22.25 10.66
CA ALA B 145 33.88 21.95 11.17
C ALA B 145 34.57 20.89 10.26
N ALA B 146 35.23 21.25 9.15
CA ALA B 146 35.62 22.59 8.69
C ALA B 146 35.31 22.85 7.19
N PHE B 147 34.16 22.39 6.69
CA PHE B 147 33.51 22.59 5.38
C PHE B 147 34.30 22.30 4.07
N GLY B 148 35.61 22.03 4.14
CA GLY B 148 36.47 21.65 3.01
C GLY B 148 37.76 20.95 3.47
N ASP B 22 -5.12 -28.67 -10.64
CA ASP B 22 -4.94 -27.20 -10.83
C ASP B 22 -5.85 -26.41 -9.87
N ALA B 23 -5.69 -25.08 -9.84
CA ALA B 23 -6.39 -24.17 -8.91
C ALA B 23 -7.92 -24.07 -9.11
N GLY B 24 -8.46 -24.43 -10.28
CA GLY B 24 -9.90 -24.47 -10.61
C GLY B 24 -10.59 -23.10 -10.72
N MET B 25 -10.61 -22.33 -9.62
CA MET B 25 -11.31 -21.06 -9.45
C MET B 25 -10.48 -20.01 -8.69
N ALA B 26 -9.53 -20.41 -7.84
CA ALA B 26 -8.70 -19.50 -7.04
C ALA B 26 -7.65 -18.73 -7.88
N MET B 27 -7.18 -19.34 -8.98
CA MET B 27 -6.17 -18.82 -9.93
C MET B 27 -4.83 -18.39 -9.28
N ALA B 28 -3.92 -17.83 -10.10
CA ALA B 28 -2.52 -17.56 -9.74
C ALA B 28 -2.32 -16.45 -8.67
N GLY B 29 -1.08 -16.38 -8.18
CA GLY B 29 -0.59 -15.45 -7.16
C GLY B 29 0.89 -15.15 -7.33
N GLN B 30 1.56 -15.08 -6.18
CA GLN B 30 2.93 -15.50 -5.96
C GLN B 30 3.99 -14.50 -6.42
N SER B 31 3.52 -13.37 -6.95
CA SER B 31 4.15 -12.07 -6.79
C SER B 31 3.88 -11.55 -5.37
N PRO B 32 4.87 -11.00 -4.66
CA PRO B 32 4.72 -10.49 -3.30
C PRO B 32 3.96 -9.15 -3.19
N VAL B 33 3.51 -8.53 -4.29
CA VAL B 33 2.94 -7.18 -4.29
C VAL B 33 1.64 -7.03 -5.08
N LEU B 34 0.85 -6.05 -4.63
CA LEU B 34 -0.55 -5.85 -4.91
C LEU B 34 -0.83 -4.48 -5.53
N ARG B 35 -1.56 -4.50 -6.65
CA ARG B 35 -2.57 -3.47 -6.97
C ARG B 35 -3.71 -3.49 -5.95
N ILE B 36 -4.15 -2.30 -5.56
CA ILE B 36 -5.47 -2.05 -4.94
C ILE B 36 -6.12 -0.89 -5.69
N ILE B 37 -7.40 -1.04 -6.01
CA ILE B 37 -8.13 -0.14 -6.90
C ILE B 37 -9.58 0.04 -6.42
N VAL B 38 -10.25 1.08 -6.93
CA VAL B 38 -11.67 1.40 -6.73
C VAL B 38 -12.23 1.20 -5.33
N GLU B 39 -11.47 1.71 -4.36
CA GLU B 39 -11.91 1.94 -2.99
C GLU B 39 -12.86 3.16 -2.87
N ASN B 40 -13.22 3.50 -1.64
CA ASN B 40 -14.28 4.45 -1.24
C ASN B 40 -13.76 5.61 -0.36
N LEU B 41 -12.45 5.82 -0.46
CA LEU B 41 -11.58 6.66 0.35
C LEU B 41 -10.59 7.47 -0.53
N PHE B 42 -9.81 8.39 0.06
CA PHE B 42 -9.38 9.61 -0.64
C PHE B 42 -7.90 10.02 -0.55
N TYR B 43 -7.22 9.73 0.56
CA TYR B 43 -5.83 10.12 0.89
C TYR B 43 -5.20 9.08 1.85
N PRO B 44 -3.97 9.23 2.40
CA PRO B 44 -3.48 8.36 3.48
C PRO B 44 -4.31 8.46 4.80
N VAL B 45 -5.37 7.67 4.78
CA VAL B 45 -6.40 7.28 5.78
C VAL B 45 -6.94 5.91 5.35
N THR B 46 -6.00 5.16 4.82
CA THR B 46 -6.22 4.21 3.74
C THR B 46 -5.13 3.16 3.88
N LEU B 47 -3.87 3.57 3.78
CA LEU B 47 -2.74 2.68 3.99
C LEU B 47 -2.60 2.19 5.43
N ASP B 48 -2.94 3.04 6.38
CA ASP B 48 -3.12 2.70 7.80
C ASP B 48 -4.22 1.64 7.99
N VAL B 49 -5.22 1.67 7.10
CA VAL B 49 -6.43 0.86 7.16
C VAL B 49 -6.23 -0.46 6.42
N LEU B 50 -5.48 -0.43 5.34
CA LEU B 50 -4.91 -1.61 4.73
C LEU B 50 -4.03 -2.34 5.74
N HIS B 51 -3.15 -1.64 6.47
CA HIS B 51 -2.32 -2.28 7.48
C HIS B 51 -3.19 -2.94 8.57
N GLN B 52 -4.27 -2.27 8.98
CA GLN B 52 -5.11 -2.70 10.11
C GLN B 52 -6.00 -3.93 9.83
N ILE B 53 -6.37 -4.13 8.56
CA ILE B 53 -7.24 -5.20 8.07
C ILE B 53 -6.39 -6.31 7.44
N PHE B 54 -5.42 -5.97 6.62
CA PHE B 54 -4.56 -6.94 5.93
C PHE B 54 -3.58 -7.61 6.91
N SER B 55 -3.30 -7.01 8.08
CA SER B 55 -2.58 -7.71 9.18
C SER B 55 -3.33 -8.93 9.75
N LYS B 56 -4.64 -9.00 9.54
CA LYS B 56 -5.53 -10.09 9.97
C LYS B 56 -5.34 -11.34 9.10
N PHE B 57 -4.79 -11.16 7.89
CA PHE B 57 -4.48 -12.23 6.93
C PHE B 57 -3.02 -12.70 7.05
N GLY B 58 -2.07 -11.77 7.03
CA GLY B 58 -0.62 -12.03 7.04
C GLY B 58 0.20 -10.78 7.33
N THR B 59 1.31 -10.62 6.62
CA THR B 59 2.28 -9.55 6.91
C THR B 59 2.39 -8.63 5.71
N VAL B 60 1.38 -7.78 5.56
CA VAL B 60 1.43 -6.51 4.79
C VAL B 60 2.69 -5.72 5.18
N LEU B 61 3.31 -5.06 4.20
CA LEU B 61 4.70 -4.59 4.29
C LEU B 61 4.83 -3.10 4.03
N LYS B 62 4.46 -2.63 2.82
CA LYS B 62 4.76 -1.22 2.45
C LYS B 62 3.88 -0.68 1.34
N ILE B 63 3.40 0.55 1.48
CA ILE B 63 2.16 1.00 0.82
C ILE B 63 2.27 2.39 0.20
N ILE B 64 1.68 2.52 -0.98
CA ILE B 64 1.45 3.75 -1.75
C ILE B 64 -0.08 3.97 -1.88
N THR B 65 -0.54 5.21 -2.04
CA THR B 65 -1.94 5.65 -2.21
C THR B 65 -2.04 6.81 -3.22
N PHE B 66 -2.47 6.55 -4.47
CA PHE B 66 -2.60 7.59 -5.52
C PHE B 66 -3.90 7.56 -6.37
N THR B 67 -4.12 8.64 -7.12
CA THR B 67 -5.21 8.83 -8.09
C THR B 67 -4.62 9.01 -9.49
N LYS B 68 -4.78 8.01 -10.38
CA LYS B 68 -4.29 8.04 -11.78
C LYS B 68 -4.88 9.24 -12.56
N ASN B 69 -6.20 9.29 -12.66
CA ASN B 69 -7.00 10.34 -13.29
C ASN B 69 -8.32 10.53 -12.54
N ASN B 70 -9.20 9.52 -12.55
CA ASN B 70 -10.51 9.52 -11.89
C ASN B 70 -10.65 8.44 -10.79
N GLN B 71 -9.98 7.29 -10.95
CA GLN B 71 -9.94 6.23 -9.94
C GLN B 71 -8.96 6.54 -8.82
N PHE B 72 -9.29 6.04 -7.64
CA PHE B 72 -8.38 5.93 -6.51
C PHE B 72 -7.77 4.52 -6.42
N GLN B 73 -6.49 4.48 -6.09
CA GLN B 73 -5.67 3.29 -5.92
C GLN B 73 -4.93 3.28 -4.58
N ALA B 74 -4.57 2.08 -4.14
CA ALA B 74 -3.36 1.85 -3.34
C ALA B 74 -2.47 0.79 -4.01
N LEU B 75 -1.24 0.66 -3.55
CA LEU B 75 -0.20 -0.17 -4.14
C LEU B 75 0.65 -0.65 -2.98
N LEU B 76 0.53 -1.94 -2.65
CA LEU B 76 1.07 -2.48 -1.42
C LEU B 76 1.86 -3.76 -1.61
N GLN B 77 2.99 -3.86 -0.93
CA GLN B 77 3.76 -5.07 -0.86
C GLN B 77 3.45 -5.82 0.43
N TYR B 78 3.47 -7.14 0.36
CA TYR B 78 3.37 -8.07 1.48
C TYR B 78 4.71 -8.80 1.66
N ALA B 79 4.81 -9.51 2.77
CA ALA B 79 5.75 -10.59 3.03
C ALA B 79 5.39 -11.85 2.23
N ASP B 80 4.13 -12.27 2.41
CA ASP B 80 3.61 -13.59 2.06
C ASP B 80 2.46 -13.52 1.05
N PRO B 81 2.70 -13.98 -0.18
CA PRO B 81 1.72 -13.94 -1.26
C PRO B 81 0.57 -14.91 -1.01
N VAL B 82 0.72 -15.92 -0.15
CA VAL B 82 -0.30 -16.88 0.28
C VAL B 82 -1.34 -16.23 1.20
N SER B 83 -0.88 -15.41 2.16
CA SER B 83 -1.80 -14.58 2.94
C SER B 83 -2.48 -13.52 2.05
N ALA B 84 -1.76 -13.04 1.03
CA ALA B 84 -2.27 -12.04 0.10
C ALA B 84 -3.26 -12.65 -0.93
N GLN B 85 -3.09 -13.92 -1.28
CA GLN B 85 -4.04 -14.77 -2.00
C GLN B 85 -5.34 -14.82 -1.20
N HIS B 86 -5.31 -15.22 0.06
CA HIS B 86 -6.46 -15.18 0.97
C HIS B 86 -7.11 -13.78 1.09
N ALA B 87 -6.32 -12.71 1.04
CA ALA B 87 -6.84 -11.35 1.06
C ALA B 87 -7.44 -10.89 -0.29
N LYS B 88 -7.09 -11.53 -1.43
CA LYS B 88 -7.67 -11.27 -2.76
C LYS B 88 -8.98 -11.99 -2.88
N LEU B 89 -8.98 -13.30 -2.72
CA LEU B 89 -10.12 -14.09 -2.31
C LEU B 89 -11.19 -13.28 -1.53
N SER B 90 -10.87 -12.90 -0.30
CA SER B 90 -11.78 -12.17 0.60
C SER B 90 -12.08 -10.76 0.11
N LEU B 91 -11.07 -9.88 0.04
CA LEU B 91 -11.27 -8.45 -0.15
C LEU B 91 -11.34 -8.04 -1.62
N ASP B 92 -10.96 -8.90 -2.57
CA ASP B 92 -11.45 -8.68 -3.95
C ASP B 92 -12.89 -9.17 -4.10
N GLY B 93 -13.26 -10.27 -3.42
CA GLY B 93 -14.57 -10.90 -3.53
C GLY B 93 -15.73 -10.02 -3.07
N GLN B 94 -15.54 -9.28 -1.98
CA GLN B 94 -16.56 -8.50 -1.26
C GLN B 94 -15.96 -7.34 -0.44
N ASN B 95 -16.84 -6.62 0.25
CA ASN B 95 -16.63 -5.35 0.96
C ASN B 95 -15.75 -5.47 2.24
N ILE B 96 -15.83 -4.44 3.07
CA ILE B 96 -14.78 -4.07 4.04
C ILE B 96 -15.34 -4.02 5.47
N TYR B 97 -16.56 -3.50 5.64
CA TYR B 97 -17.32 -3.49 6.90
C TYR B 97 -18.82 -3.72 6.61
N ASN B 98 -19.59 -2.65 6.39
CA ASN B 98 -20.90 -2.70 5.73
C ASN B 98 -20.72 -2.79 4.21
N ALA B 99 -21.73 -3.28 3.49
CA ALA B 99 -21.81 -3.37 2.03
C ALA B 99 -22.06 -2.02 1.33
N CYS B 100 -21.73 -0.90 1.99
CA CYS B 100 -21.91 0.47 1.51
C CYS B 100 -21.10 0.72 0.23
N CYS B 101 -19.77 0.67 0.32
CA CYS B 101 -18.83 0.52 -0.80
C CYS B 101 -17.80 -0.58 -0.49
N THR B 102 -16.94 -0.85 -1.47
CA THR B 102 -16.10 -2.06 -1.57
C THR B 102 -14.73 -1.77 -2.21
N LEU B 103 -14.03 -2.81 -2.66
CA LEU B 103 -12.64 -2.89 -3.09
C LEU B 103 -12.50 -3.62 -4.44
N ARG B 104 -11.51 -3.23 -5.27
CA ARG B 104 -10.76 -4.17 -6.13
C ARG B 104 -9.34 -4.34 -5.59
N ILE B 105 -8.78 -5.54 -5.61
CA ILE B 105 -7.41 -5.85 -5.15
C ILE B 105 -6.87 -7.06 -5.93
N ASP B 106 -5.68 -6.92 -6.52
CA ASP B 106 -5.03 -7.97 -7.30
C ASP B 106 -3.50 -7.92 -7.23
N PHE B 107 -2.82 -8.96 -7.71
CA PHE B 107 -1.37 -8.95 -7.89
C PHE B 107 -0.93 -8.02 -9.05
N SER B 108 0.37 -7.71 -9.04
CA SER B 108 1.00 -6.65 -9.83
C SER B 108 1.91 -7.16 -10.96
N LYS B 109 2.29 -6.30 -11.93
CA LYS B 109 3.50 -6.50 -12.77
C LYS B 109 4.82 -6.32 -12.00
N LEU B 110 4.83 -5.47 -10.96
CA LEU B 110 5.98 -5.30 -10.06
C LEU B 110 6.10 -6.53 -9.13
N THR B 111 7.34 -6.80 -8.69
CA THR B 111 7.69 -7.84 -7.70
C THR B 111 8.46 -7.27 -6.51
N SER B 112 8.65 -5.94 -6.46
CA SER B 112 9.12 -5.16 -5.31
C SER B 112 8.63 -3.70 -5.41
N LEU B 113 7.62 -3.31 -4.62
CA LEU B 113 7.28 -1.88 -4.49
C LEU B 113 8.39 -1.15 -3.71
N ASN B 114 8.68 0.09 -4.08
CA ASN B 114 9.67 0.99 -3.47
C ASN B 114 9.03 2.34 -3.14
N VAL B 115 8.88 2.62 -1.84
CA VAL B 115 8.21 3.82 -1.31
C VAL B 115 9.12 5.04 -1.26
N LYS B 116 10.33 4.86 -0.70
CA LYS B 116 11.39 5.84 -0.41
C LYS B 116 11.02 6.98 0.55
N TYR B 117 9.91 7.69 0.31
CA TYR B 117 9.50 8.95 0.95
C TYR B 117 8.00 9.32 0.80
N ASN B 118 7.15 9.03 1.80
CA ASN B 118 5.95 9.78 2.18
C ASN B 118 5.29 10.68 1.09
N ASN B 119 5.65 11.96 1.15
CA ASN B 119 5.19 13.11 0.37
C ASN B 119 3.68 13.08 0.00
N ASP B 120 2.84 12.84 1.02
CA ASP B 120 1.37 12.66 0.95
C ASP B 120 0.88 11.52 0.02
N LYS B 121 1.78 10.80 -0.63
CA LYS B 121 1.54 9.64 -1.49
C LYS B 121 1.58 8.30 -0.73
N SER B 122 2.23 8.21 0.43
CA SER B 122 2.68 6.92 0.96
C SER B 122 3.18 6.95 2.41
N ARG B 123 3.59 5.78 2.93
CA ARG B 123 4.81 5.48 3.72
C ARG B 123 5.11 3.97 3.82
N ASP B 124 6.20 3.63 4.49
CA ASP B 124 6.79 2.28 4.60
C ASP B 124 6.96 1.89 6.09
N TYR B 125 6.62 0.64 6.43
CA TYR B 125 6.56 0.13 7.81
C TYR B 125 7.77 -0.71 8.23
N THR B 126 8.67 -1.09 7.31
CA THR B 126 10.02 -1.57 7.71
C THR B 126 10.92 -0.40 8.09
N ARG B 127 10.69 0.75 7.45
CA ARG B 127 11.20 2.07 7.82
C ARG B 127 10.56 2.60 9.10
N PRO B 128 11.16 3.64 9.72
CA PRO B 128 10.70 4.23 10.98
C PRO B 128 9.22 4.62 10.95
N ASP B 129 8.90 5.34 9.89
CA ASP B 129 7.69 6.14 9.62
C ASP B 129 7.59 6.47 8.13
N LEU B 130 8.65 6.11 7.40
CA LEU B 130 9.59 7.04 6.79
C LEU B 130 9.63 8.54 7.25
N PRO B 131 10.68 9.28 6.86
CA PRO B 131 10.62 10.72 6.64
C PRO B 131 9.97 11.07 5.30
N SER B 132 10.09 12.32 4.86
CA SER B 132 9.72 12.73 3.50
C SER B 132 10.91 13.18 2.64
N GLY B 133 12.13 13.22 3.20
CA GLY B 133 13.42 13.53 2.55
C GLY B 133 13.61 14.97 2.03
N ASP B 134 12.61 15.51 1.33
CA ASP B 134 12.65 16.74 0.52
C ASP B 134 12.81 18.05 1.33
N SER B 135 12.38 18.05 2.59
CA SER B 135 12.20 19.20 3.49
C SER B 135 13.42 20.15 3.60
N GLN B 136 13.38 21.23 2.82
CA GLN B 136 14.29 22.40 2.73
C GLN B 136 15.77 22.13 2.38
N PRO B 137 16.47 23.08 1.73
CA PRO B 137 17.93 23.15 1.69
C PRO B 137 18.50 23.70 3.02
N SER B 138 19.82 23.80 3.12
CA SER B 138 20.54 24.09 4.37
C SER B 138 21.78 24.96 4.21
N LEU B 139 21.56 26.25 4.37
CA LEU B 139 22.44 27.35 3.96
C LEU B 139 23.61 27.62 4.93
N ASP B 140 23.77 26.75 5.94
CA ASP B 140 24.97 26.58 6.75
C ASP B 140 26.10 25.92 5.93
N GLN B 141 25.72 25.00 5.04
CA GLN B 141 26.60 23.97 4.50
C GLN B 141 26.30 23.50 3.07
N THR B 142 25.07 23.70 2.61
CA THR B 142 24.54 23.24 1.31
C THR B 142 24.74 24.32 0.26
N MET B 143 23.97 25.39 0.40
CA MET B 143 23.99 26.54 -0.51
C MET B 143 24.99 27.60 -0.04
N ALA B 144 25.46 27.50 1.22
CA ALA B 144 26.21 28.48 2.00
C ALA B 144 27.24 29.38 1.29
N ALA B 145 27.95 28.88 0.26
CA ALA B 145 28.86 29.67 -0.58
C ALA B 145 28.17 30.81 -1.37
N ALA B 146 26.86 30.71 -1.61
CA ALA B 146 26.03 31.68 -2.33
C ALA B 146 24.64 31.93 -1.69
N PHE B 147 24.02 30.92 -1.06
CA PHE B 147 22.79 30.88 -0.27
C PHE B 147 21.48 31.48 -0.86
N GLY B 148 21.53 32.12 -2.04
CA GLY B 148 20.37 32.62 -2.79
C GLY B 148 20.77 33.25 -4.14
N ASP B 22 -14.50 -28.41 -12.62
CA ASP B 22 -15.19 -27.10 -12.41
C ASP B 22 -14.26 -25.93 -12.70
N ALA B 23 -13.44 -25.48 -11.73
CA ALA B 23 -12.57 -24.30 -11.85
C ALA B 23 -11.43 -24.45 -12.89
N GLY B 24 -10.92 -25.67 -13.09
CA GLY B 24 -9.80 -26.00 -13.99
C GLY B 24 -8.55 -25.16 -13.74
N MET B 25 -8.22 -24.25 -14.65
CA MET B 25 -7.16 -23.24 -14.50
C MET B 25 -7.61 -22.11 -13.54
N ALA B 26 -7.45 -22.34 -12.23
CA ALA B 26 -7.73 -21.37 -11.17
C ALA B 26 -6.79 -20.14 -11.22
N MET B 27 -7.12 -19.10 -10.43
CA MET B 27 -6.30 -17.89 -10.27
C MET B 27 -4.95 -18.13 -9.58
N ALA B 28 -4.09 -17.11 -9.62
CA ALA B 28 -2.77 -17.10 -8.98
C ALA B 28 -2.35 -15.68 -8.54
N GLY B 29 -1.42 -15.63 -7.59
CA GLY B 29 -0.75 -14.43 -7.08
C GLY B 29 0.74 -14.70 -6.92
N GLN B 30 1.23 -14.88 -5.68
CA GLN B 30 2.51 -15.45 -5.22
C GLN B 30 3.80 -14.78 -5.74
N SER B 31 3.61 -13.76 -6.56
CA SER B 31 4.36 -12.51 -6.45
C SER B 31 4.06 -11.83 -5.09
N PRO B 32 5.03 -11.11 -4.51
CA PRO B 32 4.91 -10.52 -3.18
C PRO B 32 4.07 -9.22 -3.09
N VAL B 33 3.57 -8.66 -4.21
CA VAL B 33 2.97 -7.30 -4.23
C VAL B 33 1.62 -7.20 -4.96
N LEU B 34 0.84 -6.20 -4.55
CA LEU B 34 -0.61 -6.08 -4.62
C LEU B 34 -1.10 -4.75 -5.23
N ARG B 35 -1.74 -4.86 -6.39
CA ARG B 35 -2.56 -3.90 -7.15
C ARG B 35 -3.98 -3.76 -6.55
N ILE B 36 -4.24 -2.80 -5.68
CA ILE B 36 -5.59 -2.43 -5.18
C ILE B 36 -6.09 -1.19 -5.92
N ILE B 37 -7.39 -1.19 -6.19
CA ILE B 37 -8.08 -0.16 -6.97
C ILE B 37 -9.52 0.05 -6.45
N VAL B 38 -10.12 1.16 -6.86
CA VAL B 38 -11.53 1.55 -6.63
C VAL B 38 -12.06 1.34 -5.20
N GLU B 39 -11.26 1.82 -4.24
CA GLU B 39 -11.66 2.02 -2.85
C GLU B 39 -12.31 3.40 -2.65
N ASN B 40 -12.60 3.69 -1.40
CA ASN B 40 -13.65 4.62 -0.97
C ASN B 40 -13.09 5.70 -0.01
N LEU B 41 -11.77 5.73 0.13
CA LEU B 41 -11.08 6.21 1.34
C LEU B 41 -10.14 7.42 1.14
N PHE B 42 -9.34 7.44 0.07
CA PHE B 42 -8.53 8.56 -0.44
C PHE B 42 -7.46 9.16 0.51
N TYR B 43 -7.85 9.86 1.58
CA TYR B 43 -7.00 10.70 2.43
C TYR B 43 -6.40 9.94 3.65
N PRO B 44 -5.29 10.42 4.27
CA PRO B 44 -4.65 9.80 5.44
C PRO B 44 -5.64 9.39 6.54
N VAL B 45 -5.57 8.11 6.90
CA VAL B 45 -6.63 7.15 7.33
C VAL B 45 -6.99 6.18 6.19
N THR B 46 -6.02 5.93 5.31
CA THR B 46 -6.14 5.12 4.10
C THR B 46 -5.02 4.08 4.08
N LEU B 47 -3.82 4.59 3.98
CA LEU B 47 -2.49 3.99 3.90
C LEU B 47 -2.29 3.01 5.08
N ASP B 48 -2.56 3.50 6.30
CA ASP B 48 -2.42 2.76 7.56
C ASP B 48 -3.68 1.91 7.86
N VAL B 49 -4.80 2.23 7.19
CA VAL B 49 -5.98 1.35 7.13
C VAL B 49 -5.72 0.18 6.17
N LEU B 50 -4.93 0.36 5.10
CA LEU B 50 -4.50 -0.75 4.27
C LEU B 50 -3.57 -1.67 5.07
N HIS B 51 -2.69 -1.10 5.90
CA HIS B 51 -1.91 -1.89 6.86
C HIS B 51 -2.84 -2.69 7.77
N GLN B 52 -3.84 -2.04 8.37
CA GLN B 52 -4.67 -2.66 9.39
C GLN B 52 -5.52 -3.81 8.85
N ILE B 53 -6.25 -3.57 7.76
CA ILE B 53 -7.20 -4.51 7.12
C ILE B 53 -6.49 -5.71 6.48
N PHE B 54 -5.35 -5.50 5.84
CA PHE B 54 -4.56 -6.60 5.27
C PHE B 54 -3.68 -7.30 6.31
N SER B 55 -3.45 -6.69 7.49
CA SER B 55 -2.87 -7.37 8.66
C SER B 55 -3.87 -8.26 9.40
N LYS B 56 -5.15 -8.24 9.02
CA LYS B 56 -6.15 -9.25 9.43
C LYS B 56 -5.86 -10.61 8.80
N PHE B 57 -5.06 -10.62 7.71
CA PHE B 57 -4.65 -11.83 7.00
C PHE B 57 -3.18 -12.19 7.27
N GLY B 58 -2.25 -11.24 7.09
CA GLY B 58 -0.82 -11.44 7.29
C GLY B 58 -0.14 -10.23 7.92
N THR B 59 0.68 -9.52 7.16
CA THR B 59 1.61 -8.49 7.69
C THR B 59 1.55 -7.15 6.94
N VAL B 60 1.30 -7.15 5.63
CA VAL B 60 1.78 -6.16 4.65
C VAL B 60 3.31 -5.92 4.75
N LEU B 61 3.87 -5.03 3.93
CA LEU B 61 5.28 -4.62 3.99
C LEU B 61 5.41 -3.11 3.77
N LYS B 62 4.87 -2.61 2.66
CA LYS B 62 4.94 -1.17 2.32
C LYS B 62 3.81 -0.77 1.39
N ILE B 63 3.38 0.50 1.41
CA ILE B 63 2.09 0.93 0.86
C ILE B 63 2.22 2.27 0.13
N ILE B 64 1.61 2.36 -1.06
CA ILE B 64 1.66 3.52 -1.97
C ILE B 64 0.23 3.83 -2.42
N THR B 65 -0.17 5.11 -2.39
CA THR B 65 -1.57 5.57 -2.33
C THR B 65 -1.83 6.76 -3.26
N PHE B 66 -2.22 6.53 -4.53
CA PHE B 66 -2.55 7.60 -5.50
C PHE B 66 -4.01 7.61 -6.00
N THR B 67 -4.37 8.67 -6.73
CA THR B 67 -5.69 8.91 -7.35
C THR B 67 -5.48 9.24 -8.83
N LYS B 68 -5.55 8.21 -9.69
CA LYS B 68 -4.97 8.22 -11.05
C LYS B 68 -5.69 9.16 -12.04
N ASN B 69 -7.02 9.21 -11.98
CA ASN B 69 -7.89 10.11 -12.75
C ASN B 69 -9.07 10.58 -11.88
N ASN B 70 -10.03 9.68 -11.65
CA ASN B 70 -11.13 9.78 -10.67
C ASN B 70 -11.23 8.54 -9.75
N GLN B 71 -10.55 7.45 -10.12
CA GLN B 71 -10.30 6.27 -9.28
C GLN B 71 -9.32 6.57 -8.16
N PHE B 72 -9.37 5.70 -7.16
CA PHE B 72 -8.31 5.50 -6.19
C PHE B 72 -7.50 4.23 -6.51
N GLN B 73 -6.19 4.31 -6.30
CA GLN B 73 -5.21 3.26 -6.47
C GLN B 73 -4.39 3.11 -5.17
N ALA B 74 -4.34 1.88 -4.64
CA ALA B 74 -3.38 1.49 -3.64
C ALA B 74 -2.48 0.35 -4.17
N LEU B 75 -1.21 0.44 -3.87
CA LEU B 75 -0.15 -0.30 -4.53
C LEU B 75 0.83 -0.64 -3.41
N LEU B 76 0.72 -1.87 -2.92
CA LEU B 76 1.34 -2.31 -1.67
C LEU B 76 2.13 -3.59 -1.88
N GLN B 77 3.17 -3.78 -1.08
CA GLN B 77 3.89 -5.04 -0.98
C GLN B 77 3.56 -5.70 0.35
N TYR B 78 3.64 -7.03 0.35
CA TYR B 78 3.35 -7.93 1.47
C TYR B 78 4.60 -8.72 1.85
N ALA B 79 4.58 -9.26 3.07
CA ALA B 79 5.52 -10.27 3.53
C ALA B 79 5.13 -11.66 2.97
N ASP B 80 3.89 -12.03 3.24
CA ASP B 80 3.26 -13.31 2.99
C ASP B 80 2.13 -13.23 1.95
N PRO B 81 2.45 -13.54 0.69
CA PRO B 81 1.53 -13.45 -0.43
C PRO B 81 0.48 -14.55 -0.39
N VAL B 82 0.67 -15.63 0.39
CA VAL B 82 -0.30 -16.67 0.69
C VAL B 82 -1.45 -16.12 1.55
N SER B 83 -1.11 -15.30 2.56
CA SER B 83 -2.14 -14.54 3.27
C SER B 83 -2.79 -13.48 2.35
N ALA B 84 -2.03 -12.91 1.42
CA ALA B 84 -2.55 -11.94 0.45
C ALA B 84 -3.44 -12.60 -0.62
N GLN B 85 -3.19 -13.88 -0.97
CA GLN B 85 -4.02 -14.76 -1.78
C GLN B 85 -5.37 -14.92 -1.09
N HIS B 86 -5.40 -15.35 0.17
CA HIS B 86 -6.60 -15.37 1.01
C HIS B 86 -7.33 -14.01 1.11
N ALA B 87 -6.60 -12.91 1.15
CA ALA B 87 -7.17 -11.56 1.17
C ALA B 87 -7.72 -11.10 -0.19
N LYS B 88 -7.26 -11.66 -1.31
CA LYS B 88 -7.62 -11.28 -2.69
C LYS B 88 -8.81 -12.05 -3.18
N LEU B 89 -8.85 -13.33 -2.87
CA LEU B 89 -10.06 -14.08 -2.59
C LEU B 89 -11.15 -13.21 -1.89
N SER B 90 -10.94 -12.92 -0.60
CA SER B 90 -11.94 -12.35 0.32
C SER B 90 -12.36 -10.93 -0.06
N LEU B 91 -11.39 -10.09 -0.44
CA LEU B 91 -11.57 -8.66 -0.69
C LEU B 91 -11.63 -8.31 -2.17
N ASP B 92 -11.14 -9.16 -3.10
CA ASP B 92 -11.50 -8.88 -4.52
C ASP B 92 -12.95 -9.29 -4.81
N GLY B 93 -13.45 -10.35 -4.14
CA GLY B 93 -14.79 -10.87 -4.41
C GLY B 93 -15.92 -9.95 -3.92
N GLN B 94 -15.72 -9.27 -2.78
CA GLN B 94 -16.74 -8.51 -2.04
C GLN B 94 -16.16 -7.47 -1.05
N ASN B 95 -17.06 -6.72 -0.41
CA ASN B 95 -16.81 -5.71 0.61
C ASN B 95 -16.64 -6.33 2.01
N ILE B 96 -16.76 -5.52 3.06
CA ILE B 96 -16.22 -5.78 4.40
C ILE B 96 -17.32 -5.80 5.46
N TYR B 97 -18.39 -5.01 5.27
CA TYR B 97 -19.58 -4.94 6.13
C TYR B 97 -20.89 -4.96 5.31
N ASN B 98 -21.67 -3.87 5.27
CA ASN B 98 -23.03 -3.79 4.72
C ASN B 98 -23.07 -3.99 3.18
N ALA B 99 -22.53 -3.00 2.48
CA ALA B 99 -22.47 -2.84 1.02
C ALA B 99 -21.35 -1.88 0.55
N CYS B 100 -20.76 -1.09 1.47
CA CYS B 100 -19.70 -0.12 1.23
C CYS B 100 -18.34 -0.65 1.71
N CYS B 101 -17.27 0.12 1.48
CA CYS B 101 -15.86 -0.19 1.72
C CYS B 101 -15.31 -1.25 0.73
N THR B 102 -15.95 -1.41 -0.43
CA THR B 102 -15.59 -2.42 -1.44
C THR B 102 -14.30 -2.08 -2.19
N LEU B 103 -13.69 -3.08 -2.85
CA LEU B 103 -12.42 -2.98 -3.57
C LEU B 103 -12.50 -3.61 -4.96
N ARG B 104 -11.58 -3.21 -5.86
CA ARG B 104 -10.86 -4.17 -6.73
C ARG B 104 -9.49 -4.45 -6.10
N ILE B 105 -9.03 -5.71 -6.04
CA ILE B 105 -7.69 -6.03 -5.53
C ILE B 105 -7.09 -7.24 -6.24
N ASP B 106 -5.84 -7.13 -6.66
CA ASP B 106 -5.11 -8.10 -7.48
C ASP B 106 -3.63 -8.17 -7.10
N PHE B 107 -2.91 -9.14 -7.67
CA PHE B 107 -1.45 -9.14 -7.68
C PHE B 107 -0.92 -8.34 -8.88
N SER B 108 0.11 -7.52 -8.63
CA SER B 108 0.69 -6.62 -9.64
C SER B 108 1.51 -7.34 -10.71
N LYS B 109 1.81 -6.66 -11.83
CA LYS B 109 3.00 -6.99 -12.67
C LYS B 109 4.33 -6.72 -11.96
N LEU B 110 4.34 -5.76 -11.04
CA LEU B 110 5.45 -5.44 -10.14
C LEU B 110 5.75 -6.60 -9.17
N THR B 111 7.01 -6.78 -8.79
CA THR B 111 7.48 -7.81 -7.84
C THR B 111 8.34 -7.25 -6.69
N SER B 112 8.53 -5.92 -6.65
CA SER B 112 9.45 -5.25 -5.70
C SER B 112 8.99 -3.86 -5.23
N LEU B 113 7.70 -3.53 -5.36
CA LEU B 113 7.19 -2.15 -5.13
C LEU B 113 7.59 -1.57 -3.75
N ASN B 114 8.20 -0.39 -3.73
CA ASN B 114 8.85 0.17 -2.55
C ASN B 114 8.88 1.71 -2.52
N VAL B 115 9.27 2.26 -1.36
CA VAL B 115 9.31 3.71 -1.07
C VAL B 115 10.67 4.07 -0.46
N LYS B 116 11.20 5.23 -0.85
CA LYS B 116 12.39 5.88 -0.29
C LYS B 116 12.03 7.09 0.58
N TYR B 117 10.96 7.78 0.22
CA TYR B 117 10.43 9.00 0.83
C TYR B 117 8.93 9.21 0.48
N ASN B 118 8.02 9.04 1.45
CA ASN B 118 6.73 9.73 1.43
C ASN B 118 6.78 11.26 1.16
N ASN B 119 5.63 11.81 0.80
CA ASN B 119 5.33 13.25 0.75
C ASN B 119 3.81 13.44 0.96
N ASP B 120 3.00 13.07 -0.04
CA ASP B 120 1.53 12.92 0.02
C ASP B 120 1.03 11.62 -0.66
N LYS B 121 1.93 10.78 -1.19
CA LYS B 121 1.64 9.66 -2.11
C LYS B 121 1.92 8.27 -1.53
N SER B 122 2.58 8.13 -0.37
CA SER B 122 3.17 6.85 0.07
C SER B 122 3.67 6.87 1.53
N ARG B 123 4.31 5.76 1.94
CA ARG B 123 5.30 5.47 3.01
C ARG B 123 5.66 3.97 3.06
N ASP B 124 6.48 3.61 4.05
CA ASP B 124 7.01 2.27 4.31
C ASP B 124 7.10 2.02 5.82
N TYR B 125 6.74 0.80 6.27
CA TYR B 125 6.70 0.41 7.68
C TYR B 125 7.78 -0.61 8.09
N THR B 126 8.56 -1.13 7.13
CA THR B 126 9.88 -1.71 7.42
C THR B 126 10.86 -0.60 7.79
N ARG B 127 10.71 0.55 7.10
CA ARG B 127 11.25 1.86 7.46
C ARG B 127 10.61 2.42 8.73
N PRO B 128 11.20 3.48 9.31
CA PRO B 128 10.71 4.13 10.53
C PRO B 128 9.23 4.52 10.45
N ASP B 129 8.92 5.20 9.35
CA ASP B 129 7.70 5.99 9.08
C ASP B 129 7.54 6.29 7.60
N LEU B 130 8.57 5.98 6.83
CA LEU B 130 9.59 6.94 6.39
C LEU B 130 9.52 8.44 6.83
N PRO B 131 10.64 9.19 6.69
CA PRO B 131 10.61 10.63 6.51
C PRO B 131 10.25 11.03 5.08
N SER B 132 10.38 12.32 4.80
CA SER B 132 10.24 12.89 3.46
C SER B 132 11.55 13.44 2.87
N GLY B 133 12.67 13.31 3.60
CA GLY B 133 13.99 13.77 3.19
C GLY B 133 15.12 13.12 3.99
N ASP B 134 16.34 13.36 3.52
CA ASP B 134 17.56 12.60 3.85
C ASP B 134 18.08 12.75 5.29
N SER B 135 18.21 13.99 5.79
CA SER B 135 18.97 14.32 7.02
C SER B 135 18.30 15.36 7.93
N GLN B 136 19.05 15.78 8.95
CA GLN B 136 18.69 16.53 10.14
C GLN B 136 19.79 17.58 10.46
N PRO B 137 19.47 18.61 11.27
CA PRO B 137 20.44 19.60 11.76
C PRO B 137 21.32 19.04 12.89
N SER B 138 22.31 19.83 13.29
CA SER B 138 23.42 19.48 14.16
C SER B 138 23.81 20.62 15.09
N LEU B 139 23.08 20.64 16.19
CA LEU B 139 22.86 21.65 17.22
C LEU B 139 24.11 22.04 18.05
N ASP B 140 25.28 21.50 17.69
CA ASP B 140 26.62 21.99 18.05
C ASP B 140 26.97 23.28 17.29
N GLN B 141 26.48 23.35 16.05
CA GLN B 141 26.96 24.23 15.00
C GLN B 141 25.88 24.77 14.04
N THR B 142 24.76 24.04 13.90
CA THR B 142 23.64 24.37 12.98
C THR B 142 22.64 25.28 13.67
N MET B 143 21.81 24.71 14.55
CA MET B 143 20.80 25.47 15.32
C MET B 143 21.37 26.03 16.61
N ALA B 144 22.63 25.73 16.96
CA ALA B 144 23.31 26.03 18.23
C ALA B 144 23.10 27.42 18.88
N ALA B 145 22.77 28.46 18.11
CA ALA B 145 22.37 29.79 18.61
C ALA B 145 21.00 29.79 19.36
N ALA B 146 20.16 28.76 19.14
CA ALA B 146 18.81 28.60 19.68
C ALA B 146 18.47 27.16 20.10
N PHE B 147 18.77 26.15 19.24
CA PHE B 147 18.69 24.69 19.40
C PHE B 147 17.40 24.02 19.95
N GLY B 148 16.39 24.78 20.40
CA GLY B 148 15.10 24.30 20.92
C GLY B 148 13.97 25.31 20.73
N ASP B 22 1.38 -31.09 6.64
CA ASP B 22 1.00 -29.89 5.84
C ASP B 22 0.62 -28.73 6.77
N ALA B 23 0.98 -27.50 6.41
CA ALA B 23 0.67 -26.29 7.19
C ALA B 23 -0.84 -25.94 7.26
N GLY B 24 -1.63 -26.37 6.27
CA GLY B 24 -3.08 -26.16 6.17
C GLY B 24 -3.59 -26.20 4.72
N MET B 25 -4.92 -26.14 4.56
CA MET B 25 -5.58 -26.07 3.25
C MET B 25 -5.48 -24.66 2.63
N ALA B 26 -5.63 -24.48 1.31
CA ALA B 26 -5.87 -25.48 0.25
C ALA B 26 -4.80 -25.49 -0.86
N MET B 27 -3.93 -24.49 -0.93
CA MET B 27 -2.89 -24.33 -1.97
C MET B 27 -1.70 -23.48 -1.48
N ALA B 28 -0.64 -23.42 -2.29
CA ALA B 28 0.42 -22.42 -2.22
C ALA B 28 -0.04 -21.00 -2.62
N GLY B 29 0.90 -20.05 -2.61
CA GLY B 29 0.72 -18.63 -2.89
C GLY B 29 2.08 -18.01 -3.18
N GLN B 30 2.15 -17.11 -4.18
CA GLN B 30 3.45 -16.76 -4.78
C GLN B 30 3.63 -15.36 -5.41
N SER B 31 2.67 -14.46 -5.28
CA SER B 31 2.69 -13.07 -5.79
C SER B 31 2.56 -12.07 -4.62
N PRO B 32 3.66 -11.61 -4.02
CA PRO B 32 3.65 -10.86 -2.75
C PRO B 32 3.22 -9.38 -2.86
N VAL B 33 2.76 -8.87 -4.01
CA VAL B 33 2.40 -7.44 -4.14
C VAL B 33 1.15 -7.19 -5.00
N LEU B 34 0.46 -6.11 -4.67
CA LEU B 34 -0.89 -5.77 -5.04
C LEU B 34 -1.00 -4.41 -5.74
N ARG B 35 -1.71 -4.40 -6.86
CA ARG B 35 -2.72 -3.36 -7.17
C ARG B 35 -3.83 -3.36 -6.12
N ILE B 36 -4.25 -2.17 -5.70
CA ILE B 36 -5.58 -1.92 -5.08
C ILE B 36 -6.20 -0.73 -5.81
N ILE B 37 -7.45 -0.85 -6.21
CA ILE B 37 -8.14 0.11 -7.07
C ILE B 37 -9.58 0.32 -6.56
N VAL B 38 -10.18 1.45 -6.92
CA VAL B 38 -11.59 1.80 -6.68
C VAL B 38 -12.07 1.50 -5.25
N GLU B 39 -11.26 1.91 -4.27
CA GLU B 39 -11.64 2.08 -2.87
C GLU B 39 -12.64 3.22 -2.66
N ASN B 40 -12.92 3.41 -1.38
CA ASN B 40 -14.04 4.11 -0.77
C ASN B 40 -13.50 5.29 0.07
N LEU B 41 -12.27 5.71 -0.25
CA LEU B 41 -11.29 6.41 0.59
C LEU B 41 -10.76 7.68 -0.10
N PHE B 42 -9.87 8.42 0.58
CA PHE B 42 -9.57 9.82 0.24
C PHE B 42 -8.08 10.25 0.26
N TYR B 43 -7.28 9.77 1.22
CA TYR B 43 -5.90 10.25 1.45
C TYR B 43 -5.06 9.19 2.22
N PRO B 44 -3.75 9.43 2.55
CA PRO B 44 -2.92 8.60 3.46
C PRO B 44 -3.46 8.42 4.91
N VAL B 45 -4.53 7.65 4.94
CA VAL B 45 -5.27 6.97 6.01
C VAL B 45 -5.73 5.64 5.45
N THR B 46 -6.15 5.64 4.17
CA THR B 46 -6.12 4.55 3.20
C THR B 46 -5.05 3.55 3.52
N LEU B 47 -3.78 3.92 3.52
CA LEU B 47 -2.73 2.91 3.67
C LEU B 47 -2.58 2.33 5.07
N ASP B 48 -2.89 3.11 6.10
CA ASP B 48 -3.00 2.63 7.47
C ASP B 48 -4.29 1.79 7.70
N VAL B 49 -5.23 1.87 6.77
CA VAL B 49 -6.54 1.20 6.83
C VAL B 49 -6.51 -0.08 6.00
N LEU B 50 -5.88 -0.02 4.84
CA LEU B 50 -5.40 -1.20 4.15
C LEU B 50 -4.51 -2.02 5.08
N HIS B 51 -3.57 -1.41 5.81
CA HIS B 51 -2.78 -2.12 6.82
C HIS B 51 -3.68 -2.78 7.87
N GLN B 52 -4.64 -2.03 8.43
CA GLN B 52 -5.44 -2.51 9.55
C GLN B 52 -6.40 -3.65 9.23
N ILE B 53 -6.91 -3.70 7.99
CA ILE B 53 -7.90 -4.67 7.47
C ILE B 53 -7.24 -5.85 6.76
N PHE B 54 -6.14 -5.62 6.04
CA PHE B 54 -5.37 -6.67 5.36
C PHE B 54 -4.41 -7.39 6.30
N SER B 55 -3.97 -6.77 7.42
CA SER B 55 -3.17 -7.47 8.45
C SER B 55 -4.00 -8.50 9.23
N LYS B 56 -5.33 -8.48 9.07
CA LYS B 56 -6.27 -9.52 9.51
C LYS B 56 -6.06 -10.84 8.75
N PHE B 57 -5.42 -10.77 7.57
CA PHE B 57 -5.11 -11.93 6.72
C PHE B 57 -3.64 -12.35 6.84
N GLY B 58 -2.72 -11.39 6.97
CA GLY B 58 -1.29 -11.64 7.24
C GLY B 58 -0.61 -10.47 7.91
N THR B 59 0.00 -9.57 7.12
CA THR B 59 0.84 -8.48 7.65
C THR B 59 0.75 -7.17 6.87
N VAL B 60 0.66 -7.25 5.54
CA VAL B 60 1.16 -6.23 4.59
C VAL B 60 2.64 -5.85 4.86
N LEU B 61 3.23 -4.97 4.05
CA LEU B 61 4.61 -4.52 4.19
C LEU B 61 4.75 -3.02 3.93
N LYS B 62 4.38 -2.56 2.72
CA LYS B 62 4.68 -1.18 2.33
C LYS B 62 3.81 -0.69 1.19
N ILE B 63 3.35 0.56 1.24
CA ILE B 63 2.15 1.01 0.54
C ILE B 63 2.34 2.37 -0.13
N ILE B 64 1.89 2.46 -1.37
CA ILE B 64 1.73 3.69 -2.17
C ILE B 64 0.23 4.05 -2.23
N THR B 65 -0.12 5.33 -2.32
CA THR B 65 -1.50 5.82 -2.53
C THR B 65 -1.58 6.98 -3.53
N PHE B 66 -2.23 6.76 -4.69
CA PHE B 66 -2.50 7.85 -5.68
C PHE B 66 -3.86 7.79 -6.37
N THR B 67 -4.29 8.94 -6.91
CA THR B 67 -5.38 9.09 -7.87
C THR B 67 -4.83 9.08 -9.30
N LYS B 68 -5.58 8.49 -10.23
CA LYS B 68 -5.26 8.25 -11.65
C LYS B 68 -6.50 8.49 -12.51
N ASN B 69 -6.66 9.69 -13.06
CA ASN B 69 -7.83 10.15 -13.84
C ASN B 69 -9.17 9.57 -13.36
N ASN B 70 -9.64 10.16 -12.24
CA ASN B 70 -10.85 9.84 -11.47
C ASN B 70 -10.85 8.48 -10.73
N GLN B 71 -9.97 7.52 -11.05
CA GLN B 71 -9.76 6.35 -10.18
C GLN B 71 -8.91 6.69 -8.96
N PHE B 72 -9.28 6.11 -7.82
CA PHE B 72 -8.42 6.02 -6.65
C PHE B 72 -7.67 4.67 -6.68
N GLN B 73 -6.43 4.68 -6.18
CA GLN B 73 -5.56 3.52 -6.01
C GLN B 73 -4.82 3.52 -4.68
N ALA B 74 -4.45 2.30 -4.28
CA ALA B 74 -3.24 2.02 -3.54
C ALA B 74 -2.43 0.90 -4.24
N LEU B 75 -1.18 0.74 -3.85
CA LEU B 75 -0.21 -0.17 -4.47
C LEU B 75 0.64 -0.66 -3.31
N LEU B 76 0.48 -1.93 -2.92
CA LEU B 76 1.03 -2.44 -1.65
C LEU B 76 1.80 -3.74 -1.80
N GLN B 77 2.91 -3.85 -1.07
CA GLN B 77 3.62 -5.12 -0.93
C GLN B 77 3.32 -5.77 0.41
N TYR B 78 3.38 -7.09 0.48
CA TYR B 78 3.15 -7.93 1.64
C TYR B 78 4.44 -8.62 2.09
N ALA B 79 4.43 -9.08 3.34
CA ALA B 79 5.36 -10.07 3.86
C ALA B 79 5.32 -11.36 3.06
N ASP B 80 4.16 -12.04 3.11
CA ASP B 80 3.97 -13.39 2.61
C ASP B 80 2.80 -13.44 1.62
N PRO B 81 3.03 -14.05 0.46
CA PRO B 81 2.12 -14.08 -0.67
C PRO B 81 0.90 -14.94 -0.42
N VAL B 82 0.95 -15.96 0.44
CA VAL B 82 -0.16 -16.84 0.80
C VAL B 82 -1.23 -16.08 1.59
N SER B 83 -0.79 -15.24 2.51
CA SER B 83 -1.67 -14.30 3.21
C SER B 83 -2.20 -13.20 2.29
N ALA B 84 -1.43 -12.81 1.27
CA ALA B 84 -1.88 -11.86 0.25
C ALA B 84 -2.90 -12.47 -0.73
N GLN B 85 -2.73 -13.74 -1.10
CA GLN B 85 -3.64 -14.59 -1.85
C GLN B 85 -4.98 -14.65 -1.13
N HIS B 86 -5.01 -15.03 0.17
CA HIS B 86 -6.18 -15.01 1.01
C HIS B 86 -6.90 -13.64 1.07
N ALA B 87 -6.15 -12.55 1.09
CA ALA B 87 -6.70 -11.20 1.06
C ALA B 87 -7.23 -10.77 -0.33
N LYS B 88 -6.78 -11.38 -1.43
CA LYS B 88 -7.23 -11.10 -2.81
C LYS B 88 -8.48 -11.87 -3.10
N LEU B 89 -8.49 -13.16 -2.85
CA LEU B 89 -9.65 -13.97 -2.53
C LEU B 89 -10.80 -13.17 -1.85
N SER B 90 -10.61 -12.82 -0.58
CA SER B 90 -11.64 -12.22 0.28
C SER B 90 -11.96 -10.77 -0.13
N LEU B 91 -10.93 -9.92 -0.19
CA LEU B 91 -11.11 -8.47 -0.37
C LEU B 91 -11.19 -8.08 -1.86
N ASP B 92 -10.79 -8.92 -2.83
CA ASP B 92 -11.29 -8.67 -4.19
C ASP B 92 -12.77 -9.11 -4.31
N GLY B 93 -13.13 -10.20 -3.63
CA GLY B 93 -14.49 -10.75 -3.57
C GLY B 93 -15.56 -9.72 -3.19
N GLN B 94 -15.33 -9.04 -2.06
CA GLN B 94 -16.26 -8.12 -1.39
C GLN B 94 -15.48 -7.16 -0.47
N ASN B 95 -16.16 -6.43 0.41
CA ASN B 95 -15.54 -5.72 1.53
C ASN B 95 -15.18 -6.74 2.65
N ILE B 96 -15.88 -6.68 3.78
CA ILE B 96 -15.62 -7.44 5.01
C ILE B 96 -16.92 -7.75 5.80
N TYR B 97 -17.96 -6.90 5.72
CA TYR B 97 -19.19 -7.08 6.51
C TYR B 97 -20.48 -6.39 6.01
N ASN B 98 -20.37 -5.33 5.20
CA ASN B 98 -21.51 -4.58 4.65
C ASN B 98 -21.26 -4.14 3.19
N ALA B 99 -20.87 -2.88 2.97
CA ALA B 99 -20.64 -2.24 1.67
C ALA B 99 -19.61 -1.07 1.72
N CYS B 100 -19.11 -0.73 2.91
CA CYS B 100 -18.47 0.57 3.20
C CYS B 100 -17.00 0.71 2.72
N CYS B 101 -16.41 -0.38 2.22
CA CYS B 101 -15.00 -0.55 1.88
C CYS B 101 -14.82 -1.67 0.82
N THR B 102 -15.67 -1.72 -0.20
CA THR B 102 -15.60 -2.69 -1.31
C THR B 102 -14.63 -2.16 -2.38
N LEU B 103 -13.42 -2.70 -2.43
CA LEU B 103 -12.39 -2.32 -3.42
C LEU B 103 -12.11 -3.42 -4.45
N ARG B 104 -11.46 -3.05 -5.57
CA ARG B 104 -10.78 -4.00 -6.48
C ARG B 104 -9.36 -4.23 -5.96
N ILE B 105 -8.85 -5.46 -5.95
CA ILE B 105 -7.48 -5.77 -5.51
C ILE B 105 -6.93 -6.98 -6.25
N ASP B 106 -5.76 -6.82 -6.88
CA ASP B 106 -5.12 -7.89 -7.65
C ASP B 106 -3.59 -7.83 -7.68
N PHE B 107 -2.94 -8.88 -8.17
CA PHE B 107 -1.48 -8.90 -8.26
C PHE B 107 -0.94 -7.90 -9.29
N SER B 108 0.18 -7.25 -8.97
CA SER B 108 0.75 -6.13 -9.72
C SER B 108 1.73 -6.53 -10.84
N LYS B 109 1.94 -5.62 -11.80
CA LYS B 109 3.07 -5.57 -12.76
C LYS B 109 4.44 -5.78 -12.11
N LEU B 110 4.73 -5.00 -11.06
CA LEU B 110 6.08 -4.87 -10.51
C LEU B 110 6.55 -6.17 -9.82
N THR B 111 5.63 -6.83 -9.10
CA THR B 111 5.85 -7.91 -8.10
C THR B 111 6.98 -7.60 -7.09
N SER B 112 7.31 -6.31 -6.89
CA SER B 112 8.25 -5.76 -5.89
C SER B 112 8.11 -4.23 -5.85
N LEU B 113 7.26 -3.72 -4.95
CA LEU B 113 7.10 -2.27 -4.76
C LEU B 113 8.25 -1.68 -3.94
N ASN B 114 8.47 -0.36 -4.04
CA ASN B 114 9.47 0.41 -3.32
C ASN B 114 8.91 1.76 -2.85
N VAL B 115 9.44 2.27 -1.73
CA VAL B 115 9.07 3.54 -1.06
C VAL B 115 10.32 4.40 -0.86
N LYS B 116 10.10 5.66 -0.45
CA LYS B 116 11.16 6.62 -0.12
C LYS B 116 10.70 7.68 0.88
N TYR B 117 9.50 8.24 0.67
CA TYR B 117 8.90 9.33 1.42
C TYR B 117 7.38 9.48 1.21
N ASN B 118 6.55 9.30 2.25
CA ASN B 118 5.18 9.88 2.31
C ASN B 118 5.08 11.44 2.30
N ASN B 119 6.01 12.14 1.64
CA ASN B 119 5.91 13.57 1.32
C ASN B 119 4.68 13.85 0.44
N ASP B 120 4.41 12.95 -0.52
CA ASP B 120 3.23 12.96 -1.41
C ASP B 120 2.59 11.57 -1.63
N LYS B 121 3.32 10.47 -1.39
CA LYS B 121 3.07 9.22 -2.14
C LYS B 121 2.97 7.91 -1.35
N SER B 122 3.83 7.63 -0.36
CA SER B 122 4.03 6.24 0.08
C SER B 122 4.75 6.10 1.41
N ARG B 123 4.24 5.27 2.33
CA ARG B 123 5.00 4.83 3.51
C ARG B 123 5.12 3.33 3.71
N ASP B 124 6.09 3.03 4.58
CA ASP B 124 6.53 1.70 5.03
C ASP B 124 6.48 1.61 6.56
N TYR B 125 6.26 0.38 7.07
CA TYR B 125 5.93 0.12 8.48
C TYR B 125 7.04 -0.52 9.33
N THR B 126 8.22 -0.81 8.75
CA THR B 126 9.47 -1.03 9.51
C THR B 126 10.28 0.27 9.66
N ARG B 127 10.15 1.19 8.69
CA ARG B 127 10.50 2.62 8.80
C ARG B 127 9.68 3.37 9.84
N PRO B 128 10.17 4.55 10.29
CA PRO B 128 9.53 5.36 11.35
C PRO B 128 8.06 5.66 11.08
N ASP B 129 7.85 6.17 9.87
CA ASP B 129 6.65 6.87 9.40
C ASP B 129 6.61 6.90 7.87
N LEU B 130 7.69 6.40 7.24
CA LEU B 130 8.72 7.22 6.62
C LEU B 130 8.84 8.73 7.03
N PRO B 131 10.07 9.30 7.00
CA PRO B 131 10.38 10.66 7.43
C PRO B 131 9.48 11.81 6.91
N SER B 132 9.06 11.66 5.66
CA SER B 132 8.50 12.65 4.74
C SER B 132 9.47 13.74 4.26
N GLY B 133 10.74 13.65 4.68
CA GLY B 133 11.89 14.43 4.22
C GLY B 133 13.15 14.11 5.00
N ASP B 134 14.30 14.48 4.46
CA ASP B 134 15.62 13.96 4.83
C ASP B 134 15.92 13.84 6.34
N SER B 135 15.86 14.94 7.09
CA SER B 135 16.01 15.02 8.56
C SER B 135 15.45 16.34 9.12
N GLN B 136 15.44 16.47 10.46
CA GLN B 136 15.07 17.66 11.21
C GLN B 136 16.18 18.03 12.24
N PRO B 137 16.40 19.33 12.54
CA PRO B 137 17.21 19.80 13.64
C PRO B 137 16.46 19.65 14.99
N SER B 138 17.17 19.97 16.08
CA SER B 138 16.77 19.77 17.46
C SER B 138 17.20 20.90 18.38
N LEU B 139 16.33 21.87 18.43
CA LEU B 139 16.40 23.25 18.93
C LEU B 139 16.62 23.40 20.46
N ASP B 140 16.85 22.28 21.15
CA ASP B 140 17.48 22.18 22.47
C ASP B 140 19.00 22.42 22.41
N GLN B 141 19.61 21.99 21.29
CA GLN B 141 21.03 21.72 21.14
C GLN B 141 21.62 22.01 19.75
N THR B 142 20.78 22.06 18.72
CA THR B 142 21.17 22.23 17.30
C THR B 142 21.12 23.69 16.92
N MET B 143 19.90 24.23 16.77
CA MET B 143 19.68 25.63 16.45
C MET B 143 19.51 26.51 17.70
N ALA B 144 19.48 25.92 18.90
CA ALA B 144 19.09 26.54 20.17
C ALA B 144 19.58 27.99 20.47
N ALA B 145 20.76 28.39 19.99
CA ALA B 145 21.26 29.76 20.09
C ALA B 145 20.42 30.83 19.31
N ALA B 146 19.59 30.40 18.36
CA ALA B 146 18.74 31.22 17.50
C ALA B 146 17.31 30.64 17.29
N PHE B 147 17.19 29.32 17.09
CA PHE B 147 16.00 28.46 16.97
C PHE B 147 14.85 28.86 16.01
N GLY B 148 14.85 30.06 15.42
CA GLY B 148 13.88 30.56 14.44
C GLY B 148 14.09 32.03 14.11
N ASP B 22 -11.67 -10.57 -10.36
CA ASP B 22 -12.78 -11.50 -10.07
C ASP B 22 -12.25 -12.84 -9.54
N ALA B 23 -13.02 -13.51 -8.67
CA ALA B 23 -12.69 -14.83 -8.14
C ALA B 23 -12.84 -15.97 -9.17
N GLY B 24 -12.34 -17.17 -8.85
CA GLY B 24 -12.42 -18.38 -9.68
C GLY B 24 -11.38 -19.44 -9.30
N MET B 25 -11.39 -20.58 -10.00
CA MET B 25 -10.46 -21.70 -9.82
C MET B 25 -9.62 -21.91 -11.11
N ALA B 26 -8.70 -20.97 -11.34
CA ALA B 26 -7.80 -20.94 -12.52
C ALA B 26 -6.51 -20.12 -12.32
N MET B 27 -6.50 -19.12 -11.42
CA MET B 27 -5.40 -18.15 -11.29
C MET B 27 -4.10 -18.73 -10.71
N ALA B 28 -3.01 -18.00 -10.94
CA ALA B 28 -1.74 -18.10 -10.23
C ALA B 28 -1.79 -17.57 -8.78
N GLY B 29 -0.62 -17.55 -8.13
CA GLY B 29 -0.39 -17.01 -6.80
C GLY B 29 0.97 -16.36 -6.72
N GLN B 30 1.56 -16.50 -5.53
CA GLN B 30 2.99 -16.64 -5.31
C GLN B 30 3.73 -15.33 -5.59
N SER B 31 2.97 -14.23 -5.53
CA SER B 31 3.34 -12.87 -5.87
C SER B 31 3.16 -11.95 -4.66
N PRO B 32 4.24 -11.54 -3.97
CA PRO B 32 4.18 -10.88 -2.65
C PRO B 32 3.72 -9.40 -2.67
N VAL B 33 3.22 -8.85 -3.78
CA VAL B 33 2.78 -7.43 -3.85
C VAL B 33 1.44 -7.25 -4.57
N LEU B 34 0.71 -6.23 -4.14
CA LEU B 34 -0.72 -6.02 -4.38
C LEU B 34 -1.04 -4.69 -5.08
N ARG B 35 -1.69 -4.80 -6.23
CA ARG B 35 -2.59 -3.80 -6.84
C ARG B 35 -3.91 -3.73 -6.04
N ILE B 36 -4.36 -2.55 -5.61
CA ILE B 36 -5.67 -2.33 -4.99
C ILE B 36 -6.32 -1.14 -5.68
N ILE B 37 -7.62 -1.27 -5.87
CA ILE B 37 -8.46 -0.32 -6.58
C ILE B 37 -9.84 -0.19 -5.92
N VAL B 38 -10.54 0.89 -6.27
CA VAL B 38 -11.91 1.22 -5.86
C VAL B 38 -12.20 1.08 -4.36
N GLU B 39 -11.29 1.65 -3.56
CA GLU B 39 -11.45 1.87 -2.13
C GLU B 39 -12.47 2.98 -1.81
N ASN B 40 -12.49 3.32 -0.53
CA ASN B 40 -13.57 3.95 0.22
C ASN B 40 -13.14 5.31 0.79
N LEU B 41 -11.89 5.69 0.50
CA LEU B 41 -11.01 6.45 1.40
C LEU B 41 -10.06 7.42 0.65
N PHE B 42 -9.22 8.17 1.40
CA PHE B 42 -8.52 9.38 0.93
C PHE B 42 -7.06 9.52 1.41
N TYR B 43 -6.86 9.91 2.67
CA TYR B 43 -5.64 10.57 3.17
C TYR B 43 -4.87 9.70 4.20
N PRO B 44 -3.59 10.00 4.53
CA PRO B 44 -2.82 9.30 5.58
C PRO B 44 -3.62 9.06 6.87
N VAL B 45 -3.84 7.77 7.13
CA VAL B 45 -4.84 7.03 7.94
C VAL B 45 -5.40 5.90 7.10
N THR B 46 -5.71 6.13 5.83
CA THR B 46 -5.89 5.21 4.70
C THR B 46 -4.80 4.18 4.70
N LEU B 47 -3.55 4.64 4.67
CA LEU B 47 -2.35 3.84 4.53
C LEU B 47 -2.28 2.79 5.67
N ASP B 48 -2.47 3.27 6.89
CA ASP B 48 -2.49 2.54 8.16
C ASP B 48 -3.74 1.67 8.32
N VAL B 49 -4.85 2.08 7.70
CA VAL B 49 -6.10 1.32 7.55
C VAL B 49 -5.91 0.18 6.57
N LEU B 50 -5.18 0.42 5.48
CA LEU B 50 -4.81 -0.66 4.57
C LEU B 50 -3.99 -1.74 5.29
N HIS B 51 -3.01 -1.32 6.10
CA HIS B 51 -2.31 -2.20 7.04
C HIS B 51 -3.30 -2.89 7.99
N GLN B 52 -4.22 -2.15 8.64
CA GLN B 52 -5.04 -2.70 9.71
C GLN B 52 -6.05 -3.78 9.26
N ILE B 53 -6.58 -3.64 8.04
CA ILE B 53 -7.59 -4.53 7.43
C ILE B 53 -6.95 -5.72 6.71
N PHE B 54 -5.78 -5.53 6.11
CA PHE B 54 -5.03 -6.60 5.45
C PHE B 54 -4.14 -7.38 6.42
N SER B 55 -3.69 -6.81 7.54
CA SER B 55 -2.95 -7.56 8.58
C SER B 55 -3.83 -8.60 9.31
N LYS B 56 -5.13 -8.60 9.03
CA LYS B 56 -6.10 -9.64 9.40
C LYS B 56 -5.84 -10.94 8.65
N PHE B 57 -5.18 -10.87 7.47
CA PHE B 57 -4.89 -12.03 6.62
C PHE B 57 -3.41 -12.47 6.69
N GLY B 58 -2.46 -11.53 6.77
CA GLY B 58 -1.02 -11.79 6.84
C GLY B 58 -0.20 -10.60 7.34
N THR B 59 0.93 -10.35 6.71
CA THR B 59 1.91 -9.33 7.14
C THR B 59 2.21 -8.40 5.97
N VAL B 60 1.42 -7.34 5.83
CA VAL B 60 1.64 -6.24 4.88
C VAL B 60 2.93 -5.48 5.19
N LEU B 61 3.56 -4.85 4.18
CA LEU B 61 4.91 -4.29 4.26
C LEU B 61 4.97 -2.79 3.94
N LYS B 62 4.63 -2.37 2.71
CA LYS B 62 4.90 -0.98 2.29
C LYS B 62 3.99 -0.50 1.17
N ILE B 63 3.54 0.77 1.22
CA ILE B 63 2.25 1.17 0.65
C ILE B 63 2.33 2.50 -0.12
N ILE B 64 1.79 2.51 -1.32
CA ILE B 64 1.54 3.69 -2.16
C ILE B 64 0.02 3.92 -2.28
N THR B 65 -0.45 5.16 -2.26
CA THR B 65 -1.89 5.51 -2.36
C THR B 65 -2.13 6.73 -3.28
N PHE B 66 -2.62 6.50 -4.50
CA PHE B 66 -2.84 7.56 -5.52
C PHE B 66 -4.21 7.54 -6.23
N THR B 67 -4.45 8.55 -7.08
CA THR B 67 -5.54 8.65 -8.07
C THR B 67 -4.90 8.94 -9.44
N LYS B 68 -4.88 7.94 -10.33
CA LYS B 68 -4.20 8.05 -11.63
C LYS B 68 -4.87 9.00 -12.63
N ASN B 69 -6.21 8.97 -12.68
CA ASN B 69 -7.06 9.89 -13.46
C ASN B 69 -8.43 10.09 -12.78
N ASN B 70 -9.27 9.04 -12.80
CA ASN B 70 -10.68 9.06 -12.36
C ASN B 70 -11.06 7.98 -11.32
N GLN B 71 -10.10 7.14 -10.94
CA GLN B 71 -10.20 6.11 -9.89
C GLN B 71 -9.38 6.45 -8.65
N PHE B 72 -9.58 5.69 -7.58
CA PHE B 72 -8.65 5.63 -6.47
C PHE B 72 -7.93 4.27 -6.48
N GLN B 73 -6.62 4.30 -6.22
CA GLN B 73 -5.70 3.16 -6.17
C GLN B 73 -4.92 3.10 -4.85
N ALA B 74 -4.48 1.89 -4.51
CA ALA B 74 -3.29 1.66 -3.71
C ALA B 74 -2.42 0.53 -4.30
N LEU B 75 -1.18 0.45 -3.85
CA LEU B 75 -0.12 -0.36 -4.42
C LEU B 75 0.81 -0.70 -3.27
N LEU B 76 0.68 -1.93 -2.75
CA LEU B 76 1.22 -2.34 -1.44
C LEU B 76 1.94 -3.69 -1.49
N GLN B 77 3.16 -3.72 -0.98
CA GLN B 77 3.93 -4.95 -0.81
C GLN B 77 3.59 -5.60 0.52
N TYR B 78 3.79 -6.91 0.57
CA TYR B 78 3.47 -7.84 1.62
C TYR B 78 4.67 -8.76 1.89
N ALA B 79 4.61 -9.51 2.98
CA ALA B 79 5.56 -10.56 3.33
C ALA B 79 5.29 -11.83 2.52
N ASP B 80 4.05 -12.33 2.63
CA ASP B 80 3.64 -13.66 2.22
C ASP B 80 2.55 -13.63 1.15
N PRO B 81 2.76 -14.38 0.05
CA PRO B 81 1.80 -14.46 -1.05
C PRO B 81 0.58 -15.32 -0.73
N VAL B 82 0.62 -16.24 0.24
CA VAL B 82 -0.43 -17.21 0.58
C VAL B 82 -1.51 -16.57 1.44
N SER B 83 -1.11 -15.72 2.36
CA SER B 83 -1.96 -14.75 3.04
C SER B 83 -2.47 -13.65 2.10
N ALA B 84 -1.64 -13.21 1.12
CA ALA B 84 -2.10 -12.26 0.10
C ALA B 84 -3.13 -12.88 -0.88
N GLN B 85 -2.98 -14.17 -1.24
CA GLN B 85 -3.98 -15.04 -1.88
C GLN B 85 -5.26 -15.01 -1.06
N HIS B 86 -5.23 -15.36 0.23
CA HIS B 86 -6.35 -15.32 1.14
C HIS B 86 -7.08 -13.96 1.19
N ALA B 87 -6.34 -12.85 1.16
CA ALA B 87 -6.92 -11.51 1.10
C ALA B 87 -7.53 -11.16 -0.27
N LYS B 88 -7.07 -11.77 -1.37
CA LYS B 88 -7.51 -11.48 -2.76
C LYS B 88 -8.75 -12.29 -3.10
N LEU B 89 -8.77 -13.55 -2.75
CA LEU B 89 -9.96 -14.27 -2.34
C LEU B 89 -11.01 -13.37 -1.62
N SER B 90 -10.71 -13.00 -0.38
CA SER B 90 -11.67 -12.42 0.59
C SER B 90 -12.08 -10.98 0.30
N LEU B 91 -11.27 -10.24 -0.47
CA LEU B 91 -11.48 -8.82 -0.76
C LEU B 91 -11.49 -8.50 -2.25
N ASP B 92 -10.93 -9.35 -3.14
CA ASP B 92 -11.29 -9.15 -4.56
C ASP B 92 -12.70 -9.68 -4.84
N GLY B 93 -13.16 -10.68 -4.08
CA GLY B 93 -14.45 -11.32 -4.30
C GLY B 93 -15.66 -10.47 -3.86
N GLN B 94 -15.54 -9.71 -2.77
CA GLN B 94 -16.61 -8.87 -2.20
C GLN B 94 -16.12 -7.79 -1.21
N ASN B 95 -17.04 -6.93 -0.79
CA ASN B 95 -17.00 -6.01 0.36
C ASN B 95 -17.07 -6.76 1.70
N ILE B 96 -17.09 -5.97 2.78
CA ILE B 96 -16.57 -6.35 4.09
C ILE B 96 -17.58 -6.03 5.22
N TYR B 97 -18.36 -4.96 5.06
CA TYR B 97 -19.32 -4.48 6.07
C TYR B 97 -20.63 -4.01 5.42
N ASN B 98 -20.52 -3.04 4.51
CA ASN B 98 -21.57 -2.54 3.63
C ASN B 98 -21.02 -2.42 2.20
N ALA B 99 -21.91 -2.34 1.19
CA ALA B 99 -21.64 -2.10 -0.24
C ALA B 99 -20.99 -0.73 -0.56
N CYS B 100 -20.34 -0.08 0.41
CA CYS B 100 -19.54 1.13 0.29
C CYS B 100 -18.05 0.83 0.60
N CYS B 101 -17.81 -0.03 1.59
CA CYS B 101 -16.54 -0.71 1.93
C CYS B 101 -16.13 -1.78 0.88
N THR B 102 -16.33 -1.51 -0.42
CA THR B 102 -15.95 -2.38 -1.53
C THR B 102 -14.44 -2.32 -1.83
N LEU B 103 -13.93 -3.30 -2.58
CA LEU B 103 -12.57 -3.32 -3.13
C LEU B 103 -12.54 -4.04 -4.48
N ARG B 104 -11.65 -3.62 -5.38
CA ARG B 104 -10.98 -4.51 -6.35
C ARG B 104 -9.53 -4.70 -5.90
N ILE B 105 -8.98 -5.91 -5.94
CA ILE B 105 -7.59 -6.16 -5.50
C ILE B 105 -6.96 -7.34 -6.26
N ASP B 106 -5.70 -7.17 -6.65
CA ASP B 106 -4.96 -8.05 -7.56
C ASP B 106 -3.46 -8.14 -7.21
N PHE B 107 -2.72 -9.06 -7.83
CA PHE B 107 -1.25 -9.05 -7.80
C PHE B 107 -0.71 -8.04 -8.83
N SER B 108 0.25 -7.19 -8.43
CA SER B 108 0.77 -6.12 -9.31
C SER B 108 1.58 -6.62 -10.52
N LYS B 109 1.72 -5.76 -11.53
CA LYS B 109 2.73 -5.82 -12.61
C LYS B 109 4.16 -5.92 -12.07
N LEU B 110 4.48 -5.05 -11.10
CA LEU B 110 5.84 -4.76 -10.64
C LEU B 110 6.48 -5.97 -9.90
N THR B 111 5.68 -6.68 -9.10
CA THR B 111 6.06 -7.73 -8.13
C THR B 111 7.17 -7.30 -7.13
N SER B 112 7.48 -6.01 -7.04
CA SER B 112 8.57 -5.44 -6.22
C SER B 112 8.46 -3.91 -5.98
N LEU B 113 7.24 -3.46 -5.73
CA LEU B 113 6.91 -2.06 -5.47
C LEU B 113 7.61 -1.50 -4.21
N ASN B 114 8.19 -0.30 -4.30
CA ASN B 114 9.07 0.33 -3.29
C ASN B 114 8.79 1.84 -3.12
N VAL B 115 9.36 2.44 -2.07
CA VAL B 115 8.99 3.77 -1.55
C VAL B 115 10.22 4.59 -1.14
N LYS B 116 10.07 5.93 -1.16
CA LYS B 116 11.08 6.90 -0.68
C LYS B 116 10.53 7.94 0.31
N TYR B 117 9.34 8.48 0.05
CA TYR B 117 8.80 9.65 0.74
C TYR B 117 7.26 9.78 0.67
N ASN B 118 6.55 9.78 1.80
CA ASN B 118 5.18 10.33 1.96
C ASN B 118 4.96 11.83 1.62
N ASN B 119 5.86 12.47 0.87
CA ASN B 119 5.75 13.90 0.48
C ASN B 119 4.38 14.28 -0.14
N ASP B 120 3.74 13.36 -0.86
CA ASP B 120 2.34 13.46 -1.31
C ASP B 120 1.57 12.11 -1.27
N LYS B 121 2.26 10.96 -1.15
CA LYS B 121 1.80 9.71 -1.78
C LYS B 121 1.86 8.41 -0.95
N SER B 122 2.91 8.19 -0.15
CA SER B 122 3.37 6.82 0.11
C SER B 122 4.43 6.67 1.22
N ARG B 123 4.21 5.79 2.20
CA ARG B 123 5.22 5.38 3.20
C ARG B 123 5.48 3.88 3.36
N ASP B 124 6.53 3.63 4.13
CA ASP B 124 7.10 2.34 4.53
C ASP B 124 7.13 2.26 6.07
N TYR B 125 6.83 1.07 6.62
CA TYR B 125 6.62 0.86 8.07
C TYR B 125 7.79 0.22 8.82
N THR B 126 8.86 -0.21 8.14
CA THR B 126 10.15 -0.56 8.79
C THR B 126 11.10 0.64 8.85
N ARG B 127 10.94 1.59 7.91
CA ARG B 127 11.40 2.99 7.98
C ARG B 127 10.73 3.77 9.12
N PRO B 128 11.29 4.95 9.49
CA PRO B 128 10.81 5.78 10.59
C PRO B 128 9.32 6.10 10.49
N ASP B 129 8.97 6.58 9.30
CA ASP B 129 7.71 7.24 8.94
C ASP B 129 7.51 7.24 7.42
N LEU B 130 8.54 6.79 6.71
CA LEU B 130 9.45 7.62 5.93
C LEU B 130 9.66 9.13 6.28
N PRO B 131 10.86 9.68 5.98
CA PRO B 131 11.29 11.06 6.26
C PRO B 131 10.31 12.20 5.94
N SER B 132 9.61 12.02 4.82
CA SER B 132 8.84 13.02 4.06
C SER B 132 9.69 13.96 3.18
N GLY B 133 11.02 13.85 3.26
CA GLY B 133 11.98 14.57 2.40
C GLY B 133 12.89 15.54 3.15
N ASP B 134 14.13 15.13 3.42
CA ASP B 134 15.19 16.07 3.85
C ASP B 134 15.57 17.05 2.71
N SER B 135 15.47 16.57 1.47
CA SER B 135 15.47 17.35 0.21
C SER B 135 16.74 18.20 -0.05
N GLN B 136 16.60 19.16 -0.97
CA GLN B 136 17.61 20.03 -1.59
C GLN B 136 17.04 21.47 -1.64
N PRO B 137 17.89 22.50 -1.77
CA PRO B 137 17.46 23.90 -1.79
C PRO B 137 16.78 24.23 -3.13
N SER B 138 15.81 25.12 -3.02
CA SER B 138 14.73 25.37 -3.96
C SER B 138 14.20 26.78 -3.83
N LEU B 139 14.56 27.57 -4.82
CA LEU B 139 14.58 29.04 -4.85
C LEU B 139 13.19 29.69 -5.04
N ASP B 140 12.15 28.88 -5.00
CA ASP B 140 10.75 29.23 -4.76
C ASP B 140 10.53 29.63 -3.29
N GLN B 141 11.26 28.98 -2.38
CA GLN B 141 10.93 28.92 -0.96
C GLN B 141 12.12 28.85 0.01
N THR B 142 13.28 28.40 -0.46
CA THR B 142 14.51 28.19 0.33
C THR B 142 15.36 29.45 0.32
N MET B 143 16.04 29.70 -0.81
CA MET B 143 16.89 30.87 -1.02
C MET B 143 16.07 32.05 -1.54
N ALA B 144 14.80 31.86 -1.92
CA ALA B 144 13.91 32.81 -2.61
C ALA B 144 13.97 34.30 -2.22
N ALA B 145 14.25 34.64 -0.95
CA ALA B 145 14.47 36.01 -0.49
C ALA B 145 15.70 36.72 -1.13
N ALA B 146 16.65 35.95 -1.69
CA ALA B 146 17.89 36.41 -2.33
C ALA B 146 18.26 35.62 -3.61
N PHE B 147 18.04 34.29 -3.64
CA PHE B 147 18.18 33.30 -4.72
C PHE B 147 19.50 33.22 -5.54
N GLY B 148 20.40 34.20 -5.44
CA GLY B 148 21.74 34.24 -6.06
C GLY B 148 22.85 33.86 -5.10
N ASP B 22 -13.61 -17.31 -18.00
CA ASP B 22 -12.29 -17.75 -17.48
C ASP B 22 -11.19 -16.76 -17.89
N ALA B 23 -10.28 -16.43 -16.97
CA ALA B 23 -9.11 -15.58 -17.22
C ALA B 23 -7.90 -16.04 -16.39
N GLY B 24 -6.68 -15.80 -16.90
CA GLY B 24 -5.43 -16.20 -16.24
C GLY B 24 -5.11 -15.42 -14.95
N MET B 25 -5.54 -14.16 -14.87
CA MET B 25 -5.34 -13.29 -13.69
C MET B 25 -6.06 -13.83 -12.44
N ALA B 26 -7.17 -14.56 -12.60
CA ALA B 26 -7.89 -15.22 -11.51
C ALA B 26 -7.17 -16.48 -10.97
N MET B 27 -6.34 -17.14 -11.80
CA MET B 27 -5.59 -18.37 -11.45
C MET B 27 -4.27 -18.13 -10.72
N ALA B 28 -3.73 -16.95 -10.95
CA ALA B 28 -2.46 -16.44 -10.43
C ALA B 28 -2.45 -16.20 -8.90
N GLY B 29 -1.23 -16.02 -8.36
CA GLY B 29 -0.92 -15.67 -6.99
C GLY B 29 0.55 -15.36 -6.91
N GLN B 30 1.09 -15.57 -5.71
CA GLN B 30 2.43 -16.08 -5.46
C GLN B 30 3.51 -15.02 -5.70
N SER B 31 3.06 -13.80 -5.98
CA SER B 31 3.79 -12.56 -6.05
C SER B 31 3.57 -11.77 -4.76
N PRO B 32 4.63 -11.21 -4.15
CA PRO B 32 4.56 -10.56 -2.83
C PRO B 32 3.83 -9.21 -2.81
N VAL B 33 3.37 -8.66 -3.95
CA VAL B 33 2.83 -7.30 -4.03
C VAL B 33 1.52 -7.18 -4.83
N LEU B 34 0.76 -6.15 -4.46
CA LEU B 34 -0.68 -6.01 -4.62
C LEU B 34 -1.07 -4.69 -5.29
N ARG B 35 -1.69 -4.81 -6.46
CA ARG B 35 -2.58 -3.83 -7.08
C ARG B 35 -3.90 -3.71 -6.30
N ILE B 36 -4.30 -2.51 -5.87
CA ILE B 36 -5.65 -2.22 -5.38
C ILE B 36 -6.21 -0.99 -6.09
N ILE B 37 -7.43 -1.11 -6.64
CA ILE B 37 -8.09 -0.05 -7.42
C ILE B 37 -9.53 0.15 -6.89
N VAL B 38 -10.16 1.27 -7.26
CA VAL B 38 -11.55 1.65 -6.98
C VAL B 38 -11.99 1.48 -5.51
N GLU B 39 -11.16 2.03 -4.63
CA GLU B 39 -11.50 2.30 -3.24
C GLU B 39 -12.35 3.58 -3.11
N ASN B 40 -12.60 3.93 -1.86
CA ASN B 40 -13.69 4.76 -1.36
C ASN B 40 -13.10 5.89 -0.47
N LEU B 41 -11.92 6.36 -0.88
CA LEU B 41 -10.88 6.99 -0.05
C LEU B 41 -10.28 8.24 -0.73
N PHE B 42 -9.42 8.98 0.00
CA PHE B 42 -8.93 10.31 -0.41
C PHE B 42 -7.46 10.63 -0.06
N TYR B 43 -6.91 10.10 1.03
CA TYR B 43 -5.62 10.55 1.60
C TYR B 43 -4.85 9.43 2.34
N PRO B 44 -3.53 9.60 2.64
CA PRO B 44 -2.68 8.61 3.30
C PRO B 44 -2.96 8.45 4.81
N VAL B 45 -4.05 7.75 5.03
CA VAL B 45 -4.55 7.09 6.27
C VAL B 45 -5.15 5.75 5.91
N THR B 46 -5.78 5.68 4.73
CA THR B 46 -5.75 4.60 3.75
C THR B 46 -4.62 3.63 4.01
N LEU B 47 -3.36 4.04 3.93
CA LEU B 47 -2.27 3.05 3.98
C LEU B 47 -2.11 2.32 5.31
N ASP B 48 -2.29 3.06 6.40
CA ASP B 48 -2.28 2.54 7.76
C ASP B 48 -3.58 1.77 8.06
N VAL B 49 -4.61 1.96 7.25
CA VAL B 49 -5.93 1.33 7.37
C VAL B 49 -5.98 0.05 6.54
N LEU B 50 -5.40 0.07 5.35
CA LEU B 50 -5.13 -1.14 4.59
C LEU B 50 -4.23 -2.07 5.39
N HIS B 51 -3.23 -1.54 6.12
CA HIS B 51 -2.46 -2.32 7.08
C HIS B 51 -3.37 -2.89 8.18
N GLN B 52 -4.26 -2.09 8.78
CA GLN B 52 -5.06 -2.52 9.92
C GLN B 52 -6.14 -3.58 9.60
N ILE B 53 -6.62 -3.59 8.36
CA ILE B 53 -7.66 -4.48 7.83
C ILE B 53 -7.03 -5.71 7.18
N PHE B 54 -5.89 -5.58 6.50
CA PHE B 54 -5.17 -6.71 5.92
C PHE B 54 -4.28 -7.45 6.94
N SER B 55 -3.95 -6.84 8.09
CA SER B 55 -3.32 -7.58 9.21
C SER B 55 -4.25 -8.63 9.84
N LYS B 56 -5.55 -8.58 9.52
CA LYS B 56 -6.56 -9.58 9.87
C LYS B 56 -6.37 -10.87 9.08
N PHE B 57 -5.65 -10.81 7.94
CA PHE B 57 -5.33 -11.98 7.12
C PHE B 57 -3.86 -12.40 7.25
N GLY B 58 -2.93 -11.44 7.36
CA GLY B 58 -1.49 -11.69 7.48
C GLY B 58 -0.69 -10.46 7.91
N THR B 59 0.23 -10.02 7.04
CA THR B 59 1.21 -8.97 7.34
C THR B 59 1.54 -8.21 6.06
N VAL B 60 0.98 -7.00 5.87
CA VAL B 60 1.46 -6.06 4.84
C VAL B 60 2.88 -5.56 5.21
N LEU B 61 3.54 -4.90 4.26
CA LEU B 61 4.96 -4.56 4.34
C LEU B 61 5.22 -3.09 4.02
N LYS B 62 4.75 -2.63 2.86
CA LYS B 62 5.02 -1.25 2.40
C LYS B 62 4.04 -0.77 1.33
N ILE B 63 3.72 0.52 1.31
CA ILE B 63 2.47 1.04 0.72
C ILE B 63 2.69 2.29 -0.14
N ILE B 64 1.94 2.38 -1.23
CA ILE B 64 1.70 3.56 -2.08
C ILE B 64 0.19 3.82 -2.13
N THR B 65 -0.23 5.09 -2.18
CA THR B 65 -1.63 5.54 -2.25
C THR B 65 -1.79 6.72 -3.23
N PHE B 66 -2.24 6.46 -4.47
CA PHE B 66 -2.43 7.52 -5.49
C PHE B 66 -3.76 7.49 -6.26
N THR B 67 -4.09 8.62 -6.88
CA THR B 67 -5.29 8.83 -7.71
C THR B 67 -4.90 9.05 -9.17
N LYS B 68 -5.67 8.46 -10.10
CA LYS B 68 -5.68 8.68 -11.56
C LYS B 68 -7.09 9.03 -12.03
N ASN B 69 -7.33 9.10 -13.34
CA ASN B 69 -8.63 9.40 -13.98
C ASN B 69 -9.88 8.84 -13.24
N ASN B 70 -10.50 9.68 -12.40
CA ASN B 70 -11.63 9.41 -11.49
C ASN B 70 -11.45 8.22 -10.50
N GLN B 71 -10.29 7.55 -10.48
CA GLN B 71 -10.02 6.35 -9.68
C GLN B 71 -8.97 6.57 -8.61
N PHE B 72 -9.27 6.02 -7.42
CA PHE B 72 -8.36 5.91 -6.30
C PHE B 72 -7.74 4.51 -6.25
N GLN B 73 -6.42 4.45 -6.14
CA GLN B 73 -5.62 3.22 -6.00
C GLN B 73 -4.83 3.19 -4.68
N ALA B 74 -4.54 1.97 -4.23
CA ALA B 74 -3.36 1.67 -3.45
C ALA B 74 -2.52 0.57 -4.13
N LEU B 75 -1.26 0.51 -3.76
CA LEU B 75 -0.24 -0.35 -4.35
C LEU B 75 0.61 -0.74 -3.15
N LEU B 76 0.48 -1.97 -2.70
CA LEU B 76 1.13 -2.41 -1.46
C LEU B 76 1.83 -3.75 -1.55
N GLN B 77 2.87 -3.92 -0.74
CA GLN B 77 3.64 -5.15 -0.68
C GLN B 77 3.36 -5.82 0.65
N TYR B 78 3.38 -7.15 0.66
CA TYR B 78 3.18 -8.01 1.83
C TYR B 78 4.47 -8.76 2.21
N ALA B 79 4.43 -9.34 3.40
CA ALA B 79 5.32 -10.42 3.84
C ALA B 79 5.19 -11.67 2.95
N ASP B 80 3.96 -12.17 2.86
CA ASP B 80 3.60 -13.46 2.30
C ASP B 80 2.45 -13.33 1.29
N PRO B 81 2.66 -13.88 0.08
CA PRO B 81 1.66 -13.91 -0.98
C PRO B 81 0.47 -14.82 -0.63
N VAL B 82 0.60 -15.73 0.34
CA VAL B 82 -0.41 -16.70 0.75
C VAL B 82 -1.47 -16.05 1.65
N SER B 83 -1.05 -15.21 2.60
CA SER B 83 -2.00 -14.35 3.32
C SER B 83 -2.59 -13.27 2.40
N ALA B 84 -1.80 -12.79 1.43
CA ALA B 84 -2.30 -11.88 0.41
C ALA B 84 -3.34 -12.55 -0.49
N GLN B 85 -3.12 -13.80 -0.91
CA GLN B 85 -4.06 -14.66 -1.64
C GLN B 85 -5.37 -14.70 -0.86
N HIS B 86 -5.38 -15.15 0.40
CA HIS B 86 -6.56 -15.22 1.23
C HIS B 86 -7.39 -13.91 1.29
N ALA B 87 -6.72 -12.78 1.46
CA ALA B 87 -7.36 -11.46 1.48
C ALA B 87 -7.91 -11.04 0.12
N LYS B 88 -7.42 -11.54 -1.01
CA LYS B 88 -7.72 -11.05 -2.36
C LYS B 88 -8.65 -12.00 -3.09
N LEU B 89 -8.60 -13.28 -2.78
CA LEU B 89 -9.76 -14.15 -2.68
C LEU B 89 -10.98 -13.42 -2.07
N SER B 90 -10.85 -12.97 -0.82
CA SER B 90 -11.94 -12.34 -0.08
C SER B 90 -12.38 -10.99 -0.66
N LEU B 91 -11.43 -10.17 -1.14
CA LEU B 91 -11.68 -8.79 -1.56
C LEU B 91 -11.76 -8.62 -3.07
N ASP B 92 -11.41 -9.64 -3.86
CA ASP B 92 -12.10 -9.83 -5.16
C ASP B 92 -13.57 -10.21 -4.97
N GLY B 93 -13.81 -11.15 -4.05
CA GLY B 93 -15.13 -11.66 -3.68
C GLY B 93 -16.17 -10.55 -3.52
N GLN B 94 -15.90 -9.60 -2.63
CA GLN B 94 -16.79 -8.54 -2.16
C GLN B 94 -15.99 -7.41 -1.49
N ASN B 95 -16.68 -6.52 -0.76
CA ASN B 95 -16.12 -5.66 0.27
C ASN B 95 -15.48 -6.49 1.42
N ILE B 96 -15.05 -5.79 2.46
CA ILE B 96 -14.77 -6.29 3.82
C ILE B 96 -15.99 -6.98 4.51
N TYR B 97 -17.01 -6.21 4.94
CA TYR B 97 -18.22 -6.67 5.64
C TYR B 97 -19.41 -5.71 5.40
N ASN B 98 -19.27 -4.42 5.72
CA ASN B 98 -20.11 -3.33 5.20
C ASN B 98 -19.49 -2.73 3.93
N ALA B 99 -20.28 -2.20 2.99
CA ALA B 99 -19.86 -1.79 1.64
C ALA B 99 -19.06 -0.47 1.57
N CYS B 100 -18.70 0.09 2.72
CA CYS B 100 -18.31 1.51 2.90
C CYS B 100 -16.84 1.83 2.51
N CYS B 101 -16.02 0.81 2.30
CA CYS B 101 -14.59 0.84 1.97
C CYS B 101 -14.23 -0.33 1.02
N THR B 102 -15.15 -0.69 0.11
CA THR B 102 -14.93 -1.75 -0.90
C THR B 102 -13.80 -1.40 -1.88
N LEU B 103 -13.33 -2.37 -2.67
CA LEU B 103 -12.23 -2.21 -3.64
C LEU B 103 -12.17 -3.34 -4.71
N ARG B 104 -11.35 -3.13 -5.74
CA ARG B 104 -10.94 -4.10 -6.78
C ARG B 104 -9.49 -4.54 -6.58
N ILE B 105 -9.21 -5.81 -6.21
CA ILE B 105 -7.81 -6.25 -6.05
C ILE B 105 -7.19 -6.80 -7.34
N ASP B 106 -5.86 -6.89 -7.38
CA ASP B 106 -5.08 -7.89 -8.13
C ASP B 106 -3.66 -8.06 -7.55
N PHE B 107 -2.87 -9.00 -8.07
CA PHE B 107 -1.41 -9.03 -7.92
C PHE B 107 -0.75 -8.19 -9.02
N SER B 108 0.27 -7.40 -8.66
CA SER B 108 0.91 -6.46 -9.61
C SER B 108 1.76 -7.17 -10.69
N LYS B 109 2.00 -6.49 -11.82
CA LYS B 109 3.00 -6.93 -12.83
C LYS B 109 4.42 -6.97 -12.25
N LEU B 110 4.90 -5.84 -11.69
CA LEU B 110 6.14 -5.79 -10.92
C LEU B 110 5.98 -6.49 -9.54
N THR B 111 7.11 -6.89 -8.95
CA THR B 111 7.18 -7.69 -7.70
C THR B 111 7.97 -7.01 -6.59
N SER B 112 8.19 -5.69 -6.68
CA SER B 112 8.75 -4.86 -5.60
C SER B 112 8.16 -3.44 -5.61
N LEU B 113 7.51 -3.02 -4.52
CA LEU B 113 7.03 -1.66 -4.30
C LEU B 113 7.99 -0.88 -3.38
N ASN B 114 8.83 -0.05 -3.98
CA ASN B 114 10.01 0.55 -3.33
C ASN B 114 9.76 1.85 -2.51
N VAL B 115 8.52 2.36 -2.44
CA VAL B 115 8.09 3.63 -1.77
C VAL B 115 8.90 4.86 -2.16
N LYS B 116 8.45 6.02 -1.66
CA LYS B 116 8.95 7.34 -2.03
C LYS B 116 8.99 8.22 -0.77
N TYR B 117 7.81 8.50 -0.20
CA TYR B 117 7.59 9.50 0.87
C TYR B 117 6.18 9.41 1.50
N ASN B 118 6.09 9.19 2.82
CA ASN B 118 4.90 9.49 3.63
C ASN B 118 4.31 10.90 3.40
N ASN B 119 3.07 11.10 3.87
CA ASN B 119 2.25 12.31 3.81
C ASN B 119 1.95 12.87 2.40
N ASP B 120 2.65 12.42 1.35
CA ASP B 120 2.47 12.86 -0.04
C ASP B 120 2.08 11.71 -0.98
N LYS B 121 2.64 10.50 -0.82
CA LYS B 121 2.31 9.34 -1.67
C LYS B 121 2.42 7.94 -1.05
N SER B 122 3.41 7.66 -0.20
CA SER B 122 3.88 6.27 -0.01
C SER B 122 4.86 6.07 1.14
N ARG B 123 4.43 5.36 2.19
CA ARG B 123 5.31 4.96 3.31
C ARG B 123 5.49 3.46 3.55
N ASP B 124 6.52 3.20 4.35
CA ASP B 124 7.09 1.90 4.65
C ASP B 124 7.27 1.74 6.17
N TYR B 125 6.70 0.66 6.70
CA TYR B 125 6.64 0.39 8.15
C TYR B 125 7.86 -0.36 8.71
N THR B 126 8.78 -0.83 7.85
CA THR B 126 10.12 -1.29 8.24
C THR B 126 11.09 -0.12 8.41
N ARG B 127 10.95 0.90 7.54
CA ARG B 127 11.57 2.22 7.64
C ARG B 127 11.03 3.04 8.82
N PRO B 128 11.69 4.17 9.18
CA PRO B 128 11.38 4.96 10.37
C PRO B 128 9.91 5.34 10.46
N ASP B 129 9.45 5.84 9.31
CA ASP B 129 8.17 6.45 8.94
C ASP B 129 8.12 6.58 7.43
N LEU B 130 9.19 6.15 6.73
CA LEU B 130 10.13 6.90 5.90
C LEU B 130 10.83 8.19 6.42
N PRO B 131 11.89 8.66 5.70
CA PRO B 131 12.59 9.93 5.93
C PRO B 131 11.75 11.19 6.06
N SER B 132 10.63 11.18 5.34
CA SER B 132 9.75 12.31 5.05
C SER B 132 10.42 13.47 4.28
N GLY B 133 11.62 13.24 3.73
CA GLY B 133 12.42 14.18 2.95
C GLY B 133 13.18 15.22 3.79
N ASP B 134 12.50 15.85 4.73
CA ASP B 134 13.05 16.92 5.59
C ASP B 134 13.79 16.43 6.84
N SER B 135 13.60 15.18 7.29
CA SER B 135 14.32 14.60 8.43
C SER B 135 15.71 14.05 8.07
N GLN B 136 16.43 13.55 9.07
CA GLN B 136 17.75 12.92 9.00
C GLN B 136 17.76 11.61 8.17
N PRO B 137 18.98 11.13 7.83
CA PRO B 137 19.28 9.77 7.36
C PRO B 137 18.75 8.63 8.27
N SER B 138 19.11 7.37 7.93
CA SER B 138 18.61 6.14 8.54
C SER B 138 19.72 5.21 9.01
N LEU B 139 20.17 5.53 10.18
CA LEU B 139 21.38 5.12 10.91
C LEU B 139 21.42 3.65 11.35
N ASP B 140 20.43 2.86 10.93
CA ASP B 140 20.43 1.39 10.87
C ASP B 140 21.39 0.87 9.80
N GLN B 141 21.45 1.62 8.68
CA GLN B 141 21.88 1.13 7.38
C GLN B 141 22.48 2.18 6.43
N THR B 142 22.14 3.46 6.65
CA THR B 142 22.61 4.58 5.81
C THR B 142 23.95 5.06 6.31
N MET B 143 23.95 5.70 7.48
CA MET B 143 25.12 6.25 8.13
C MET B 143 25.81 5.19 8.99
N ALA B 144 25.09 4.17 9.41
CA ALA B 144 25.37 3.21 10.49
C ALA B 144 26.86 2.93 10.82
N ALA B 145 27.68 2.51 9.85
CA ALA B 145 29.10 2.22 10.03
C ALA B 145 30.00 3.45 10.33
N ALA B 146 29.47 4.66 10.14
CA ALA B 146 30.12 5.97 10.31
C ALA B 146 29.31 6.98 11.16
N PHE B 147 28.01 6.78 11.43
CA PHE B 147 27.26 7.45 12.49
C PHE B 147 28.03 7.46 13.84
N GLY B 148 28.52 6.29 14.28
CA GLY B 148 29.32 6.10 15.50
C GLY B 148 30.82 6.32 15.27
N ASP B 22 -8.10 -29.34 -15.84
CA ASP B 22 -9.19 -29.51 -16.84
C ASP B 22 -9.27 -28.29 -17.77
N ALA B 23 -9.90 -27.19 -17.34
CA ALA B 23 -9.98 -25.93 -18.09
C ALA B 23 -8.62 -25.21 -18.21
N GLY B 24 -8.54 -24.20 -19.10
CA GLY B 24 -7.34 -23.39 -19.37
C GLY B 24 -7.15 -22.17 -18.44
N MET B 25 -7.91 -22.08 -17.34
CA MET B 25 -7.89 -20.96 -16.38
C MET B 25 -6.51 -20.73 -15.74
N ALA B 26 -5.78 -19.73 -16.23
CA ALA B 26 -4.50 -19.26 -15.70
C ALA B 26 -4.69 -18.41 -14.43
N MET B 27 -4.81 -19.06 -13.27
CA MET B 27 -4.80 -18.41 -11.94
C MET B 27 -3.43 -17.78 -11.63
N ALA B 28 -3.38 -16.90 -10.63
CA ALA B 28 -2.16 -16.21 -10.18
C ALA B 28 -2.12 -15.98 -8.66
N GLY B 29 -0.90 -15.82 -8.14
CA GLY B 29 -0.54 -15.48 -6.78
C GLY B 29 0.97 -15.26 -6.75
N GLN B 30 1.55 -15.49 -5.58
CA GLN B 30 2.85 -16.10 -5.36
C GLN B 30 4.03 -15.14 -5.61
N SER B 31 3.68 -13.92 -5.96
CA SER B 31 4.42 -12.68 -5.90
C SER B 31 3.92 -11.86 -4.71
N PRO B 32 4.80 -11.26 -3.88
CA PRO B 32 4.44 -10.64 -2.61
C PRO B 32 3.68 -9.31 -2.68
N VAL B 33 3.19 -8.84 -3.84
CA VAL B 33 2.68 -7.46 -4.01
C VAL B 33 1.32 -7.36 -4.72
N LEU B 34 0.61 -6.27 -4.41
CA LEU B 34 -0.78 -6.01 -4.71
C LEU B 34 -1.02 -4.68 -5.45
N ARG B 35 -1.76 -4.78 -6.55
CA ARG B 35 -2.45 -3.72 -7.31
C ARG B 35 -3.89 -3.51 -6.77
N ILE B 36 -4.07 -2.62 -5.81
CA ILE B 36 -5.40 -2.24 -5.25
C ILE B 36 -6.01 -1.09 -6.08
N ILE B 37 -7.32 -1.11 -6.34
CA ILE B 37 -7.98 -0.15 -7.23
C ILE B 37 -9.35 0.26 -6.68
N VAL B 38 -9.82 1.43 -7.07
CA VAL B 38 -11.19 1.96 -6.87
C VAL B 38 -11.75 1.75 -5.46
N GLU B 39 -10.93 2.15 -4.49
CA GLU B 39 -11.35 2.37 -3.12
C GLU B 39 -12.13 3.69 -2.98
N ASN B 40 -12.54 3.92 -1.74
CA ASN B 40 -13.61 4.81 -1.33
C ASN B 40 -13.15 5.85 -0.31
N LEU B 41 -11.84 6.05 -0.33
CA LEU B 41 -11.00 6.76 0.64
C LEU B 41 -10.02 7.74 -0.05
N PHE B 42 -9.18 8.46 0.72
CA PHE B 42 -8.79 9.84 0.35
C PHE B 42 -7.28 10.20 0.41
N TYR B 43 -6.55 9.83 1.47
CA TYR B 43 -5.16 10.27 1.72
C TYR B 43 -4.39 9.31 2.65
N PRO B 44 -3.04 9.45 2.85
CA PRO B 44 -2.18 8.61 3.71
C PRO B 44 -2.55 8.45 5.20
N VAL B 45 -3.64 7.75 5.40
CA VAL B 45 -4.26 7.11 6.59
C VAL B 45 -4.95 5.83 6.15
N THR B 46 -5.51 5.85 4.93
CA THR B 46 -5.60 4.77 3.96
C THR B 46 -4.51 3.76 4.18
N LEU B 47 -3.22 4.06 3.99
CA LEU B 47 -2.21 3.01 4.06
C LEU B 47 -2.04 2.35 5.41
N ASP B 48 -2.19 3.11 6.48
CA ASP B 48 -2.19 2.60 7.86
C ASP B 48 -3.47 1.81 8.18
N VAL B 49 -4.51 1.97 7.35
CA VAL B 49 -5.81 1.32 7.46
C VAL B 49 -5.85 0.07 6.58
N LEU B 50 -5.24 0.14 5.41
CA LEU B 50 -4.87 -1.03 4.63
C LEU B 50 -4.01 -1.97 5.49
N HIS B 51 -3.00 -1.44 6.21
CA HIS B 51 -2.20 -2.22 7.14
C HIS B 51 -3.09 -2.85 8.22
N GLN B 52 -4.03 -2.09 8.79
CA GLN B 52 -4.86 -2.58 9.90
C GLN B 52 -5.86 -3.67 9.49
N ILE B 53 -6.48 -3.55 8.31
CA ILE B 53 -7.55 -4.41 7.77
C ILE B 53 -7.00 -5.62 7.02
N PHE B 54 -5.90 -5.47 6.28
CA PHE B 54 -5.24 -6.57 5.58
C PHE B 54 -4.34 -7.38 6.53
N SER B 55 -3.83 -6.82 7.64
CA SER B 55 -3.08 -7.62 8.63
C SER B 55 -3.98 -8.58 9.42
N LYS B 56 -5.31 -8.50 9.23
CA LYS B 56 -6.29 -9.49 9.64
C LYS B 56 -6.11 -10.81 8.89
N PHE B 57 -5.42 -10.78 7.74
CA PHE B 57 -5.12 -11.95 6.91
C PHE B 57 -3.63 -12.36 6.97
N GLY B 58 -2.75 -11.45 7.43
CA GLY B 58 -1.29 -11.59 7.37
C GLY B 58 -0.52 -10.46 8.06
N THR B 59 -0.02 -9.49 7.28
CA THR B 59 0.97 -8.50 7.78
C THR B 59 0.93 -7.16 7.05
N VAL B 60 0.92 -7.18 5.71
CA VAL B 60 1.41 -6.12 4.79
C VAL B 60 2.89 -5.74 5.04
N LEU B 61 3.49 -4.91 4.17
CA LEU B 61 4.90 -4.52 4.21
C LEU B 61 5.12 -3.03 3.92
N LYS B 62 4.73 -2.54 2.74
CA LYS B 62 5.05 -1.17 2.30
C LYS B 62 4.11 -0.68 1.20
N ILE B 63 3.70 0.59 1.25
CA ILE B 63 2.44 1.02 0.61
C ILE B 63 2.57 2.37 -0.10
N ILE B 64 1.96 2.43 -1.29
CA ILE B 64 1.65 3.62 -2.09
C ILE B 64 0.12 3.82 -2.15
N THR B 65 -0.34 5.07 -2.18
CA THR B 65 -1.76 5.47 -2.17
C THR B 65 -2.02 6.70 -3.06
N PHE B 66 -2.46 6.50 -4.31
CA PHE B 66 -2.82 7.61 -5.24
C PHE B 66 -4.19 7.49 -5.92
N THR B 67 -4.90 8.62 -6.04
CA THR B 67 -5.95 8.83 -7.04
C THR B 67 -5.31 8.91 -8.44
N LYS B 68 -5.81 8.12 -9.41
CA LYS B 68 -5.30 8.11 -10.79
C LYS B 68 -6.10 9.07 -11.69
N ASN B 69 -7.39 8.77 -11.91
CA ASN B 69 -8.39 9.66 -12.50
C ASN B 69 -9.78 9.34 -11.96
N ASN B 70 -10.22 10.10 -10.95
CA ASN B 70 -11.38 9.88 -10.07
C ASN B 70 -11.29 8.61 -9.20
N GLN B 71 -10.91 7.48 -9.79
CA GLN B 71 -10.57 6.21 -9.12
C GLN B 71 -9.38 6.36 -8.17
N PHE B 72 -9.52 5.74 -7.00
CA PHE B 72 -8.51 5.73 -5.95
C PHE B 72 -7.81 4.39 -5.90
N GLN B 73 -6.54 4.36 -6.31
CA GLN B 73 -5.73 3.15 -6.32
C GLN B 73 -4.78 3.12 -5.11
N ALA B 74 -4.36 1.93 -4.72
CA ALA B 74 -3.22 1.73 -3.83
C ALA B 74 -2.36 0.58 -4.35
N LEU B 75 -1.14 0.52 -3.87
CA LEU B 75 -0.08 -0.32 -4.43
C LEU B 75 0.74 -0.73 -3.23
N LEU B 76 0.59 -1.98 -2.79
CA LEU B 76 1.16 -2.44 -1.53
C LEU B 76 1.92 -3.74 -1.67
N GLN B 77 3.04 -3.84 -0.96
CA GLN B 77 3.77 -5.09 -0.83
C GLN B 77 3.47 -5.68 0.53
N TYR B 78 3.56 -7.00 0.60
CA TYR B 78 3.17 -7.84 1.72
C TYR B 78 4.35 -8.73 2.14
N ALA B 79 4.29 -9.26 3.35
CA ALA B 79 5.20 -10.33 3.81
C ALA B 79 5.19 -11.52 2.85
N ASP B 80 3.99 -12.09 2.68
CA ASP B 80 3.75 -13.35 2.02
C ASP B 80 2.49 -13.33 1.13
N PRO B 81 2.57 -14.08 0.03
CA PRO B 81 1.56 -14.15 -1.00
C PRO B 81 0.34 -14.99 -0.58
N VAL B 82 0.45 -15.92 0.38
CA VAL B 82 -0.62 -16.84 0.76
C VAL B 82 -1.62 -16.16 1.68
N SER B 83 -1.12 -15.37 2.61
CA SER B 83 -1.90 -14.39 3.37
C SER B 83 -2.48 -13.29 2.48
N ALA B 84 -1.74 -12.84 1.45
CA ALA B 84 -2.28 -11.89 0.49
C ALA B 84 -3.34 -12.50 -0.46
N GLN B 85 -3.25 -13.80 -0.77
CA GLN B 85 -4.22 -14.61 -1.50
C GLN B 85 -5.53 -14.61 -0.72
N HIS B 86 -5.52 -15.00 0.56
CA HIS B 86 -6.67 -14.93 1.45
C HIS B 86 -7.31 -13.52 1.53
N ALA B 87 -6.50 -12.47 1.53
CA ALA B 87 -6.97 -11.10 1.49
C ALA B 87 -7.57 -10.70 0.12
N LYS B 88 -7.21 -11.35 -0.99
CA LYS B 88 -7.65 -11.05 -2.37
C LYS B 88 -8.90 -11.81 -2.73
N LEU B 89 -8.93 -13.10 -2.48
CA LEU B 89 -10.13 -13.84 -2.11
C LEU B 89 -11.22 -12.95 -1.46
N SER B 90 -10.99 -12.52 -0.22
CA SER B 90 -11.96 -11.79 0.59
C SER B 90 -12.25 -10.37 0.04
N LEU B 91 -11.21 -9.56 -0.15
CA LEU B 91 -11.33 -8.14 -0.46
C LEU B 91 -11.30 -7.83 -1.96
N ASP B 92 -10.91 -8.77 -2.84
CA ASP B 92 -11.29 -8.60 -4.26
C ASP B 92 -12.75 -9.05 -4.49
N GLY B 93 -13.18 -10.11 -3.80
CA GLY B 93 -14.49 -10.76 -3.98
C GLY B 93 -15.70 -9.82 -3.75
N GLN B 94 -15.57 -8.94 -2.76
CA GLN B 94 -16.57 -8.00 -2.25
C GLN B 94 -15.86 -6.82 -1.56
N ASN B 95 -16.57 -6.04 -0.74
CA ASN B 95 -15.99 -5.09 0.22
C ASN B 95 -15.39 -5.87 1.41
N ILE B 96 -15.56 -5.39 2.64
CA ILE B 96 -15.25 -6.11 3.89
C ILE B 96 -16.33 -7.16 4.26
N TYR B 97 -17.62 -6.82 4.24
CA TYR B 97 -18.77 -7.70 4.56
C TYR B 97 -20.15 -7.12 4.19
N ASN B 98 -20.29 -5.78 4.25
CA ASN B 98 -21.52 -5.02 4.08
C ASN B 98 -21.75 -4.66 2.57
N ALA B 99 -21.71 -3.37 2.22
CA ALA B 99 -22.02 -2.83 0.89
C ALA B 99 -21.22 -1.56 0.53
N CYS B 100 -20.37 -1.07 1.43
CA CYS B 100 -19.53 0.12 1.28
C CYS B 100 -18.03 -0.26 1.40
N CYS B 101 -17.14 0.60 0.89
CA CYS B 101 -15.71 0.32 0.69
C CYS B 101 -15.46 -0.89 -0.24
N THR B 102 -16.10 -0.87 -1.41
CA THR B 102 -16.00 -1.88 -2.48
C THR B 102 -14.76 -1.69 -3.36
N LEU B 103 -13.62 -2.23 -2.91
CA LEU B 103 -12.35 -2.29 -3.66
C LEU B 103 -12.47 -3.04 -5.01
N ARG B 104 -11.50 -2.87 -5.91
CA ARG B 104 -10.80 -4.05 -6.51
C ARG B 104 -9.42 -4.25 -5.89
N ILE B 105 -8.86 -5.46 -5.97
CA ILE B 105 -7.48 -5.75 -5.56
C ILE B 105 -6.95 -6.99 -6.33
N ASP B 106 -5.77 -6.88 -6.95
CA ASP B 106 -5.16 -7.91 -7.79
C ASP B 106 -3.67 -8.16 -7.49
N PHE B 107 -3.18 -9.35 -7.84
CA PHE B 107 -1.77 -9.71 -7.71
C PHE B 107 -0.92 -9.12 -8.84
N SER B 108 -0.04 -8.18 -8.48
CA SER B 108 1.00 -7.61 -9.37
C SER B 108 0.42 -6.98 -10.67
N LYS B 109 1.18 -6.62 -11.72
CA LYS B 109 2.63 -6.66 -11.99
C LYS B 109 3.47 -5.85 -10.98
N LEU B 110 4.79 -5.87 -11.12
CA LEU B 110 5.82 -5.51 -10.13
C LEU B 110 5.94 -6.62 -9.07
N THR B 111 7.10 -7.29 -9.03
CA THR B 111 7.38 -8.36 -8.04
C THR B 111 7.94 -7.80 -6.71
N SER B 112 8.30 -6.52 -6.68
CA SER B 112 8.50 -5.71 -5.47
C SER B 112 8.04 -4.26 -5.73
N LEU B 113 7.50 -3.61 -4.69
CA LEU B 113 7.23 -2.16 -4.67
C LEU B 113 8.24 -1.45 -3.75
N ASN B 114 8.68 -0.24 -4.11
CA ASN B 114 9.43 0.65 -3.22
C ASN B 114 8.87 2.07 -3.21
N VAL B 115 8.80 2.69 -2.03
CA VAL B 115 8.07 3.95 -1.77
C VAL B 115 8.66 5.18 -2.47
N LYS B 116 7.82 6.22 -2.58
CA LYS B 116 8.04 7.51 -3.24
C LYS B 116 7.98 8.70 -2.27
N TYR B 117 8.30 8.41 -1.01
CA TYR B 117 8.95 9.33 -0.05
C TYR B 117 8.01 10.18 0.81
N ASN B 118 7.30 9.52 1.73
CA ASN B 118 6.63 10.04 2.94
C ASN B 118 6.27 11.54 2.96
N ASN B 119 5.41 11.97 2.04
CA ASN B 119 4.89 13.33 1.91
C ASN B 119 3.38 13.30 1.59
N ASP B 120 3.02 12.88 0.38
CA ASP B 120 1.64 12.91 -0.16
C ASP B 120 1.16 11.57 -0.74
N LYS B 121 2.06 10.59 -0.93
CA LYS B 121 1.80 9.40 -1.77
C LYS B 121 2.13 8.04 -1.15
N SER B 122 3.03 7.91 -0.17
CA SER B 122 3.51 6.61 0.32
C SER B 122 4.34 6.70 1.59
N ARG B 123 4.38 5.64 2.40
CA ARG B 123 5.41 5.35 3.42
C ARG B 123 5.62 3.85 3.66
N ASP B 124 6.69 3.58 4.40
CA ASP B 124 7.27 2.25 4.66
C ASP B 124 7.31 1.94 6.18
N TYR B 125 6.98 0.70 6.55
CA TYR B 125 6.82 0.27 7.94
C TYR B 125 7.98 -0.60 8.50
N THR B 126 8.99 -0.94 7.69
CA THR B 126 10.26 -1.54 8.16
C THR B 126 11.37 -0.48 8.30
N ARG B 127 11.30 0.60 7.51
CA ARG B 127 11.92 1.91 7.74
C ARG B 127 11.36 2.58 9.03
N PRO B 128 11.98 3.68 9.50
CA PRO B 128 11.62 4.32 10.78
C PRO B 128 10.16 4.83 10.85
N ASP B 129 9.69 5.27 9.69
CA ASP B 129 8.63 6.22 9.36
C ASP B 129 8.76 6.56 7.88
N LEU B 130 10.01 6.69 7.40
CA LEU B 130 10.56 6.92 6.08
C LEU B 130 11.08 8.37 5.90
N PRO B 131 12.35 8.57 5.49
CA PRO B 131 13.07 9.85 5.48
C PRO B 131 12.38 11.05 4.84
N SER B 132 11.67 10.75 3.76
CA SER B 132 11.14 11.61 2.71
C SER B 132 12.15 12.20 1.71
N GLY B 133 13.37 11.66 1.69
CA GLY B 133 14.37 11.86 0.64
C GLY B 133 15.39 10.72 0.60
N ASP B 134 16.07 10.58 -0.53
CA ASP B 134 17.11 9.57 -0.76
C ASP B 134 18.45 9.92 -0.09
N SER B 135 18.87 11.18 -0.21
CA SER B 135 20.14 11.72 0.30
C SER B 135 20.16 11.99 1.82
N GLN B 136 21.34 12.34 2.34
CA GLN B 136 21.63 12.74 3.71
C GLN B 136 22.65 13.93 3.69
N PRO B 137 22.65 14.79 4.73
CA PRO B 137 23.60 15.89 4.86
C PRO B 137 24.98 15.42 5.34
N SER B 138 25.93 16.34 5.30
CA SER B 138 27.34 16.20 5.63
C SER B 138 27.91 17.47 6.27
N LEU B 139 27.86 17.43 7.57
CA LEU B 139 27.98 18.46 8.61
C LEU B 139 29.37 19.11 8.74
N ASP B 140 30.29 18.73 7.84
CA ASP B 140 31.57 19.38 7.53
C ASP B 140 31.37 20.66 6.72
N GLN B 141 30.28 20.68 5.94
CA GLN B 141 29.94 21.71 4.95
C GLN B 141 28.44 22.04 4.90
N THR B 142 27.58 21.02 5.05
CA THR B 142 26.14 21.07 4.74
C THR B 142 25.36 21.80 5.82
N MET B 143 25.19 21.15 6.97
CA MET B 143 24.59 21.77 8.15
C MET B 143 25.64 22.52 8.98
N ALA B 144 26.92 22.44 8.63
CA ALA B 144 28.11 22.96 9.34
C ALA B 144 28.02 24.36 9.99
N ALA B 145 27.17 25.26 9.51
CA ALA B 145 26.84 26.53 10.16
C ALA B 145 26.13 26.40 11.53
N ALA B 146 25.53 25.23 11.80
CA ALA B 146 24.77 24.88 13.01
C ALA B 146 24.98 23.42 13.47
N PHE B 147 24.84 22.43 12.57
CA PHE B 147 25.02 20.97 12.68
C PHE B 147 24.42 20.18 13.87
N GLY B 148 23.93 20.83 14.93
CA GLY B 148 23.29 20.22 16.10
C GLY B 148 23.28 21.13 17.33
N ASP B 22 -17.82 -21.08 -16.14
CA ASP B 22 -18.27 -20.61 -14.81
C ASP B 22 -17.06 -20.54 -13.86
N ALA B 23 -16.84 -21.56 -13.02
CA ALA B 23 -15.61 -21.78 -12.26
C ALA B 23 -14.45 -22.26 -13.17
N GLY B 24 -13.27 -22.51 -12.57
CA GLY B 24 -12.13 -23.14 -13.26
C GLY B 24 -11.09 -22.18 -13.86
N MET B 25 -11.11 -20.90 -13.47
CA MET B 25 -10.14 -19.88 -13.92
C MET B 25 -8.69 -20.24 -13.57
N ALA B 26 -8.48 -20.91 -12.42
CA ALA B 26 -7.24 -21.58 -12.00
C ALA B 26 -5.94 -20.74 -12.12
N MET B 27 -6.01 -19.41 -11.94
CA MET B 27 -4.86 -18.52 -11.97
C MET B 27 -3.81 -18.81 -10.88
N ALA B 28 -2.59 -18.32 -11.10
CA ALA B 28 -1.48 -18.43 -10.15
C ALA B 28 -1.62 -17.50 -8.93
N GLY B 29 -0.73 -17.71 -7.94
CA GLY B 29 -0.51 -16.87 -6.77
C GLY B 29 0.88 -16.27 -6.79
N GLN B 30 1.46 -16.22 -5.60
CA GLN B 30 2.89 -16.42 -5.34
C GLN B 30 3.73 -15.18 -5.70
N SER B 31 3.02 -14.10 -6.01
CA SER B 31 3.52 -12.74 -6.14
C SER B 31 3.43 -12.02 -4.78
N PRO B 32 4.52 -11.42 -4.28
CA PRO B 32 4.61 -10.84 -2.93
C PRO B 32 3.94 -9.46 -2.76
N VAL B 33 3.33 -8.86 -3.81
CA VAL B 33 2.75 -7.51 -3.72
C VAL B 33 1.38 -7.38 -4.40
N LEU B 34 0.64 -6.35 -3.95
CA LEU B 34 -0.74 -6.09 -4.29
C LEU B 34 -0.93 -4.80 -5.10
N ARG B 35 -1.68 -4.92 -6.18
CA ARG B 35 -2.53 -3.89 -6.83
C ARG B 35 -3.79 -3.65 -6.00
N ILE B 36 -4.10 -2.42 -5.59
CA ILE B 36 -5.36 -2.08 -4.89
C ILE B 36 -6.03 -0.88 -5.58
N ILE B 37 -7.34 -0.97 -5.77
CA ILE B 37 -8.13 0.02 -6.51
C ILE B 37 -9.51 0.20 -5.85
N VAL B 38 -10.15 1.35 -6.11
CA VAL B 38 -11.54 1.69 -5.69
C VAL B 38 -11.89 1.29 -4.25
N GLU B 39 -11.06 1.77 -3.34
CA GLU B 39 -11.34 1.88 -1.91
C GLU B 39 -12.30 3.06 -1.60
N ASN B 40 -12.56 3.30 -0.30
CA ASN B 40 -13.48 4.32 0.23
C ASN B 40 -12.77 5.58 0.79
N LEU B 41 -11.46 5.68 0.60
CA LEU B 41 -10.50 6.40 1.42
C LEU B 41 -9.40 7.09 0.55
N PHE B 42 -8.64 8.03 1.13
CA PHE B 42 -7.95 9.07 0.33
C PHE B 42 -6.59 9.63 0.83
N TYR B 43 -6.33 9.65 2.13
CA TYR B 43 -5.18 10.36 2.75
C TYR B 43 -4.51 9.54 3.88
N PRO B 44 -3.36 9.94 4.47
CA PRO B 44 -2.61 9.24 5.55
C PRO B 44 -3.36 8.92 6.86
N VAL B 45 -4.28 7.98 6.69
CA VAL B 45 -5.07 7.11 7.57
C VAL B 45 -5.37 5.82 6.80
N THR B 46 -5.63 5.95 5.48
CA THR B 46 -5.61 4.95 4.42
C THR B 46 -4.50 3.98 4.64
N LEU B 47 -3.29 4.49 4.72
CA LEU B 47 -2.06 3.73 4.71
C LEU B 47 -2.07 2.68 5.85
N ASP B 48 -2.34 3.17 7.06
CA ASP B 48 -2.37 2.42 8.30
C ASP B 48 -3.65 1.58 8.43
N VAL B 49 -4.73 1.98 7.77
CA VAL B 49 -5.99 1.24 7.65
C VAL B 49 -5.83 0.08 6.66
N LEU B 50 -5.14 0.29 5.55
CA LEU B 50 -4.80 -0.79 4.64
C LEU B 50 -3.92 -1.82 5.34
N HIS B 51 -2.95 -1.37 6.14
CA HIS B 51 -2.20 -2.24 7.04
C HIS B 51 -3.14 -2.96 8.01
N GLN B 52 -4.04 -2.25 8.70
CA GLN B 52 -4.86 -2.83 9.76
C GLN B 52 -5.80 -3.94 9.25
N ILE B 53 -6.49 -3.70 8.13
CA ILE B 53 -7.49 -4.60 7.52
C ILE B 53 -6.83 -5.79 6.81
N PHE B 54 -5.65 -5.61 6.23
CA PHE B 54 -4.88 -6.69 5.61
C PHE B 54 -4.05 -7.47 6.65
N SER B 55 -3.75 -6.89 7.81
CA SER B 55 -3.12 -7.59 8.95
C SER B 55 -4.04 -8.65 9.57
N LYS B 56 -5.34 -8.60 9.24
CA LYS B 56 -6.34 -9.63 9.52
C LYS B 56 -6.06 -10.93 8.75
N PHE B 57 -5.24 -10.86 7.68
CA PHE B 57 -4.92 -12.00 6.83
C PHE B 57 -3.44 -12.42 6.93
N GLY B 58 -2.51 -11.47 6.95
CA GLY B 58 -1.06 -11.73 6.94
C GLY B 58 -0.18 -10.58 7.43
N THR B 59 1.02 -10.48 6.85
CA THR B 59 2.05 -9.51 7.25
C THR B 59 2.33 -8.60 6.06
N VAL B 60 1.50 -7.57 5.92
CA VAL B 60 1.70 -6.43 4.99
C VAL B 60 3.01 -5.71 5.31
N LEU B 61 3.65 -5.10 4.29
CA LEU B 61 5.00 -4.55 4.37
C LEU B 61 5.01 -3.04 4.11
N LYS B 62 4.58 -2.58 2.93
CA LYS B 62 4.75 -1.15 2.57
C LYS B 62 3.79 -0.68 1.49
N ILE B 63 3.42 0.61 1.50
CA ILE B 63 2.16 1.10 0.93
C ILE B 63 2.37 2.38 0.07
N ILE B 64 2.21 2.30 -1.25
CA ILE B 64 1.95 3.46 -2.12
C ILE B 64 0.44 3.75 -2.15
N THR B 65 0.04 5.01 -2.33
CA THR B 65 -1.35 5.52 -2.30
C THR B 65 -1.58 6.69 -3.26
N PHE B 66 -2.13 6.45 -4.45
CA PHE B 66 -2.45 7.52 -5.43
C PHE B 66 -3.86 7.53 -6.04
N THR B 67 -4.35 8.73 -6.34
CA THR B 67 -5.43 8.98 -7.31
C THR B 67 -4.88 8.97 -8.74
N LYS B 68 -5.60 8.33 -9.67
CA LYS B 68 -5.24 8.16 -11.09
C LYS B 68 -5.92 9.19 -11.99
N ASN B 69 -7.25 9.27 -11.93
CA ASN B 69 -8.08 10.31 -12.55
C ASN B 69 -9.20 10.72 -11.56
N ASN B 70 -10.19 9.86 -11.37
CA ASN B 70 -11.19 9.93 -10.30
C ASN B 70 -11.16 8.71 -9.36
N GLN B 71 -10.57 7.59 -9.78
CA GLN B 71 -10.26 6.44 -8.92
C GLN B 71 -9.11 6.76 -7.97
N PHE B 72 -9.27 6.29 -6.74
CA PHE B 72 -8.20 6.06 -5.81
C PHE B 72 -7.64 4.64 -5.99
N GLN B 73 -6.36 4.51 -5.70
CA GLN B 73 -5.58 3.28 -5.69
C GLN B 73 -4.65 3.23 -4.47
N ALA B 74 -4.25 2.02 -4.12
CA ALA B 74 -3.01 1.75 -3.42
C ALA B 74 -2.24 0.62 -4.10
N LEU B 75 -1.00 0.44 -3.68
CA LEU B 75 -0.03 -0.47 -4.27
C LEU B 75 0.82 -0.89 -3.08
N LEU B 76 0.63 -2.11 -2.58
CA LEU B 76 1.15 -2.54 -1.28
C LEU B 76 1.87 -3.88 -1.28
N GLN B 77 3.13 -3.87 -0.85
CA GLN B 77 3.96 -5.05 -0.71
C GLN B 77 3.66 -5.77 0.61
N TYR B 78 3.85 -7.09 0.61
CA TYR B 78 3.55 -8.04 1.68
C TYR B 78 4.77 -8.94 1.94
N ALA B 79 4.74 -9.66 3.05
CA ALA B 79 5.64 -10.75 3.37
C ALA B 79 5.33 -12.00 2.55
N ASP B 80 4.10 -12.48 2.67
CA ASP B 80 3.66 -13.81 2.24
C ASP B 80 2.52 -13.74 1.20
N PRO B 81 2.68 -14.44 0.07
CA PRO B 81 1.69 -14.48 -0.99
C PRO B 81 0.44 -15.30 -0.63
N VAL B 82 0.50 -16.24 0.32
CA VAL B 82 -0.58 -17.15 0.71
C VAL B 82 -1.60 -16.45 1.61
N SER B 83 -1.11 -15.61 2.52
CA SER B 83 -1.93 -14.67 3.27
C SER B 83 -2.44 -13.53 2.38
N ALA B 84 -1.66 -13.11 1.37
CA ALA B 84 -2.12 -12.15 0.36
C ALA B 84 -3.19 -12.75 -0.59
N GLN B 85 -3.10 -14.05 -0.90
CA GLN B 85 -4.11 -14.86 -1.58
C GLN B 85 -5.40 -14.76 -0.79
N HIS B 86 -5.40 -15.14 0.49
CA HIS B 86 -6.55 -15.04 1.39
C HIS B 86 -7.19 -13.63 1.43
N ALA B 87 -6.39 -12.56 1.44
CA ALA B 87 -6.89 -11.20 1.39
C ALA B 87 -7.49 -10.81 0.02
N LYS B 88 -7.05 -11.43 -1.08
CA LYS B 88 -7.49 -11.17 -2.45
C LYS B 88 -8.73 -11.96 -2.76
N LEU B 89 -8.75 -13.26 -2.56
CA LEU B 89 -9.93 -14.03 -2.22
C LEU B 89 -11.08 -13.20 -1.58
N SER B 90 -10.88 -12.76 -0.33
CA SER B 90 -11.89 -12.04 0.46
C SER B 90 -12.21 -10.67 -0.12
N LEU B 91 -11.20 -9.78 -0.25
CA LEU B 91 -11.39 -8.37 -0.56
C LEU B 91 -11.38 -8.06 -2.06
N ASP B 92 -10.89 -8.96 -2.94
CA ASP B 92 -11.30 -8.88 -4.36
C ASP B 92 -12.76 -9.35 -4.50
N GLY B 93 -13.14 -10.36 -3.70
CA GLY B 93 -14.48 -10.93 -3.57
C GLY B 93 -15.58 -9.88 -3.42
N GLN B 94 -15.43 -9.04 -2.40
CA GLN B 94 -16.45 -8.12 -1.90
C GLN B 94 -15.85 -6.92 -1.14
N ASN B 95 -16.73 -6.03 -0.71
CA ASN B 95 -16.48 -4.78 0.00
C ASN B 95 -15.85 -5.02 1.40
N ILE B 96 -16.71 -5.22 2.39
CA ILE B 96 -16.40 -5.53 3.80
C ILE B 96 -17.54 -6.36 4.40
N TYR B 97 -18.80 -6.00 4.12
CA TYR B 97 -19.99 -6.52 4.82
C TYR B 97 -21.24 -6.74 3.95
N ASN B 98 -21.48 -5.87 2.95
CA ASN B 98 -22.77 -5.69 2.29
C ASN B 98 -22.61 -5.45 0.77
N ALA B 99 -22.69 -4.18 0.34
CA ALA B 99 -22.67 -3.71 -1.05
C ALA B 99 -21.91 -2.37 -1.20
N CYS B 100 -21.14 -1.98 -0.17
CA CYS B 100 -20.43 -0.70 -0.04
C CYS B 100 -19.39 -0.39 -1.15
N CYS B 101 -18.81 0.83 -1.11
CA CYS B 101 -17.89 1.41 -2.10
C CYS B 101 -16.65 0.55 -2.42
N THR B 102 -15.94 0.17 -1.36
CA THR B 102 -14.84 -0.81 -1.22
C THR B 102 -15.10 -2.10 -2.02
N LEU B 103 -14.15 -2.91 -2.47
CA LEU B 103 -12.72 -2.81 -2.79
C LEU B 103 -12.52 -3.50 -4.16
N ARG B 104 -11.49 -3.12 -4.90
CA ARG B 104 -10.85 -3.98 -5.92
C ARG B 104 -9.41 -4.24 -5.53
N ILE B 105 -8.95 -5.49 -5.54
CA ILE B 105 -7.56 -5.82 -5.17
C ILE B 105 -7.08 -7.05 -5.94
N ASP B 106 -5.83 -7.02 -6.37
CA ASP B 106 -5.18 -8.05 -7.19
C ASP B 106 -3.69 -8.21 -6.88
N PHE B 107 -3.04 -9.21 -7.48
CA PHE B 107 -1.59 -9.30 -7.54
C PHE B 107 -1.02 -8.36 -8.61
N SER B 108 0.03 -7.60 -8.26
CA SER B 108 0.64 -6.62 -9.16
C SER B 108 1.58 -7.25 -10.21
N LYS B 109 1.83 -6.52 -11.31
CA LYS B 109 2.91 -6.83 -12.27
C LYS B 109 4.33 -6.62 -11.74
N LEU B 110 4.57 -5.67 -10.82
CA LEU B 110 5.95 -5.28 -10.45
C LEU B 110 6.70 -6.40 -9.70
N THR B 111 6.00 -7.16 -8.85
CA THR B 111 6.53 -8.06 -7.80
C THR B 111 7.54 -7.44 -6.80
N SER B 112 7.72 -6.11 -6.82
CA SER B 112 8.33 -5.34 -5.72
C SER B 112 7.93 -3.87 -5.84
N LEU B 113 7.54 -3.26 -4.72
CA LEU B 113 7.08 -1.87 -4.66
C LEU B 113 8.13 -0.97 -3.99
N ASN B 114 8.90 -0.29 -4.83
CA ASN B 114 9.95 0.68 -4.51
C ASN B 114 9.31 1.97 -3.97
N VAL B 115 9.07 2.07 -2.67
CA VAL B 115 8.42 3.25 -2.06
C VAL B 115 9.34 4.46 -2.12
N LYS B 116 8.92 5.47 -2.89
CA LYS B 116 9.71 6.70 -3.06
C LYS B 116 9.79 7.61 -1.84
N TYR B 117 8.64 7.89 -1.21
CA TYR B 117 8.39 8.83 -0.09
C TYR B 117 6.94 9.36 -0.01
N ASN B 118 6.44 9.51 1.22
CA ASN B 118 5.27 10.27 1.67
C ASN B 118 5.12 11.76 1.24
N ASN B 119 5.93 12.23 0.27
CA ASN B 119 5.86 13.57 -0.32
C ASN B 119 4.42 13.99 -0.67
N ASP B 120 3.66 13.09 -1.30
CA ASP B 120 2.20 13.18 -1.44
C ASP B 120 1.48 11.80 -1.50
N LYS B 121 2.24 10.68 -1.51
CA LYS B 121 1.86 9.49 -2.30
C LYS B 121 2.14 8.12 -1.66
N SER B 122 2.63 8.02 -0.42
CA SER B 122 2.98 6.72 0.18
C SER B 122 3.34 6.82 1.68
N ARG B 123 3.71 5.70 2.30
CA ARG B 123 4.98 5.50 3.04
C ARG B 123 5.39 4.02 3.19
N ASP B 124 6.58 3.85 3.76
CA ASP B 124 7.17 2.58 4.24
C ASP B 124 7.32 2.65 5.77
N TYR B 125 7.48 1.52 6.45
CA TYR B 125 7.33 1.36 7.91
C TYR B 125 8.62 0.99 8.65
N THR B 126 9.65 0.46 7.97
CA THR B 126 11.00 0.28 8.54
C THR B 126 11.80 1.59 8.52
N ARG B 127 11.42 2.49 7.61
CA ARG B 127 11.96 3.83 7.37
C ARG B 127 11.59 4.80 8.51
N PRO B 128 12.23 6.00 8.56
CA PRO B 128 11.95 7.04 9.55
C PRO B 128 10.46 7.38 9.59
N ASP B 129 9.96 7.62 8.39
CA ASP B 129 8.64 8.12 7.98
C ASP B 129 8.46 7.84 6.47
N LEU B 130 9.52 7.35 5.82
CA LEU B 130 10.29 7.99 4.76
C LEU B 130 10.62 9.52 4.84
N PRO B 131 11.66 10.00 4.11
CA PRO B 131 12.17 11.39 4.12
C PRO B 131 11.15 12.51 3.99
N SER B 132 10.10 12.23 3.23
CA SER B 132 9.15 13.13 2.57
C SER B 132 9.74 14.06 1.50
N GLY B 133 11.08 14.10 1.36
CA GLY B 133 11.82 15.00 0.46
C GLY B 133 11.93 16.45 0.95
N ASP B 134 10.87 16.97 1.59
CA ASP B 134 10.78 18.34 2.10
C ASP B 134 11.61 18.56 3.39
N SER B 135 11.84 17.53 4.20
CA SER B 135 12.56 17.60 5.49
C SER B 135 14.07 17.83 5.32
N GLN B 136 14.49 19.10 5.42
CA GLN B 136 15.84 19.68 5.37
C GLN B 136 16.60 19.48 4.02
N PRO B 137 17.53 20.40 3.68
CA PRO B 137 18.47 20.24 2.57
C PRO B 137 19.67 19.35 2.95
N SER B 138 20.52 19.05 1.96
CA SER B 138 21.64 18.12 2.02
C SER B 138 22.83 18.62 1.20
N LEU B 139 23.64 19.36 1.90
CA LEU B 139 24.73 20.27 1.50
C LEU B 139 25.95 19.59 0.82
N ASP B 140 25.86 18.29 0.56
CA ASP B 140 26.66 17.52 -0.41
C ASP B 140 26.25 17.83 -1.85
N GLN B 141 24.95 18.09 -2.05
CA GLN B 141 24.25 17.99 -3.32
C GLN B 141 23.10 19.00 -3.53
N THR B 142 22.57 19.56 -2.45
CA THR B 142 21.42 20.48 -2.45
C THR B 142 21.89 21.92 -2.49
N MET B 143 22.42 22.40 -1.36
CA MET B 143 22.96 23.75 -1.24
C MET B 143 24.45 23.82 -1.60
N ALA B 144 25.12 22.68 -1.81
CA ALA B 144 26.58 22.51 -1.88
C ALA B 144 27.42 23.55 -2.63
N ALA B 145 26.88 24.20 -3.67
CA ALA B 145 27.53 25.33 -4.36
C ALA B 145 27.80 26.57 -3.47
N ALA B 146 27.04 26.72 -2.38
CA ALA B 146 27.16 27.79 -1.38
C ALA B 146 26.99 27.34 0.10
N PHE B 147 26.31 26.21 0.35
CA PHE B 147 26.08 25.51 1.63
C PHE B 147 25.58 26.31 2.85
N GLY B 148 25.24 27.59 2.69
CA GLY B 148 24.61 28.47 3.69
C GLY B 148 24.18 29.83 3.13
N ASP B 22 8.10 -20.68 7.93
CA ASP B 22 6.64 -20.80 8.13
C ASP B 22 6.08 -22.05 7.43
N ALA B 23 4.76 -22.24 7.45
CA ALA B 23 4.04 -23.42 6.93
C ALA B 23 3.05 -23.11 5.78
N GLY B 24 3.05 -21.89 5.23
CA GLY B 24 2.09 -21.42 4.22
C GLY B 24 2.04 -22.25 2.92
N MET B 25 3.12 -22.98 2.60
CA MET B 25 3.24 -23.88 1.44
C MET B 25 2.18 -25.02 1.42
N ALA B 26 1.43 -25.22 2.51
CA ALA B 26 0.20 -26.02 2.53
C ALA B 26 -0.90 -25.52 1.56
N MET B 27 -0.83 -24.27 1.09
CA MET B 27 -1.68 -23.63 0.08
C MET B 27 -0.84 -22.92 -1.00
N ALA B 28 -1.49 -22.55 -2.11
CA ALA B 28 -0.89 -21.79 -3.21
C ALA B 28 -0.68 -20.30 -2.85
N GLY B 29 0.39 -19.70 -3.40
CA GLY B 29 0.73 -18.28 -3.25
C GLY B 29 2.22 -18.00 -3.48
N GLN B 30 2.53 -17.02 -4.35
CA GLN B 30 3.90 -16.85 -4.87
C GLN B 30 4.37 -15.44 -5.31
N SER B 31 3.51 -14.43 -5.27
CA SER B 31 3.75 -13.06 -5.71
C SER B 31 3.33 -12.07 -4.60
N PRO B 32 4.26 -11.62 -3.74
CA PRO B 32 3.94 -11.05 -2.42
C PRO B 32 3.51 -9.58 -2.44
N VAL B 33 2.87 -9.09 -3.52
CA VAL B 33 2.43 -7.68 -3.59
C VAL B 33 1.10 -7.44 -4.28
N LEU B 34 0.46 -6.35 -3.84
CA LEU B 34 -0.90 -6.00 -4.15
C LEU B 34 -1.08 -4.71 -4.93
N ARG B 35 -2.02 -4.81 -5.87
CA ARG B 35 -2.63 -3.83 -6.76
C ARG B 35 -4.04 -3.47 -6.28
N ILE B 36 -4.24 -2.41 -5.50
CA ILE B 36 -5.54 -2.05 -4.89
C ILE B 36 -6.15 -0.82 -5.57
N ILE B 37 -7.37 -0.96 -6.09
CA ILE B 37 -7.95 -0.02 -7.03
C ILE B 37 -9.42 0.24 -6.72
N VAL B 38 -9.93 1.42 -7.08
CA VAL B 38 -11.34 1.81 -6.92
C VAL B 38 -11.91 1.53 -5.52
N GLU B 39 -11.07 1.77 -4.52
CA GLU B 39 -11.44 2.03 -3.14
C GLU B 39 -12.28 3.30 -3.01
N ASN B 40 -12.71 3.50 -1.78
CA ASN B 40 -13.81 4.35 -1.35
C ASN B 40 -13.29 5.44 -0.39
N LEU B 41 -12.06 5.88 -0.66
CA LEU B 41 -11.11 6.52 0.26
C LEU B 41 -10.48 7.79 -0.36
N PHE B 42 -9.64 8.49 0.41
CA PHE B 42 -9.34 9.92 0.16
C PHE B 42 -7.86 10.33 0.25
N TYR B 43 -7.10 9.80 1.20
CA TYR B 43 -5.75 10.29 1.57
C TYR B 43 -4.98 9.28 2.47
N PRO B 44 -3.68 9.49 2.80
CA PRO B 44 -2.85 8.65 3.69
C PRO B 44 -3.35 8.41 5.14
N VAL B 45 -4.43 7.65 5.20
CA VAL B 45 -5.05 6.88 6.30
C VAL B 45 -5.55 5.57 5.71
N THR B 46 -6.08 5.61 4.49
CA THR B 46 -6.07 4.59 3.45
C THR B 46 -4.97 3.58 3.65
N LEU B 47 -3.70 3.99 3.61
CA LEU B 47 -2.62 2.99 3.67
C LEU B 47 -2.50 2.25 4.99
N ASP B 48 -2.72 2.97 6.09
CA ASP B 48 -2.74 2.43 7.45
C ASP B 48 -4.01 1.59 7.70
N VAL B 49 -5.01 1.76 6.83
CA VAL B 49 -6.34 1.12 6.90
C VAL B 49 -6.37 -0.12 6.02
N LEU B 50 -5.77 -0.03 4.84
CA LEU B 50 -5.43 -1.21 4.03
C LEU B 50 -4.52 -2.13 4.86
N HIS B 51 -3.58 -1.58 5.62
CA HIS B 51 -2.83 -2.34 6.62
C HIS B 51 -3.80 -2.98 7.64
N GLN B 52 -4.70 -2.21 8.26
CA GLN B 52 -5.50 -2.71 9.38
C GLN B 52 -6.52 -3.81 9.03
N ILE B 53 -6.97 -3.83 7.77
CA ILE B 53 -7.98 -4.74 7.22
C ILE B 53 -7.32 -5.96 6.54
N PHE B 54 -6.14 -5.77 5.95
CA PHE B 54 -5.35 -6.85 5.36
C PHE B 54 -4.47 -7.56 6.40
N SER B 55 -4.12 -6.92 7.53
CA SER B 55 -3.40 -7.57 8.64
C SER B 55 -4.22 -8.67 9.34
N LYS B 56 -5.52 -8.73 9.02
CA LYS B 56 -6.48 -9.78 9.37
C LYS B 56 -6.18 -11.09 8.63
N PHE B 57 -5.43 -11.01 7.51
CA PHE B 57 -5.03 -12.15 6.69
C PHE B 57 -3.55 -12.53 6.91
N GLY B 58 -2.63 -11.56 6.84
CA GLY B 58 -1.18 -11.77 6.94
C GLY B 58 -0.40 -10.56 7.42
N THR B 59 0.80 -10.37 6.86
CA THR B 59 1.77 -9.34 7.30
C THR B 59 2.13 -8.43 6.13
N VAL B 60 1.40 -7.32 6.01
CA VAL B 60 1.66 -6.26 5.03
C VAL B 60 2.98 -5.54 5.35
N LEU B 61 3.65 -4.99 4.33
CA LEU B 61 4.99 -4.40 4.41
C LEU B 61 5.01 -2.92 4.07
N LYS B 62 4.68 -2.52 2.82
CA LYS B 62 4.87 -1.08 2.44
C LYS B 62 3.99 -0.59 1.32
N ILE B 63 3.56 0.68 1.37
CA ILE B 63 2.30 1.14 0.75
C ILE B 63 2.47 2.44 -0.04
N ILE B 64 1.83 2.50 -1.21
CA ILE B 64 1.63 3.70 -2.04
C ILE B 64 0.13 4.05 -2.06
N THR B 65 -0.21 5.33 -2.24
CA THR B 65 -1.57 5.87 -2.43
C THR B 65 -1.59 7.02 -3.46
N PHE B 66 -1.91 6.73 -4.74
CA PHE B 66 -2.11 7.75 -5.79
C PHE B 66 -3.53 7.84 -6.39
N THR B 67 -3.73 8.82 -7.28
CA THR B 67 -4.99 9.11 -7.99
C THR B 67 -4.67 9.30 -9.48
N LYS B 68 -4.88 8.26 -10.29
CA LYS B 68 -4.40 8.16 -11.69
C LYS B 68 -4.97 9.24 -12.62
N ASN B 69 -6.28 9.49 -12.50
CA ASN B 69 -7.07 10.37 -13.36
C ASN B 69 -8.28 10.93 -12.57
N ASN B 70 -9.30 10.09 -12.40
CA ASN B 70 -10.41 10.20 -11.45
C ASN B 70 -10.53 8.94 -10.55
N GLN B 71 -9.85 7.84 -10.93
CA GLN B 71 -9.61 6.67 -10.07
C GLN B 71 -8.74 7.02 -8.88
N PHE B 72 -8.99 6.33 -7.77
CA PHE B 72 -8.02 6.17 -6.70
C PHE B 72 -7.29 4.82 -6.88
N GLN B 73 -6.07 4.78 -6.38
CA GLN B 73 -5.18 3.63 -6.29
C GLN B 73 -4.46 3.56 -4.94
N ALA B 74 -4.21 2.34 -4.47
CA ALA B 74 -3.11 1.99 -3.60
C ALA B 74 -2.34 0.77 -4.14
N LEU B 75 -1.12 0.58 -3.66
CA LEU B 75 -0.15 -0.39 -4.19
C LEU B 75 0.74 -0.81 -3.01
N LEU B 76 0.75 -2.10 -2.63
CA LEU B 76 1.26 -2.52 -1.32
C LEU B 76 1.96 -3.86 -1.29
N GLN B 77 3.20 -3.85 -0.80
CA GLN B 77 4.03 -5.02 -0.60
C GLN B 77 3.64 -5.74 0.68
N TYR B 78 3.88 -7.04 0.72
CA TYR B 78 3.51 -7.97 1.79
C TYR B 78 4.67 -8.93 2.08
N ALA B 79 4.56 -9.66 3.19
CA ALA B 79 5.44 -10.78 3.55
C ALA B 79 5.02 -12.07 2.85
N ASP B 80 3.80 -12.52 3.13
CA ASP B 80 3.25 -13.84 2.84
C ASP B 80 2.23 -13.83 1.69
N PRO B 81 2.62 -14.32 0.51
CA PRO B 81 1.80 -14.27 -0.69
C PRO B 81 0.58 -15.20 -0.62
N VAL B 82 0.61 -16.25 0.20
CA VAL B 82 -0.50 -17.19 0.45
C VAL B 82 -1.62 -16.52 1.24
N SER B 83 -1.27 -15.69 2.21
CA SER B 83 -2.24 -14.83 2.88
C SER B 83 -2.68 -13.62 2.03
N ALA B 84 -1.84 -13.20 1.07
CA ALA B 84 -2.20 -12.15 0.11
C ALA B 84 -3.15 -12.68 -1.00
N GLN B 85 -2.96 -13.94 -1.42
CA GLN B 85 -3.90 -14.76 -2.18
C GLN B 85 -5.24 -14.74 -1.45
N HIS B 86 -5.30 -15.20 -0.20
CA HIS B 86 -6.49 -15.18 0.65
C HIS B 86 -7.15 -13.79 0.76
N ALA B 87 -6.37 -12.71 0.83
CA ALA B 87 -6.90 -11.35 0.87
C ALA B 87 -7.44 -10.86 -0.50
N LYS B 88 -7.00 -11.45 -1.62
CA LYS B 88 -7.46 -11.10 -2.98
C LYS B 88 -8.69 -11.89 -3.36
N LEU B 89 -8.66 -13.19 -3.18
CA LEU B 89 -9.84 -14.00 -2.88
C LEU B 89 -10.98 -13.23 -2.18
N SER B 90 -10.79 -12.92 -0.89
CA SER B 90 -11.86 -12.44 -0.01
C SER B 90 -12.16 -10.93 -0.15
N LEU B 91 -11.20 -10.11 -0.57
CA LEU B 91 -11.40 -8.66 -0.73
C LEU B 91 -11.42 -8.18 -2.18
N ASP B 92 -10.98 -8.98 -3.17
CA ASP B 92 -11.42 -8.71 -4.56
C ASP B 92 -12.87 -9.18 -4.77
N GLY B 93 -13.23 -10.30 -4.12
CA GLY B 93 -14.53 -10.97 -4.21
C GLY B 93 -15.75 -10.07 -3.93
N GLN B 94 -15.61 -9.23 -2.90
CA GLN B 94 -16.65 -8.44 -2.24
C GLN B 94 -16.03 -7.26 -1.47
N ASN B 95 -16.77 -6.66 -0.53
CA ASN B 95 -16.34 -5.57 0.35
C ASN B 95 -15.18 -5.92 1.32
N ILE B 96 -15.00 -5.08 2.34
CA ILE B 96 -13.84 -4.97 3.21
C ILE B 96 -14.21 -4.93 4.70
N TYR B 97 -15.28 -4.22 5.05
CA TYR B 97 -15.83 -4.17 6.42
C TYR B 97 -17.33 -3.84 6.39
N ASN B 98 -18.08 -4.33 7.40
CA ASN B 98 -19.46 -4.00 7.78
C ASN B 98 -20.50 -3.87 6.63
N ALA B 99 -20.25 -4.51 5.48
CA ALA B 99 -20.97 -4.30 4.21
C ALA B 99 -21.11 -2.81 3.78
N CYS B 100 -20.14 -1.96 4.14
CA CYS B 100 -20.08 -0.54 3.77
C CYS B 100 -19.75 -0.34 2.26
N CYS B 101 -18.49 -0.03 1.91
CA CYS B 101 -18.03 0.09 0.53
C CYS B 101 -16.98 -0.99 0.19
N THR B 102 -16.46 -0.99 -1.04
CA THR B 102 -15.76 -2.14 -1.66
C THR B 102 -14.37 -1.78 -2.25
N LEU B 103 -13.74 -2.75 -2.93
CA LEU B 103 -12.48 -2.63 -3.68
C LEU B 103 -12.59 -3.31 -5.06
N ARG B 104 -11.69 -2.94 -5.99
CA ARG B 104 -10.94 -3.94 -6.77
C ARG B 104 -9.58 -4.19 -6.10
N ILE B 105 -9.11 -5.44 -6.05
CA ILE B 105 -7.74 -5.75 -5.62
C ILE B 105 -7.18 -6.95 -6.39
N ASP B 106 -5.91 -6.88 -6.76
CA ASP B 106 -5.21 -7.92 -7.53
C ASP B 106 -3.75 -8.08 -7.13
N PHE B 107 -3.06 -9.06 -7.71
CA PHE B 107 -1.61 -9.20 -7.64
C PHE B 107 -0.96 -8.31 -8.71
N SER B 108 -0.02 -7.45 -8.30
CA SER B 108 0.61 -6.51 -9.25
C SER B 108 1.48 -7.22 -10.31
N LYS B 109 1.78 -6.52 -11.42
CA LYS B 109 2.87 -6.94 -12.34
C LYS B 109 4.26 -6.91 -11.69
N LEU B 110 4.46 -5.98 -10.76
CA LEU B 110 5.64 -5.86 -9.91
C LEU B 110 5.64 -6.92 -8.78
N THR B 111 6.81 -7.20 -8.22
CA THR B 111 7.00 -8.03 -7.00
C THR B 111 7.87 -7.36 -5.92
N SER B 112 8.36 -6.14 -6.18
CA SER B 112 8.87 -5.18 -5.18
C SER B 112 8.60 -3.76 -5.66
N LEU B 113 7.44 -3.27 -5.25
CA LEU B 113 7.01 -1.87 -5.30
C LEU B 113 7.51 -1.13 -4.05
N ASN B 114 7.97 0.12 -4.20
CA ASN B 114 8.85 0.82 -3.27
C ASN B 114 8.40 2.27 -2.97
N VAL B 115 8.60 2.71 -1.72
CA VAL B 115 8.09 3.97 -1.13
C VAL B 115 8.92 5.20 -1.48
N LYS B 116 8.22 6.29 -1.81
CA LYS B 116 8.70 7.66 -2.10
C LYS B 116 7.85 8.73 -1.40
N TYR B 117 7.86 8.62 -0.07
CA TYR B 117 7.65 9.69 0.94
C TYR B 117 6.18 10.02 1.29
N ASN B 118 5.81 9.81 2.56
CA ASN B 118 4.49 10.04 3.16
C ASN B 118 3.83 11.43 3.02
N ASN B 119 4.58 12.39 2.50
CA ASN B 119 4.12 13.72 2.09
C ASN B 119 3.59 13.73 0.65
N ASP B 120 4.35 13.13 -0.28
CA ASP B 120 3.99 13.04 -1.70
C ASP B 120 2.91 11.98 -1.96
N LYS B 121 3.13 10.74 -1.46
CA LYS B 121 2.53 9.56 -2.12
C LYS B 121 2.40 8.24 -1.33
N SER B 122 3.14 8.01 -0.23
CA SER B 122 3.46 6.62 0.15
C SER B 122 4.27 6.53 1.42
N ARG B 123 4.00 5.55 2.29
CA ARG B 123 4.82 5.26 3.46
C ARG B 123 5.10 3.79 3.76
N ASP B 124 6.07 3.60 4.65
CA ASP B 124 6.76 2.36 4.96
C ASP B 124 6.74 2.09 6.47
N TYR B 125 6.50 0.83 6.87
CA TYR B 125 6.31 0.41 8.27
C TYR B 125 7.48 -0.40 8.87
N THR B 126 8.52 -0.71 8.10
CA THR B 126 9.84 -1.13 8.63
C THR B 126 10.79 0.06 8.83
N ARG B 127 10.59 1.14 8.05
CA ARG B 127 10.94 2.52 8.40
C ARG B 127 10.07 3.03 9.57
N PRO B 128 10.38 4.19 10.18
CA PRO B 128 9.73 4.67 11.42
C PRO B 128 8.23 4.94 11.29
N ASP B 129 7.84 5.34 10.08
CA ASP B 129 6.70 6.15 9.64
C ASP B 129 7.02 6.77 8.27
N LEU B 130 8.33 7.01 8.04
CA LEU B 130 9.06 7.49 6.89
C LEU B 130 9.46 8.98 7.07
N PRO B 131 10.71 9.35 6.71
CA PRO B 131 11.32 10.66 6.95
C PRO B 131 10.46 11.89 6.68
N SER B 132 9.71 11.80 5.58
CA SER B 132 8.96 12.86 4.92
C SER B 132 9.84 13.92 4.22
N GLY B 133 11.17 13.77 4.27
CA GLY B 133 12.16 14.61 3.58
C GLY B 133 13.18 15.25 4.52
N ASP B 134 14.18 14.48 4.95
CA ASP B 134 15.26 14.97 5.79
C ASP B 134 16.26 15.83 4.99
N SER B 135 16.28 17.09 5.40
CA SER B 135 17.12 18.19 4.88
C SER B 135 17.96 18.86 5.98
N GLN B 136 18.84 19.80 5.61
CA GLN B 136 19.74 20.53 6.50
C GLN B 136 19.55 22.05 6.34
N PRO B 137 18.83 22.70 7.28
CA PRO B 137 18.58 24.15 7.33
C PRO B 137 19.84 25.02 7.47
N SER B 138 19.66 26.36 7.41
CA SER B 138 20.76 27.33 7.31
C SER B 138 20.84 28.58 8.16
N LEU B 139 19.74 28.91 8.84
CA LEU B 139 19.57 29.96 9.84
C LEU B 139 20.05 31.33 9.31
N ASP B 140 19.94 32.40 10.10
CA ASP B 140 19.89 33.82 9.65
C ASP B 140 18.67 34.16 8.77
N GLN B 141 18.18 33.14 8.05
CA GLN B 141 17.37 33.22 6.86
C GLN B 141 16.46 31.97 6.69
N THR B 142 16.94 30.75 7.00
CA THR B 142 16.08 29.54 6.99
C THR B 142 15.22 29.47 8.26
N MET B 143 15.80 28.99 9.38
CA MET B 143 15.06 28.78 10.63
C MET B 143 14.98 30.02 11.50
N ALA B 144 15.56 31.16 11.09
CA ALA B 144 15.84 32.34 11.93
C ALA B 144 14.68 32.89 12.81
N ALA B 145 13.41 32.62 12.47
CA ALA B 145 12.25 32.91 13.32
C ALA B 145 12.15 32.04 14.60
N ALA B 146 12.90 30.93 14.68
CA ALA B 146 12.91 29.93 15.75
C ALA B 146 14.32 29.39 16.08
N PHE B 147 15.08 28.92 15.08
CA PHE B 147 16.48 28.44 15.06
C PHE B 147 16.99 27.44 16.13
N GLY B 148 16.23 27.11 17.17
CA GLY B 148 16.55 26.11 18.21
C GLY B 148 16.86 26.69 19.59
#